data_7NKS
#
_entry.id   7NKS
#
_cell.length_a   228.022
_cell.length_b   158.630
_cell.length_c   70.890
_cell.angle_alpha   90.000
_cell.angle_beta   90.000
_cell.angle_gamma   90.000
#
_symmetry.space_group_name_H-M   'P 21 21 2'
#
loop_
_entity.id
_entity.type
_entity.pdbx_description
1 polymer 'Envelope polyprotein'
2 polymer 'Fab HTN-Gn1 heavy chain'
3 polymer 'Fab HTN-Gn1 light chain'
4 branched alpha-D-mannopyranose-(1-3)-[alpha-D-mannopyranose-(1-6)]alpha-D-mannopyranose-(1-6)-[alpha-D-mannopyranose-(1-3)]beta-D-mannopyranose-(1-4)-2-acetamido-2-deoxy-beta-D-glucopyranose-(1-4)-2-acetamido-2-deoxy-beta-D-glucopyranose
5 branched alpha-D-mannopyranose-(1-2)-alpha-D-mannopyranose-(1-3)-[alpha-D-mannopyranose-(1-3)-alpha-D-mannopyranose-(1-6)]beta-D-mannopyranose-(1-4)-2-acetamido-2-deoxy-beta-D-glucopyranose-(1-4)-2-acetamido-2-deoxy-beta-D-glucopyranose
6 non-polymer GLYCEROL
7 non-polymer 2-acetamido-2-deoxy-beta-D-glucopyranose
#
loop_
_entity_poly.entity_id
_entity_poly.type
_entity_poly.pdbx_seq_one_letter_code
_entity_poly.pdbx_strand_id
1 'polypeptide(L)'
;TGSLRNVYDMKIECPHTVSFGENSVIGYVELPPMPLADTAQMVPESSCSMDNHQSINTITKYTQVIWRGKADPGQSSQNS
FETVSTEVDLKGTCVLKHKMVEESYRSRKSITCYDLSCNSTFCKPTLYMIVPIHACNMMKSCLIALGPYRVQVVYERTYC
MTGVLIEGKCFVPDQSVVSIIKHGIFDIASVHVVCFFVAVKGNTYKLFEQVKKSFESTCNDTENKVQGYYICIVGGNSAP
IYVPTLDDFRSMEAFTGIFKSPHGEDHDLAGEEIASYSIVGPANAKVPHSASSDTLSLIAYSGIPSYSSLSILTSSTDAK
HVFSPGLFPKLNHTNCDKSAIPLTWTGMIDLPGYYEGTKHHHHHH
;
B,A
2 'polypeptide(L)'
;TGQSLVESGGDLVKPEGSLTLTCTASGFSFSSTHWICWVRQAPGKGLEWIACIYVGNTYDSYYANWAKGRFTISKTSSTT
VTLQMTTLTAADTATYFCARSGSVFGVVSLWGPGTLVTVSSGQPKAPSVFPLAPCCGDTPSSTVTLGCLVKGYLPEPVTV
TWNSGTLTNGVRTFPSVRQSSGLYSLSSVVSVTSSSQPVTCNVAHPATNTKVDKTVAPSTCSGTKHHHHHH
;
C,H
3 'polypeptide(L)'
;TGQVLTQTPASVSEPVEGTVTIKCQASQSINNWLSWYQQRPGQPPKLLIYDASTVASGVSSRFKGSGSGTEFTLTISDLE
CADAATYACQSYGYGISITDNSAFGGGTEVVVRGDPVAPSVLIFPPAADQVATGTVTIVCVANKYFPDVTVTWEVDGTTQ
TTGIENSKTPQNSADCTYNLSSTLTLTSTQYNSHKEYTCKVTQGTTSVVQSFNRGDC
;
D,L
#
loop_
_chem_comp.id
_chem_comp.type
_chem_comp.name
_chem_comp.formula
BMA D-saccharide, beta linking beta-D-mannopyranose 'C6 H12 O6'
GOL non-polymer GLYCEROL 'C3 H8 O3'
MAN D-saccharide, alpha linking alpha-D-mannopyranose 'C6 H12 O6'
NAG D-saccharide, beta linking 2-acetamido-2-deoxy-beta-D-glucopyranose 'C8 H15 N O6'
#
# COMPACT_ATOMS: atom_id res chain seq x y z
N ARG A 5 35.44 20.58 50.50
CA ARG A 5 36.74 20.16 51.00
C ARG A 5 37.84 20.65 50.06
N ASN A 6 38.90 19.84 49.92
CA ASN A 6 40.06 20.14 49.08
C ASN A 6 40.46 21.62 49.20
N VAL A 7 40.84 21.99 50.42
CA VAL A 7 41.13 23.38 50.72
C VAL A 7 42.38 23.83 49.97
N TYR A 8 42.40 25.10 49.60
CA TYR A 8 43.47 25.70 48.82
C TYR A 8 44.33 26.62 49.69
N ASP A 9 45.55 26.86 49.25
CA ASP A 9 46.56 27.53 50.05
C ASP A 9 46.71 28.98 49.64
N MET A 10 46.84 29.86 50.63
CA MET A 10 47.15 31.27 50.45
C MET A 10 48.49 31.51 51.13
N LYS A 11 49.56 31.54 50.34
CA LYS A 11 50.90 31.71 50.91
C LYS A 11 51.19 33.18 51.17
N ILE A 12 51.76 33.44 52.35
CA ILE A 12 52.20 34.78 52.72
C ILE A 12 53.57 34.65 53.38
N GLU A 13 54.52 35.49 52.96
CA GLU A 13 55.88 35.45 53.47
C GLU A 13 56.14 36.61 54.41
N CYS A 14 56.82 36.33 55.53
CA CYS A 14 57.09 37.34 56.54
C CYS A 14 58.59 37.36 56.83
N PRO A 15 59.20 38.54 56.87
CA PRO A 15 60.62 38.63 57.23
C PRO A 15 60.81 38.62 58.74
N HIS A 16 62.06 38.38 59.15
CA HIS A 16 62.37 38.36 60.58
C HIS A 16 62.33 39.77 61.17
N THR A 17 62.93 40.74 60.49
CA THR A 17 63.01 42.12 60.93
C THR A 17 62.01 42.98 60.18
N VAL A 18 61.37 43.90 60.90
CA VAL A 18 60.31 44.74 60.34
C VAL A 18 60.86 46.16 60.22
N SER A 19 60.62 46.79 59.07
CA SER A 19 61.02 48.17 58.85
C SER A 19 59.84 49.12 58.94
N GLU A 22 55.56 51.41 57.80
CA GLU A 22 54.41 51.65 56.91
C GLU A 22 54.33 50.60 55.80
N ASN A 23 54.45 49.34 56.18
CA ASN A 23 54.54 48.25 55.21
C ASN A 23 53.41 47.26 55.40
N SER A 24 52.97 46.66 54.30
CA SER A 24 51.91 45.66 54.31
C SER A 24 52.33 44.49 53.42
N VAL A 25 51.80 43.31 53.73
CA VAL A 25 52.07 42.11 52.96
C VAL A 25 50.79 41.70 52.23
N ILE A 26 50.97 40.99 51.12
CA ILE A 26 49.85 40.60 50.26
C ILE A 26 50.05 39.17 49.78
N GLY A 27 48.93 38.45 49.63
CA GLY A 27 48.95 37.13 49.04
C GLY A 27 47.79 36.97 48.09
N TYR A 28 47.92 35.97 47.21
CA TYR A 28 46.90 35.71 46.21
C TYR A 28 46.81 34.22 45.94
N VAL A 29 45.67 33.79 45.42
CA VAL A 29 45.44 32.39 45.07
C VAL A 29 44.40 32.34 43.96
N GLU A 30 44.66 31.53 42.94
CA GLU A 30 43.73 31.33 41.84
C GLU A 30 42.90 30.09 42.12
N LEU A 31 41.59 30.25 42.10
CA LEU A 31 40.66 29.19 42.47
C LEU A 31 40.10 28.50 41.23
N PRO A 32 39.66 27.25 41.35
CA PRO A 32 39.08 26.54 40.21
C PRO A 32 37.78 27.19 39.76
N PRO A 33 37.37 26.95 38.51
CA PRO A 33 36.16 27.60 37.99
C PRO A 33 34.91 27.24 38.77
N MET A 34 34.00 28.21 38.87
CA MET A 34 32.71 28.06 39.50
C MET A 34 31.65 28.64 38.59
N PRO A 35 30.39 28.23 38.74
CA PRO A 35 29.32 28.82 37.91
C PRO A 35 29.19 30.31 38.13
N LEU A 36 28.91 31.03 37.04
CA LEU A 36 28.80 32.48 37.09
C LEU A 36 27.60 32.92 37.94
N ALA A 37 26.50 32.17 37.87
CA ALA A 37 25.30 32.54 38.61
C ALA A 37 25.52 32.52 40.11
N ASP A 38 26.43 31.67 40.59
CA ASP A 38 26.67 31.55 42.02
C ASP A 38 27.57 32.65 42.57
N THR A 39 28.16 33.49 41.72
CA THR A 39 29.02 34.57 42.17
C THR A 39 28.24 35.80 42.64
N ALA A 40 26.91 35.82 42.41
CA ALA A 40 26.11 36.95 42.86
C ALA A 40 26.03 36.98 44.39
N GLN A 41 26.20 38.18 44.95
CA GLN A 41 26.17 38.41 46.39
C GLN A 41 27.23 37.58 47.12
N MET A 42 28.25 37.12 46.42
CA MET A 42 29.33 36.36 47.04
C MET A 42 30.33 37.31 47.68
N VAL A 43 30.50 37.19 48.99
CA VAL A 43 31.41 38.05 49.74
C VAL A 43 32.34 37.17 50.57
N PRO A 44 33.60 37.57 50.77
CA PRO A 44 34.48 36.79 51.64
C PRO A 44 34.01 36.91 53.09
N GLU A 45 33.97 35.77 53.78
CA GLU A 45 33.61 35.71 55.19
C GLU A 45 34.84 35.25 55.97
N SER A 46 35.49 36.17 56.65
CA SER A 46 36.76 35.91 57.33
C SER A 46 36.53 35.65 58.81
N SER A 47 37.38 34.79 59.38
CA SER A 47 37.37 34.46 60.80
C SER A 47 38.67 34.82 61.48
N CYS A 48 39.46 35.71 60.89
CA CYS A 48 40.74 36.10 61.45
C CYS A 48 40.55 37.06 62.62
N SER A 49 41.63 37.25 63.38
CA SER A 49 41.62 38.20 64.48
C SER A 49 41.58 39.65 64.01
N MET A 50 41.80 39.89 62.72
CA MET A 50 41.75 41.22 62.13
C MET A 50 40.49 41.31 61.28
N ASP A 51 39.55 42.17 61.69
CA ASP A 51 38.28 42.28 60.99
C ASP A 51 38.48 42.86 59.60
N ASN A 52 37.78 42.29 58.63
CA ASN A 52 37.85 42.77 57.25
C ASN A 52 37.25 44.16 57.14
N HIS A 53 37.80 44.97 56.24
CA HIS A 53 37.30 46.32 56.04
C HIS A 53 35.86 46.28 55.54
N GLN A 54 35.01 47.11 56.13
CA GLN A 54 33.59 47.09 55.81
C GLN A 54 33.30 47.63 54.41
N SER A 55 34.21 48.43 53.84
CA SER A 55 33.96 49.01 52.53
C SER A 55 34.12 48.00 51.40
N ILE A 56 34.87 46.91 51.62
CA ILE A 56 35.02 45.90 50.58
C ILE A 56 33.72 45.17 50.34
N ASN A 57 33.01 44.84 51.43
CA ASN A 57 31.75 44.11 51.33
C ASN A 57 30.59 44.99 50.86
N THR A 58 30.82 46.30 50.71
CA THR A 58 29.77 47.19 50.23
C THR A 58 29.50 46.93 48.76
N ILE A 59 28.41 47.52 48.26
CA ILE A 59 27.95 47.30 46.90
C ILE A 59 28.66 48.28 45.98
N THR A 60 29.26 47.74 44.91
CA THR A 60 29.85 48.54 43.84
C THR A 60 29.13 48.19 42.56
N LYS A 61 28.52 49.21 41.93
CA LYS A 61 27.72 48.98 40.74
C LYS A 61 28.62 48.74 39.54
N TYR A 62 28.42 47.62 38.87
CA TYR A 62 29.19 47.22 37.69
C TYR A 62 28.28 47.21 36.46
N THR A 63 28.91 47.34 35.31
CA THR A 63 28.23 47.13 34.03
C THR A 63 28.55 45.74 33.53
N GLN A 64 27.52 44.93 33.31
CA GLN A 64 27.70 43.57 32.81
C GLN A 64 27.55 43.56 31.30
N VAL A 65 28.63 43.19 30.61
CA VAL A 65 28.64 43.08 29.15
C VAL A 65 28.80 41.62 28.81
N ILE A 66 27.81 41.04 28.10
CA ILE A 66 27.83 39.65 27.72
C ILE A 66 27.61 39.56 26.21
N TRP A 67 28.02 38.43 25.65
CA TRP A 67 27.86 38.16 24.22
C TRP A 67 26.98 36.93 24.04
N ARG A 68 26.19 36.95 22.97
CA ARG A 68 25.29 35.86 22.65
C ARG A 68 25.05 35.83 21.15
N GLY A 69 24.73 34.64 20.63
CA GLY A 69 24.38 34.54 19.23
C GLY A 69 23.14 35.35 18.90
N LYS A 70 23.14 35.91 17.69
CA LYS A 70 22.06 36.81 17.28
C LYS A 70 20.71 36.08 17.33
N ALA A 71 19.72 36.76 17.91
CA ALA A 71 18.41 36.16 18.08
C ALA A 71 17.62 36.13 16.77
N ASP A 72 17.91 37.04 15.86
CA ASP A 72 17.13 37.16 14.64
C ASP A 72 17.38 35.98 13.72
N PRO A 73 16.35 35.22 13.34
CA PRO A 73 16.55 34.12 12.39
C PRO A 73 16.97 34.63 11.03
N GLY A 74 17.72 33.78 10.32
CA GLY A 74 18.30 34.17 9.04
C GLY A 74 19.68 34.77 9.19
N GLN A 75 19.79 35.82 10.01
CA GLN A 75 21.10 36.35 10.36
C GLN A 75 21.80 35.46 11.39
N SER A 76 21.03 34.75 12.23
CA SER A 76 21.62 33.79 13.15
C SER A 76 22.27 32.62 12.40
N SER A 77 21.78 32.32 11.19
CA SER A 77 22.41 31.30 10.36
C SER A 77 23.82 31.71 9.94
N GLN A 78 24.16 32.99 10.00
CA GLN A 78 25.49 33.48 9.71
C GLN A 78 26.35 33.61 10.97
N ASN A 79 26.02 32.85 12.00
CA ASN A 79 26.76 32.81 13.28
C ASN A 79 27.25 34.18 13.72
N SER A 80 26.35 35.17 13.63
CA SER A 80 26.64 36.48 14.16
C SER A 80 26.18 36.57 15.61
N PHE A 81 26.86 37.42 16.38
CA PHE A 81 26.58 37.56 17.80
C PHE A 81 26.45 39.02 18.17
N GLU A 82 25.65 39.28 19.20
CA GLU A 82 25.38 40.64 19.69
C GLU A 82 25.80 40.74 21.15
N THR A 83 25.88 41.98 21.64
CA THR A 83 26.28 42.26 23.01
C THR A 83 25.16 43.00 23.75
N VAL A 84 25.02 42.67 25.03
CA VAL A 84 24.00 43.26 25.90
C VAL A 84 24.69 43.86 27.12
N SER A 85 24.34 45.10 27.44
CA SER A 85 24.92 45.82 28.58
C SER A 85 23.83 46.07 29.61
N THR A 86 24.14 45.75 30.88
CA THR A 86 23.19 45.87 31.97
C THR A 86 23.90 46.30 33.23
N GLU A 87 23.12 46.82 34.18
CA GLU A 87 23.64 47.24 35.49
C GLU A 87 23.50 46.10 36.48
N VAL A 88 24.60 45.78 37.16
CA VAL A 88 24.61 44.73 38.17
C VAL A 88 25.33 45.26 39.42
N ASP A 89 25.07 44.60 40.54
CA ASP A 89 25.69 44.93 41.82
C ASP A 89 26.66 43.82 42.21
N LEU A 90 27.94 44.17 42.37
CA LEU A 90 28.97 43.22 42.73
C LEU A 90 29.59 43.65 44.06
N LYS A 91 29.68 42.71 45.00
CA LYS A 91 30.29 42.95 46.31
C LYS A 91 31.51 42.06 46.47
N GLY A 92 32.48 42.58 47.22
CA GLY A 92 33.70 41.85 47.50
C GLY A 92 34.78 41.96 46.45
N THR A 93 34.51 42.63 45.32
CA THR A 93 35.52 42.80 44.30
C THR A 93 36.59 43.78 44.78
N CYS A 94 37.77 43.68 44.15
CA CYS A 94 38.93 44.47 44.57
C CYS A 94 38.78 45.90 44.05
N VAL A 95 37.81 46.61 44.63
CA VAL A 95 37.63 48.03 44.36
C VAL A 95 38.04 48.81 45.60
N LEU A 96 39.29 49.23 45.64
CA LEU A 96 39.82 49.96 46.80
C LEU A 96 39.53 51.44 46.67
N LYS A 97 39.50 52.12 47.81
CA LYS A 97 39.27 53.55 47.87
C LYS A 97 40.57 54.27 48.22
N HIS A 98 40.51 55.59 48.17
CA HIS A 98 41.69 56.41 48.46
C HIS A 98 42.11 56.25 49.92
N LYS A 99 43.40 56.01 50.13
CA LYS A 99 44.00 55.87 51.46
C LYS A 99 43.37 54.73 52.26
N MET A 100 42.79 53.74 51.58
CA MET A 100 42.19 52.62 52.30
C MET A 100 43.25 51.70 52.89
N VAL A 101 44.36 51.50 52.17
CA VAL A 101 45.41 50.61 52.64
C VAL A 101 46.05 51.15 53.91
N GLU A 102 46.35 52.45 53.94
CA GLU A 102 46.98 53.04 55.12
C GLU A 102 46.04 53.03 56.33
N GLU A 103 44.76 53.35 56.10
CA GLU A 103 43.80 53.32 57.20
C GLU A 103 43.61 51.90 57.74
N SER A 104 43.61 50.91 56.84
CA SER A 104 43.55 49.52 57.29
C SER A 104 44.81 49.15 58.07
N TYR A 105 45.96 49.67 57.65
CA TYR A 105 47.21 49.41 58.36
C TYR A 105 47.16 49.97 59.78
N ARG A 106 46.67 51.20 59.93
CA ARG A 106 46.61 51.83 61.25
C ARG A 106 45.45 51.33 62.10
N SER A 107 44.45 50.69 61.50
CA SER A 107 43.29 50.20 62.23
C SER A 107 43.34 48.71 62.50
N ARG A 108 44.44 48.03 62.16
CA ARG A 108 44.59 46.59 62.35
C ARG A 108 43.47 45.82 61.65
N LYS A 109 43.07 46.30 60.48
CA LYS A 109 41.97 45.71 59.72
C LYS A 109 42.50 45.17 58.39
N SER A 110 42.00 44.00 58.01
CA SER A 110 42.43 43.35 56.78
C SER A 110 41.58 43.80 55.60
N ILE A 111 42.13 43.62 54.40
CA ILE A 111 41.44 43.92 53.15
C ILE A 111 41.39 42.62 52.35
N THR A 112 40.24 41.97 52.34
CA THR A 112 40.05 40.70 51.64
C THR A 112 39.08 40.92 50.48
N CYS A 113 39.59 40.80 49.26
CA CYS A 113 38.79 40.98 48.05
C CYS A 113 39.20 39.94 47.01
N TYR A 114 38.39 39.80 45.98
CA TYR A 114 38.62 38.81 44.94
C TYR A 114 38.46 39.42 43.55
N ASP A 115 39.28 38.96 42.61
CA ASP A 115 39.16 39.28 41.20
C ASP A 115 38.56 38.09 40.46
N LEU A 116 37.72 38.39 39.47
CA LEU A 116 36.97 37.35 38.76
C LEU A 116 37.47 37.24 37.32
N SER A 117 37.78 36.01 36.92
CA SER A 117 38.15 35.67 35.54
C SER A 117 37.04 34.78 35.00
N CYS A 118 36.27 35.28 34.06
CA CYS A 118 35.04 34.61 33.64
C CYS A 118 34.95 34.51 32.13
N ASN A 119 34.47 33.36 31.65
CA ASN A 119 33.91 33.24 30.31
C ASN A 119 32.39 33.44 30.42
N SER A 120 31.67 33.08 29.36
CA SER A 120 30.23 33.33 29.32
C SER A 120 29.47 32.61 30.42
N THR A 121 30.01 31.54 31.00
CA THR A 121 29.22 30.73 31.93
C THR A 121 29.92 30.43 33.26
N PHE A 122 31.25 30.44 33.28
CA PHE A 122 32.00 30.06 34.48
C PHE A 122 33.01 31.14 34.84
N CYS A 123 33.39 31.15 36.11
CA CYS A 123 34.27 32.17 36.66
C CYS A 123 35.42 31.54 37.44
N LYS A 124 36.62 32.08 37.25
CA LYS A 124 37.79 31.71 38.05
C LYS A 124 38.11 32.85 39.01
N PRO A 125 37.78 32.72 40.29
CA PRO A 125 38.06 33.81 41.23
C PRO A 125 39.49 33.75 41.75
N THR A 126 40.08 34.93 41.92
CA THR A 126 41.43 35.08 42.48
C THR A 126 41.31 35.90 43.76
N LEU A 127 41.41 35.24 44.91
CA LEU A 127 41.22 35.90 46.18
C LEU A 127 42.49 36.60 46.62
N TYR A 128 42.36 37.84 47.08
CA TYR A 128 43.48 38.63 47.57
C TYR A 128 43.25 39.00 49.03
N MET A 129 44.34 39.07 49.79
CA MET A 129 44.30 39.52 51.17
C MET A 129 45.50 40.40 51.43
N ILE A 130 45.27 41.63 51.87
CA ILE A 130 46.31 42.56 52.26
C ILE A 130 46.23 42.79 53.76
N VAL A 131 47.28 42.41 54.47
CA VAL A 131 47.32 42.56 55.93
C VAL A 131 48.62 43.27 56.31
N PRO A 132 48.61 44.05 57.39
CA PRO A 132 49.87 44.63 57.89
C PRO A 132 50.79 43.55 58.42
N ILE A 133 52.09 43.88 58.45
CA ILE A 133 53.08 42.97 59.00
C ILE A 133 52.88 42.73 60.49
N HIS A 134 51.99 43.48 61.14
CA HIS A 134 51.70 43.26 62.55
C HIS A 134 51.14 41.87 62.81
N ALA A 135 50.60 41.21 61.79
CA ALA A 135 50.14 39.84 61.90
C ALA A 135 51.23 38.82 61.60
N CYS A 136 52.44 39.27 61.24
CA CYS A 136 53.54 38.36 60.94
C CYS A 136 54.29 37.88 62.18
N ASN A 137 54.05 38.49 63.33
CA ASN A 137 54.66 38.03 64.58
C ASN A 137 53.76 37.03 65.30
N MET A 138 52.47 37.37 65.46
CA MET A 138 51.54 36.43 66.05
C MET A 138 51.29 35.22 65.14
N MET A 139 51.15 35.46 63.83
CA MET A 139 50.97 34.40 62.84
C MET A 139 49.80 33.49 63.19
N LYS A 140 48.68 34.09 63.60
CA LYS A 140 47.49 33.32 63.93
C LYS A 140 46.83 32.83 62.65
N SER A 141 46.62 31.52 62.55
CA SER A 141 45.99 30.94 61.38
C SER A 141 44.53 31.36 61.27
N CYS A 142 44.08 31.62 60.05
CA CYS A 142 42.73 32.08 59.79
C CYS A 142 42.09 31.27 58.68
N LEU A 143 40.75 31.21 58.70
CA LEU A 143 39.97 30.54 57.69
C LEU A 143 39.02 31.55 57.04
N ILE A 144 39.04 31.59 55.71
CA ILE A 144 38.19 32.50 54.93
C ILE A 144 37.35 31.66 53.99
N ALA A 145 36.04 31.91 53.97
CA ALA A 145 35.11 31.21 53.11
C ALA A 145 34.63 32.14 52.00
N LEU A 146 34.76 31.66 50.76
CA LEU A 146 34.32 32.42 49.58
C LEU A 146 33.56 31.45 48.68
N GLY A 147 32.23 31.51 48.76
CA GLY A 147 31.38 30.60 48.02
C GLY A 147 31.62 29.16 48.43
N PRO A 148 31.81 28.28 47.44
CA PRO A 148 32.06 26.87 47.74
C PRO A 148 33.51 26.53 48.04
N TYR A 149 34.40 27.52 48.06
CA TYR A 149 35.83 27.28 48.23
C TYR A 149 36.29 27.69 49.62
N ARG A 150 37.35 27.04 50.08
CA ARG A 150 38.02 27.36 51.34
C ARG A 150 39.49 27.63 51.07
N VAL A 151 40.05 28.62 51.76
CA VAL A 151 41.43 29.04 51.60
C VAL A 151 42.14 28.96 52.94
N GLN A 152 43.37 28.45 52.93
CA GLN A 152 44.18 28.37 54.14
C GLN A 152 45.09 29.60 54.22
N VAL A 153 44.97 30.35 55.30
CA VAL A 153 45.86 31.47 55.54
C VAL A 153 47.12 30.89 56.18
N VAL A 154 48.20 30.81 55.42
CA VAL A 154 49.44 30.18 55.86
C VAL A 154 50.52 31.25 55.93
N TYR A 155 51.10 31.40 57.12
CA TYR A 155 52.19 32.34 57.33
C TYR A 155 53.51 31.57 57.26
N GLU A 156 54.42 32.04 56.42
CA GLU A 156 55.72 31.40 56.24
C GLU A 156 56.81 32.37 56.65
N ARG A 157 57.70 31.91 57.53
CA ARG A 157 58.81 32.73 58.02
C ARG A 157 60.02 32.46 57.14
N THR A 158 60.36 33.44 56.30
CA THR A 158 61.53 33.33 55.45
C THR A 158 62.80 33.59 56.26
N TYR A 159 63.92 33.09 55.74
CA TYR A 159 65.21 33.30 56.40
C TYR A 159 65.87 34.59 55.92
N CYS A 160 65.10 35.67 55.94
CA CYS A 160 65.57 36.99 55.56
C CYS A 160 65.21 37.98 56.65
N MET A 161 66.12 38.90 56.95
CA MET A 161 65.85 39.92 57.95
C MET A 161 64.77 40.88 57.46
N THR A 162 65.03 41.56 56.34
CA THR A 162 64.06 42.48 55.76
C THR A 162 63.78 42.23 54.28
N GLY A 163 64.53 41.35 53.63
CA GLY A 163 64.40 41.17 52.19
C GLY A 163 63.33 40.16 51.79
N VAL A 164 63.27 39.91 50.48
CA VAL A 164 62.36 38.95 49.87
C VAL A 164 63.18 37.83 49.27
N LEU A 165 62.74 36.59 49.46
CA LEU A 165 63.46 35.45 48.92
C LEU A 165 63.24 35.34 47.43
N ILE A 166 64.34 35.31 46.67
CA ILE A 166 64.31 35.12 45.22
C ILE A 166 65.32 34.02 44.92
N GLU A 167 64.83 32.86 44.51
CA GLU A 167 65.68 31.71 44.16
C GLU A 167 66.63 31.35 45.30
N GLY A 168 66.11 31.35 46.52
CA GLY A 168 66.89 30.99 47.68
C GLY A 168 67.75 32.08 48.26
N LYS A 169 67.68 33.31 47.72
CA LYS A 169 68.48 34.42 48.22
C LYS A 169 67.59 35.59 48.56
N CYS A 170 68.00 36.36 49.56
CA CYS A 170 67.24 37.54 49.98
C CYS A 170 67.54 38.72 49.04
N PHE A 171 66.62 39.68 49.01
CA PHE A 171 66.78 40.85 48.16
C PHE A 171 66.03 42.03 48.77
N VAL A 172 66.72 43.16 48.90
CA VAL A 172 66.16 44.41 49.40
C VAL A 172 66.33 45.47 48.32
N PRO A 173 65.25 46.03 47.76
CA PRO A 173 65.40 47.13 46.80
C PRO A 173 65.51 48.49 47.48
N ASP A 174 66.66 49.14 47.36
CA ASP A 174 66.85 50.48 47.90
C ASP A 174 67.06 51.51 46.79
N GLN A 175 68.15 51.36 46.01
CA GLN A 175 68.62 52.29 44.99
C GLN A 175 69.07 53.61 45.63
N SER A 176 68.83 53.76 46.93
CA SER A 176 69.18 54.95 47.67
C SER A 176 70.68 54.95 47.97
N VAL A 177 71.13 56.02 48.64
CA VAL A 177 72.54 56.12 49.01
C VAL A 177 72.94 54.98 49.93
N VAL A 178 71.98 54.47 50.72
CA VAL A 178 72.26 53.33 51.58
C VAL A 178 72.65 52.12 50.74
N SER A 179 71.97 51.92 49.61
CA SER A 179 72.31 50.82 48.72
C SER A 179 73.72 50.97 48.17
N ILE A 180 74.12 52.21 47.84
CA ILE A 180 75.47 52.45 47.33
C ILE A 180 76.51 52.05 48.36
N ILE A 181 76.29 52.40 49.63
CA ILE A 181 77.23 52.04 50.68
C ILE A 181 77.32 50.52 50.81
N LYS A 182 76.16 49.85 50.84
CA LYS A 182 76.17 48.39 50.90
C LYS A 182 76.71 47.79 49.61
N HIS A 183 76.32 48.35 48.47
CA HIS A 183 76.79 47.90 47.14
C HIS A 183 76.63 46.40 46.95
N SER A 190 63.95 40.28 38.80
CA SER A 190 62.51 40.29 38.60
C SER A 190 61.78 40.08 39.93
N VAL A 191 60.92 41.03 40.28
CA VAL A 191 60.20 41.01 41.55
C VAL A 191 58.70 41.06 41.25
N HIS A 192 57.95 40.15 41.86
CA HIS A 192 56.50 40.13 41.67
C HIS A 192 55.84 41.34 42.30
N VAL A 193 54.77 41.81 41.66
CA VAL A 193 54.06 43.00 42.11
C VAL A 193 52.59 42.86 41.74
N VAL A 194 51.72 43.30 42.65
CA VAL A 194 50.27 43.29 42.45
C VAL A 194 49.76 44.72 42.61
N CYS A 195 48.93 45.16 41.66
CA CYS A 195 48.47 46.53 41.62
C CYS A 195 46.94 46.57 41.59
N PHE A 196 46.39 47.63 42.16
CA PHE A 196 44.95 47.86 42.16
C PHE A 196 44.68 49.31 41.76
N PHE A 197 43.61 49.51 40.99
CA PHE A 197 43.24 50.85 40.56
C PHE A 197 42.28 51.47 41.58
N VAL A 198 42.60 52.68 42.01
CA VAL A 198 41.77 53.46 42.90
C VAL A 198 41.34 54.72 42.17
N ALA A 199 40.03 54.96 42.10
CA ALA A 199 39.49 56.11 41.39
C ALA A 199 39.24 57.24 42.38
N VAL A 200 39.82 58.41 42.08
CA VAL A 200 39.65 59.59 42.91
C VAL A 200 39.76 60.82 42.02
N LYS A 201 38.79 61.71 42.12
CA LYS A 201 38.80 62.93 41.34
C LYS A 201 39.79 63.93 41.94
N GLY A 202 40.41 64.72 41.07
CA GLY A 202 41.35 65.72 41.51
C GLY A 202 42.07 66.33 40.34
N ASN A 203 43.10 67.13 40.65
CA ASN A 203 43.93 67.76 39.64
C ASN A 203 45.32 67.14 39.52
N THR A 204 45.79 66.42 40.53
CA THR A 204 47.09 65.77 40.49
C THR A 204 47.00 64.31 40.05
N TYR A 205 45.82 63.84 39.66
CA TYR A 205 45.59 62.44 39.30
C TYR A 205 45.32 62.31 37.81
N LYS A 206 45.97 63.13 37.00
CA LYS A 206 45.85 63.03 35.55
C LYS A 206 46.61 61.82 35.05
N LEU A 207 45.95 60.66 35.02
CA LEU A 207 46.63 59.42 34.68
C LEU A 207 47.11 59.44 33.23
N PHE A 208 46.23 59.80 32.31
CA PHE A 208 46.51 59.70 30.89
C PHE A 208 47.35 60.85 30.36
N GLU A 209 47.41 61.97 31.11
CA GLU A 209 48.37 63.01 30.75
C GLU A 209 49.80 62.50 30.84
N GLN A 210 50.05 61.52 31.72
CA GLN A 210 51.33 60.83 31.78
C GLN A 210 51.41 59.68 30.80
N VAL A 211 50.28 59.04 30.49
CA VAL A 211 50.28 57.97 29.49
C VAL A 211 50.69 58.50 28.13
N LYS A 212 50.15 59.66 27.75
CA LYS A 212 50.52 60.26 26.47
C LYS A 212 52.00 60.64 26.42
N LYS A 213 52.57 61.04 27.56
CA LYS A 213 53.98 61.40 27.59
C LYS A 213 54.87 60.17 27.54
N SER A 214 54.49 59.10 28.24
CA SER A 214 55.35 57.92 28.35
C SER A 214 55.42 57.14 27.05
N PHE A 215 54.28 56.96 26.39
CA PHE A 215 54.21 56.14 25.17
C PHE A 215 53.57 56.94 24.05
N GLU A 216 53.99 56.62 22.82
CA GLU A 216 53.51 57.33 21.63
C GLU A 216 52.10 56.85 21.33
N SER A 217 51.13 57.47 22.00
CA SER A 217 49.72 57.17 21.81
C SER A 217 48.98 58.46 21.50
N THR A 218 48.19 58.44 20.44
CA THR A 218 47.43 59.63 20.03
C THR A 218 46.20 59.72 20.93
N CYS A 219 46.35 60.43 22.05
CA CYS A 219 45.28 60.59 23.04
C CYS A 219 45.15 62.08 23.37
N ASN A 220 44.33 62.79 22.60
CA ASN A 220 44.06 64.18 22.85
C ASN A 220 42.81 64.34 23.73
N ASP A 221 42.68 65.52 24.31
CA ASP A 221 41.55 65.85 25.20
C ASP A 221 41.47 64.87 26.37
N THR A 222 42.54 64.84 27.16
CA THR A 222 42.64 63.93 28.30
C THR A 222 41.78 64.37 29.49
N GLU A 223 41.22 65.59 29.46
CA GLU A 223 40.51 66.11 30.62
C GLU A 223 39.25 65.31 30.92
N ASN A 224 38.54 64.84 29.89
CA ASN A 224 37.31 64.09 30.08
C ASN A 224 37.55 62.62 30.37
N LYS A 225 38.81 62.18 30.47
CA LYS A 225 39.13 60.78 30.68
C LYS A 225 39.22 60.44 32.17
N VAL A 226 39.41 59.16 32.45
CA VAL A 226 39.35 58.65 33.82
C VAL A 226 40.50 59.23 34.65
N GLN A 227 40.22 59.48 35.92
CA GLN A 227 41.18 60.05 36.87
C GLN A 227 41.42 59.05 37.98
N GLY A 228 42.68 58.81 38.29
CA GLY A 228 43.03 57.90 39.37
C GLY A 228 44.49 57.51 39.30
N TYR A 229 44.88 56.69 40.27
CA TYR A 229 46.23 56.15 40.34
C TYR A 229 46.16 54.66 40.64
N TYR A 230 47.32 54.01 40.61
CA TYR A 230 47.45 52.59 40.89
C TYR A 230 48.34 52.38 42.09
N ILE A 231 47.87 51.62 43.07
CA ILE A 231 48.64 51.31 44.27
C ILE A 231 49.18 49.89 44.12
N CYS A 232 50.49 49.73 44.30
CA CYS A 232 51.15 48.46 44.08
C CYS A 232 51.98 48.05 45.30
N ILE A 233 52.02 46.75 45.56
CA ILE A 233 52.87 46.16 46.59
C ILE A 233 53.89 45.29 45.87
N VAL A 234 55.17 45.59 46.04
CA VAL A 234 56.25 44.88 45.37
C VAL A 234 56.86 43.85 46.31
N GLY A 235 57.08 42.64 45.79
CA GLY A 235 57.76 41.61 46.54
C GLY A 235 57.00 41.08 47.73
N GLY A 236 55.67 41.06 47.68
CA GLY A 236 54.89 40.60 48.81
C GLY A 236 54.90 41.63 49.92
N ASN A 237 56.07 41.93 50.47
CA ASN A 237 56.21 42.90 51.54
C ASN A 237 56.90 44.15 50.99
N SER A 238 56.30 45.31 51.26
CA SER A 238 56.79 46.61 50.83
C SER A 238 55.83 47.67 51.30
N ALA A 239 56.30 48.90 51.32
CA ALA A 239 55.43 50.02 51.63
C ALA A 239 54.60 50.36 50.40
N PRO A 240 53.40 50.92 50.57
CA PRO A 240 52.53 51.18 49.42
C PRO A 240 53.23 52.11 48.42
N ILE A 241 53.16 51.75 47.15
CA ILE A 241 53.76 52.55 46.09
C ILE A 241 52.65 53.02 45.17
N TYR A 242 52.56 54.34 44.99
CA TYR A 242 51.59 54.94 44.09
C TYR A 242 52.12 54.91 42.66
N VAL A 243 51.21 54.80 41.70
CA VAL A 243 51.58 54.75 40.29
C VAL A 243 50.62 55.60 39.47
N PRO A 244 51.13 56.43 38.55
CA PRO A 244 52.55 56.76 38.44
C PRO A 244 53.02 57.89 39.36
N THR A 245 54.29 57.88 39.72
CA THR A 245 54.94 59.00 40.39
C THR A 245 56.26 59.24 39.69
N LEU A 246 56.52 60.51 39.36
CA LEU A 246 57.68 60.85 38.53
C LEU A 246 59.01 60.72 39.25
N ASP A 247 59.03 60.67 40.58
CA ASP A 247 60.28 60.62 41.32
C ASP A 247 60.60 59.22 41.84
N ASP A 248 59.80 58.22 41.49
CA ASP A 248 60.08 56.82 41.78
C ASP A 248 60.14 56.09 40.44
N PHE A 249 61.36 55.81 39.96
CA PHE A 249 61.46 55.06 38.71
C PHE A 249 61.07 53.60 38.90
N ARG A 250 61.04 53.08 40.13
CA ARG A 250 60.44 51.77 40.36
C ARG A 250 58.95 51.80 40.03
N SER A 251 58.24 52.82 40.52
CA SER A 251 56.85 53.00 40.15
C SER A 251 56.69 53.28 38.67
N MET A 252 57.66 53.98 38.08
CA MET A 252 57.62 54.21 36.63
C MET A 252 57.75 52.90 35.86
N GLU A 253 58.62 51.99 36.33
CA GLU A 253 58.74 50.68 35.72
C GLU A 253 57.45 49.87 35.88
N ALA A 254 56.82 49.98 37.06
CA ALA A 254 55.52 49.32 37.25
C ALA A 254 54.48 49.89 36.30
N PHE A 255 54.47 51.21 36.11
CA PHE A 255 53.58 51.86 35.15
C PHE A 255 53.82 51.34 33.75
N THR A 256 55.09 51.26 33.33
CA THR A 256 55.43 50.77 32.00
C THR A 256 54.98 49.34 31.81
N GLY A 257 55.25 48.48 32.80
CA GLY A 257 54.80 47.10 32.71
C GLY A 257 53.29 46.96 32.69
N ILE A 258 52.58 47.86 33.40
CA ILE A 258 51.13 47.83 33.36
C ILE A 258 50.62 48.21 31.98
N PHE A 259 51.26 49.19 31.33
CA PHE A 259 50.78 49.61 30.02
C PHE A 259 51.50 48.93 28.85
N LYS A 260 52.63 48.26 29.08
CA LYS A 260 53.21 47.44 28.02
C LYS A 260 52.57 46.06 27.95
N SER A 261 52.17 45.50 29.09
CA SER A 261 51.46 44.22 29.14
C SER A 261 50.22 44.39 30.01
N PRO A 262 49.21 45.10 29.51
CA PRO A 262 48.02 45.36 30.34
C PRO A 262 47.28 44.11 30.74
N HIS A 263 47.37 43.04 29.95
CA HIS A 263 46.68 41.80 30.25
C HIS A 263 47.40 40.97 31.30
N GLY A 264 48.59 41.39 31.71
CA GLY A 264 49.38 40.64 32.67
C GLY A 264 50.41 39.76 31.97
N GLU A 265 51.04 38.91 32.78
CA GLU A 265 52.03 37.97 32.27
C GLU A 265 51.60 36.54 32.60
N ASP A 266 51.72 35.65 31.62
CA ASP A 266 51.29 34.26 31.74
C ASP A 266 49.91 34.11 32.39
N SER A 276 43.10 25.54 24.35
CA SER A 276 42.82 26.62 25.30
C SER A 276 41.55 27.37 24.92
N TYR A 277 41.67 28.69 24.78
CA TYR A 277 40.55 29.55 24.45
C TYR A 277 40.54 29.84 22.96
N SER A 278 39.34 29.88 22.37
CA SER A 278 39.16 30.14 20.95
C SER A 278 38.45 31.48 20.79
N ILE A 279 39.04 32.34 19.97
CA ILE A 279 38.55 33.71 19.79
C ILE A 279 37.39 33.75 18.80
N VAL A 280 36.22 34.17 19.27
CA VAL A 280 35.08 34.44 18.41
C VAL A 280 35.20 35.89 17.96
N GLY A 281 34.37 36.30 17.01
CA GLY A 281 34.41 37.64 16.45
C GLY A 281 34.45 38.78 17.45
N PRO A 282 34.84 39.96 16.97
CA PRO A 282 34.91 41.14 17.84
C PRO A 282 33.55 41.80 18.03
N ALA A 283 33.47 42.66 19.05
CA ALA A 283 32.21 43.32 19.35
C ALA A 283 32.47 44.67 20.02
N ASN A 284 31.44 45.51 20.02
CA ASN A 284 31.42 46.80 20.69
C ASN A 284 30.22 46.86 21.61
N ALA A 285 30.31 47.69 22.65
CA ALA A 285 29.25 47.75 23.64
C ALA A 285 29.22 49.14 24.29
N LYS A 286 28.11 49.40 24.98
CA LYS A 286 27.88 50.65 25.70
C LYS A 286 28.19 50.41 27.17
N VAL A 287 29.21 51.11 27.69
CA VAL A 287 29.65 50.91 29.07
C VAL A 287 28.67 51.45 30.11
N PRO A 288 27.96 52.58 29.91
CA PRO A 288 26.97 52.96 30.93
C PRO A 288 25.65 52.22 30.80
N HIS A 289 25.43 51.49 29.70
CA HIS A 289 24.20 50.81 29.32
C HIS A 289 23.09 51.79 28.95
N SER A 290 23.34 53.09 29.08
CA SER A 290 22.40 54.13 28.68
C SER A 290 23.00 55.10 27.66
N ALA A 291 24.21 54.84 27.19
CA ALA A 291 24.87 55.74 26.26
C ALA A 291 24.16 55.76 24.90
N SER A 292 24.29 56.90 24.22
CA SER A 292 23.69 57.05 22.90
C SER A 292 24.34 56.14 21.87
N SER A 293 25.65 55.95 21.96
CA SER A 293 26.40 55.17 20.98
C SER A 293 27.35 54.22 21.70
N ASP A 294 27.96 53.32 20.93
CA ASP A 294 28.93 52.38 21.47
C ASP A 294 30.14 53.12 22.03
N THR A 295 30.61 52.67 23.19
CA THR A 295 31.69 53.36 23.89
C THR A 295 32.87 52.48 24.28
N LEU A 296 32.82 51.18 24.01
CA LEU A 296 33.90 50.30 24.40
C LEU A 296 34.09 49.20 23.36
N SER A 297 35.35 48.86 23.10
CA SER A 297 35.70 47.77 22.20
C SER A 297 36.15 46.56 23.03
N LEU A 298 35.65 45.39 22.65
CA LEU A 298 35.96 44.15 23.35
C LEU A 298 36.15 43.02 22.34
N ILE A 299 36.76 41.94 22.81
CA ILE A 299 36.93 40.73 22.02
C ILE A 299 36.22 39.61 22.76
N ALA A 300 35.12 39.12 22.21
CA ALA A 300 34.45 37.98 22.79
C ALA A 300 35.22 36.71 22.45
N TYR A 301 35.11 35.70 23.32
CA TYR A 301 35.89 34.49 23.17
C TYR A 301 35.11 33.31 23.75
N SER A 302 35.54 32.10 23.37
CA SER A 302 35.00 30.87 23.91
C SER A 302 36.14 29.96 24.34
N GLY A 303 35.96 29.27 25.45
CA GLY A 303 36.95 28.36 25.97
C GLY A 303 37.06 28.49 27.48
N ILE A 304 38.15 27.97 28.02
CA ILE A 304 38.40 28.09 29.46
C ILE A 304 38.56 29.55 29.81
N PRO A 305 38.03 30.02 30.95
CA PRO A 305 38.15 31.43 31.28
C PRO A 305 39.62 31.85 31.39
N SER A 306 39.91 33.04 30.88
CA SER A 306 41.27 33.54 30.85
C SER A 306 41.25 35.05 31.05
N TYR A 307 42.37 35.57 31.54
CA TYR A 307 42.59 37.00 31.72
C TYR A 307 41.58 37.57 32.71
N SER A 308 41.41 38.88 32.74
CA SER A 308 40.59 39.57 33.73
C SER A 308 39.30 40.04 33.06
N SER A 309 38.18 39.81 33.73
CA SER A 309 36.88 40.26 33.24
C SER A 309 36.48 41.63 33.81
N LEU A 310 37.32 42.23 34.65
CA LEU A 310 37.01 43.51 35.27
C LEU A 310 37.94 44.59 34.73
N SER A 311 37.37 45.75 34.41
CA SER A 311 38.12 46.86 33.87
C SER A 311 37.34 48.15 34.15
N ILE A 312 37.99 49.28 33.84
CA ILE A 312 37.40 50.60 34.01
C ILE A 312 37.47 51.33 32.68
N LEU A 313 36.35 51.93 32.27
CA LEU A 313 36.33 52.72 31.05
C LEU A 313 37.26 53.91 31.16
N THR A 314 38.07 54.12 30.12
CA THR A 314 38.98 55.26 30.11
C THR A 314 38.28 56.57 29.79
N SER A 315 37.36 56.57 28.83
CA SER A 315 36.75 57.81 28.37
C SER A 315 35.61 58.26 29.28
N SER A 316 35.86 58.37 30.58
CA SER A 316 34.86 58.86 31.53
C SER A 316 35.56 59.22 32.82
N THR A 317 35.42 60.49 33.26
CA THR A 317 36.06 60.94 34.48
C THR A 317 35.59 60.11 35.68
N ASP A 318 34.29 59.91 35.80
CA ASP A 318 33.76 59.01 36.81
C ASP A 318 34.05 57.57 36.41
N ALA A 319 34.54 56.78 37.36
CA ALA A 319 34.94 55.40 37.07
C ALA A 319 33.72 54.58 36.68
N LYS A 320 33.74 54.06 35.44
CA LYS A 320 32.67 53.19 34.94
C LYS A 320 33.23 51.76 34.94
N HIS A 321 32.97 51.05 36.03
CA HIS A 321 33.48 49.68 36.16
C HIS A 321 32.80 48.76 35.17
N VAL A 322 33.59 47.89 34.55
CA VAL A 322 33.14 47.02 33.47
C VAL A 322 33.33 45.57 33.91
N PHE A 323 32.28 44.77 33.75
CA PHE A 323 32.34 43.33 33.96
C PHE A 323 31.92 42.65 32.65
N SER A 324 32.87 41.99 31.99
CA SER A 324 32.65 41.42 30.66
C SER A 324 33.04 39.95 30.67
N PRO A 325 32.17 39.09 31.20
CA PRO A 325 32.44 37.65 31.15
C PRO A 325 32.36 37.15 29.72
N GLY A 326 33.42 36.48 29.27
CA GLY A 326 33.50 35.99 27.92
C GLY A 326 33.99 37.00 26.90
N LEU A 327 34.42 38.19 27.34
CA LEU A 327 34.93 39.21 26.43
C LEU A 327 36.25 39.78 26.94
N PHE A 328 37.11 40.15 26.00
CA PHE A 328 38.41 40.72 26.30
C PHE A 328 38.39 42.21 26.03
N PRO A 329 38.46 43.06 27.07
CA PRO A 329 38.43 44.51 26.83
C PRO A 329 39.65 44.99 26.06
N LYS A 330 39.47 46.05 25.28
CA LYS A 330 40.55 46.61 24.47
C LYS A 330 41.49 47.38 25.38
N LEU A 331 42.71 46.86 25.55
CA LEU A 331 43.73 47.45 26.40
C LEU A 331 44.92 47.99 25.59
N ASN A 332 44.78 48.10 24.26
CA ASN A 332 45.91 48.48 23.41
C ASN A 332 46.21 49.98 23.46
N HIS A 333 45.20 50.81 23.68
CA HIS A 333 45.34 52.26 23.91
C HIS A 333 46.00 53.03 22.75
N THR A 334 46.07 52.49 21.53
CA THR A 334 46.60 53.31 20.44
C THR A 334 45.68 54.48 20.16
N ASN A 335 44.39 54.21 20.01
CA ASN A 335 43.37 55.25 19.92
C ASN A 335 42.63 55.27 21.25
N CYS A 336 42.54 56.43 21.88
CA CYS A 336 41.92 56.50 23.19
C CYS A 336 40.42 56.26 23.15
N ASP A 337 39.82 56.20 21.96
CA ASP A 337 38.40 55.92 21.84
C ASP A 337 38.15 54.42 22.01
N LYS A 338 37.08 54.08 22.73
CA LYS A 338 36.70 52.70 22.99
C LYS A 338 37.87 51.92 23.62
N SER A 339 38.26 52.38 24.80
CA SER A 339 39.46 51.94 25.49
C SER A 339 39.11 51.59 26.94
N ALA A 340 40.01 50.87 27.59
CA ALA A 340 39.78 50.45 28.97
C ALA A 340 41.13 50.15 29.62
N ILE A 341 41.12 50.14 30.95
CA ILE A 341 42.33 49.85 31.74
C ILE A 341 42.00 48.78 32.78
N PRO A 342 42.96 47.92 33.12
CA PRO A 342 42.69 46.83 34.07
C PRO A 342 42.45 47.35 35.48
N LEU A 343 41.55 46.65 36.19
CA LEU A 343 41.33 46.95 37.60
C LEU A 343 42.48 46.42 38.45
N THR A 344 42.98 45.23 38.14
CA THR A 344 44.10 44.62 38.85
C THR A 344 45.15 44.20 37.84
N TRP A 345 46.41 44.17 38.29
CA TRP A 345 47.52 43.80 37.43
C TRP A 345 48.58 43.09 38.25
N THR A 346 49.00 41.92 37.79
CA THR A 346 50.05 41.13 38.44
C THR A 346 51.13 40.82 37.42
N GLY A 347 52.39 40.99 37.81
CA GLY A 347 53.47 40.71 36.90
C GLY A 347 54.82 40.88 37.58
N MET A 348 55.86 40.87 36.75
CA MET A 348 57.24 40.99 37.22
C MET A 348 57.89 42.19 36.55
N ILE A 349 58.57 43.02 37.34
CA ILE A 349 59.31 44.16 36.83
C ILE A 349 60.73 44.11 37.36
N ASP A 350 61.67 44.58 36.55
CA ASP A 350 63.08 44.58 36.93
C ASP A 350 63.42 45.88 37.64
N LEU A 351 63.93 45.76 38.85
CA LEU A 351 64.32 46.87 39.71
C LEU A 351 65.75 46.68 40.20
N PRO A 352 66.53 47.75 40.31
CA PRO A 352 67.91 47.60 40.76
C PRO A 352 68.00 47.30 42.25
N GLY A 353 69.08 46.65 42.63
CA GLY A 353 69.33 46.30 44.01
C GLY A 353 70.43 45.26 44.11
N TYR A 354 70.55 44.68 45.29
CA TYR A 354 71.57 43.65 45.52
C TYR A 354 71.09 42.69 46.59
N TYR A 355 71.66 41.50 46.58
CA TYR A 355 71.31 40.45 47.53
C TYR A 355 72.17 40.57 48.78
N GLU A 356 71.65 40.05 49.88
CA GLU A 356 72.38 40.07 51.15
C GLU A 356 73.59 39.14 51.08
N GLY A 357 74.63 39.50 51.81
CA GLY A 357 75.85 38.71 51.83
C GLY A 357 77.09 39.49 51.45
N THR B 1 16.44 27.62 0.89
CA THR B 1 16.89 28.52 1.95
C THR B 1 16.36 28.05 3.31
N GLY B 2 15.90 26.80 3.36
CA GLY B 2 15.29 26.26 4.56
C GLY B 2 16.27 25.77 5.61
N GLN B 3 16.30 26.45 6.75
CA GLN B 3 17.06 26.02 7.92
C GLN B 3 16.07 25.56 8.98
N SER B 4 16.26 24.35 9.50
CA SER B 4 15.30 23.77 10.42
C SER B 4 15.97 22.71 11.28
N LEU B 5 15.29 22.35 12.36
CA LEU B 5 15.70 21.28 13.27
C LEU B 5 14.63 20.21 13.27
N VAL B 6 15.06 18.94 13.25
CA VAL B 6 14.15 17.80 13.16
C VAL B 6 14.39 16.89 14.37
N GLU B 7 13.32 16.52 15.04
CA GLU B 7 13.37 15.66 16.22
C GLU B 7 12.92 14.25 15.84
N SER B 8 13.73 13.27 16.20
CA SER B 8 13.45 11.86 15.93
C SER B 8 13.19 11.13 17.25
N GLY B 9 12.90 9.83 17.14
CA GLY B 9 12.55 9.05 18.31
C GLY B 9 11.13 9.34 18.78
N GLY B 10 10.91 9.16 20.08
CA GLY B 10 9.61 9.43 20.65
C GLY B 10 8.56 8.40 20.31
N ASP B 11 8.72 7.19 20.83
CA ASP B 11 7.76 6.12 20.65
C ASP B 11 7.03 5.87 21.96
N LEU B 12 6.18 4.84 21.98
CA LEU B 12 5.48 4.47 23.20
C LEU B 12 6.44 3.76 24.15
N VAL B 13 6.51 4.24 25.38
CA VAL B 13 7.42 3.70 26.39
C VAL B 13 6.62 3.36 27.64
N LYS B 14 6.92 2.20 28.23
CA LYS B 14 6.27 1.79 29.45
C LYS B 14 6.72 2.68 30.61
N PRO B 15 5.91 2.80 31.66
CA PRO B 15 6.31 3.58 32.83
C PRO B 15 7.56 2.99 33.47
N GLU B 16 8.36 3.89 34.06
CA GLU B 16 9.66 3.58 34.66
C GLU B 16 10.70 3.16 33.62
N GLY B 17 10.36 3.23 32.33
CA GLY B 17 11.28 2.87 31.28
C GLY B 17 12.18 4.04 30.88
N SER B 18 12.91 3.85 29.79
CA SER B 18 13.83 4.85 29.28
C SER B 18 13.64 5.01 27.78
N LEU B 19 13.91 6.23 27.30
CA LEU B 19 13.82 6.54 25.89
C LEU B 19 14.81 7.65 25.56
N THR B 20 15.47 7.53 24.42
CA THR B 20 16.47 8.48 23.97
C THR B 20 15.98 9.20 22.72
N LEU B 21 15.94 10.53 22.78
CA LEU B 21 15.54 11.35 21.64
C LEU B 21 16.77 11.88 20.91
N THR B 22 16.58 12.24 19.65
CA THR B 22 17.66 12.74 18.81
C THR B 22 17.16 13.92 17.99
N CYS B 23 17.97 14.97 17.94
CA CYS B 23 17.65 16.17 17.17
C CYS B 23 18.72 16.38 16.10
N THR B 24 18.28 16.63 14.87
CA THR B 24 19.17 16.76 13.73
C THR B 24 18.95 18.12 13.06
N ALA B 25 20.04 18.70 12.56
CA ALA B 25 19.98 19.97 11.84
C ALA B 25 20.04 19.73 10.33
N SER B 26 19.30 20.53 9.59
CA SER B 26 19.18 20.40 8.14
C SER B 26 19.70 21.67 7.47
N GLY B 27 20.71 21.54 6.62
CA GLY B 27 21.17 22.66 5.82
C GLY B 27 21.68 23.84 6.62
N PHE B 28 22.32 23.59 7.76
CA PHE B 28 22.77 24.67 8.63
C PHE B 28 24.00 24.20 9.39
N SER B 29 25.13 24.88 9.18
CA SER B 29 26.35 24.53 9.90
C SER B 29 26.18 24.87 11.38
N PHE B 30 26.89 24.13 12.23
CA PHE B 30 26.65 24.22 13.66
C PHE B 30 27.34 25.42 14.31
N SER B 31 28.49 25.84 13.78
CA SER B 31 29.26 26.95 14.32
C SER B 31 29.63 26.74 15.78
N SER B 32 30.01 27.83 16.47
CA SER B 32 30.42 27.76 17.86
C SER B 32 29.72 28.79 18.74
N THR B 33 28.78 29.55 18.20
CA THR B 33 28.06 30.58 18.96
C THR B 33 26.59 30.24 19.12
N HIS B 34 26.26 28.95 19.23
CA HIS B 34 24.88 28.51 19.32
C HIS B 34 24.70 27.62 20.54
N TRP B 35 23.45 27.47 20.95
CA TRP B 35 23.06 26.60 22.06
C TRP B 35 21.85 25.81 21.63
N ILE B 36 21.88 24.50 21.84
CA ILE B 36 20.77 23.63 21.50
C ILE B 36 20.07 23.21 22.78
N CYS B 37 18.75 23.23 22.76
CA CYS B 37 17.94 23.00 23.96
C CYS B 37 16.74 22.13 23.60
N TRP B 38 16.14 21.55 24.64
CA TRP B 38 14.95 20.73 24.50
C TRP B 38 13.82 21.34 25.31
N VAL B 39 12.63 21.45 24.69
CA VAL B 39 11.45 22.01 25.33
C VAL B 39 10.31 21.02 25.17
N ARG B 40 9.57 20.78 26.24
CA ARG B 40 8.45 19.86 26.24
C ARG B 40 7.17 20.59 26.62
N GLN B 41 6.04 20.09 26.14
CA GLN B 41 4.74 20.70 26.44
C GLN B 41 3.70 19.59 26.53
N ALA B 42 3.19 19.36 27.73
CA ALA B 42 2.14 18.37 27.92
C ALA B 42 0.81 18.91 27.42
N PRO B 43 -0.10 18.03 26.98
CA PRO B 43 -1.43 18.49 26.56
C PRO B 43 -2.17 19.11 27.73
N GLY B 44 -2.47 20.40 27.61
CA GLY B 44 -3.11 21.14 28.67
C GLY B 44 -2.17 21.86 29.61
N LYS B 45 -0.89 22.01 29.24
CA LYS B 45 0.08 22.69 30.07
C LYS B 45 1.01 23.50 29.18
N GLY B 46 1.67 24.50 29.78
CA GLY B 46 2.54 25.40 29.06
C GLY B 46 3.88 24.77 28.72
N LEU B 47 4.69 25.55 28.01
CA LEU B 47 6.02 25.10 27.62
C LEU B 47 6.90 24.91 28.85
N GLU B 48 7.81 23.94 28.78
CA GLU B 48 8.68 23.59 29.90
C GLU B 48 10.10 23.42 29.41
N TRP B 49 11.04 24.11 30.07
CA TRP B 49 12.46 23.92 29.77
C TRP B 49 12.93 22.55 30.27
N ILE B 50 13.90 21.97 29.56
CA ILE B 50 14.42 20.67 29.94
C ILE B 50 15.93 20.75 30.19
N ALA B 51 16.70 21.07 29.15
CA ALA B 51 18.15 21.11 29.26
C ALA B 51 18.73 21.81 28.05
N CYS B 52 20.00 22.20 28.17
CA CYS B 52 20.73 22.87 27.11
C CYS B 52 22.18 22.42 27.12
N ILE B 53 22.84 22.57 25.99
CA ILE B 53 24.27 22.25 25.86
C ILE B 53 24.92 23.30 24.96
N TYR B 54 26.12 23.74 25.35
CA TYR B 54 26.81 24.77 24.58
C TYR B 54 27.16 24.31 23.17
N VAL B 55 27.16 23.00 22.92
CA VAL B 55 27.43 22.39 21.61
C VAL B 55 28.53 23.10 20.85
N GLY B 56 29.69 23.25 21.47
CA GLY B 56 30.85 23.81 20.80
C GLY B 56 32.08 22.94 21.00
N ASN B 57 33.25 23.53 20.89
CA ASN B 57 34.48 22.79 21.16
C ASN B 57 34.57 22.40 22.63
N THR B 58 34.21 23.32 23.51
CA THR B 58 34.20 23.08 24.94
C THR B 58 32.84 22.55 25.37
N TYR B 59 32.82 21.85 26.51
CA TYR B 59 31.62 21.20 27.00
C TYR B 59 31.00 22.03 28.12
N ASP B 60 29.71 22.34 27.97
CA ASP B 60 28.95 23.02 29.00
C ASP B 60 27.47 22.71 28.80
N SER B 61 26.81 22.29 29.87
CA SER B 61 25.41 21.92 29.81
C SER B 61 24.69 22.43 31.04
N TYR B 62 23.40 22.73 30.88
CA TYR B 62 22.55 23.19 31.98
C TYR B 62 21.24 22.41 31.93
N TYR B 63 20.80 21.94 33.08
CA TYR B 63 19.59 21.14 33.18
C TYR B 63 18.54 21.88 34.00
N ALA B 64 17.28 21.50 33.79
CA ALA B 64 16.19 22.04 34.59
C ALA B 64 16.23 21.45 36.01
N ASN B 65 15.64 22.19 36.95
CA ASN B 65 15.63 21.74 38.33
C ASN B 65 14.84 20.44 38.49
N TRP B 66 13.70 20.33 37.82
CA TRP B 66 12.91 19.10 37.91
C TRP B 66 13.55 17.96 37.13
N ALA B 67 14.22 18.26 36.03
CA ALA B 67 14.81 17.24 35.16
C ALA B 67 16.25 16.92 35.51
N LYS B 68 16.80 17.50 36.57
CA LYS B 68 18.19 17.27 36.93
C LYS B 68 18.37 15.82 37.39
N GLY B 69 19.42 15.18 36.90
CA GLY B 69 19.74 13.82 37.29
C GLY B 69 18.95 12.76 36.56
N ARG B 70 17.70 13.07 36.21
CA ARG B 70 16.85 12.13 35.50
C ARG B 70 17.05 12.18 33.99
N PHE B 71 17.43 13.34 33.45
CA PHE B 71 17.66 13.50 32.02
C PHE B 71 19.16 13.61 31.74
N THR B 72 19.51 13.45 30.47
CA THR B 72 20.90 13.52 30.04
C THR B 72 20.95 14.10 28.63
N ILE B 73 21.64 15.22 28.47
CA ILE B 73 21.79 15.89 27.18
C ILE B 73 23.26 15.90 26.80
N SER B 74 23.53 15.64 25.52
CA SER B 74 24.90 15.59 25.03
C SER B 74 24.90 15.78 23.52
N LYS B 75 25.97 16.36 23.01
CA LYS B 75 26.16 16.52 21.57
C LYS B 75 26.91 15.32 21.00
N THR B 76 26.49 14.90 19.82
CA THR B 76 27.04 13.71 19.18
C THR B 76 28.00 14.05 18.03
N SER B 77 27.54 14.86 17.08
CA SER B 77 28.34 15.24 15.92
C SER B 77 28.14 16.72 15.66
N SER B 78 28.59 17.18 14.50
CA SER B 78 28.46 18.58 14.12
C SER B 78 27.07 18.93 13.60
N THR B 79 26.13 17.99 13.61
CA THR B 79 24.77 18.26 13.17
C THR B 79 23.70 17.65 14.05
N THR B 80 24.05 16.88 15.07
CA THR B 80 23.08 16.14 15.85
C THR B 80 23.36 16.28 17.34
N VAL B 81 22.28 16.28 18.13
CA VAL B 81 22.33 16.21 19.59
C VAL B 81 21.28 15.20 20.05
N THR B 82 21.47 14.71 21.27
CA THR B 82 20.60 13.70 21.83
C THR B 82 20.07 14.15 23.18
N LEU B 83 19.11 13.39 23.71
CA LEU B 83 18.53 13.67 25.02
C LEU B 83 18.06 12.34 25.61
N GLN B 84 18.84 11.83 26.56
CA GLN B 84 18.50 10.57 27.22
C GLN B 84 17.49 10.82 28.33
N MET B 85 16.38 10.07 28.31
CA MET B 85 15.35 10.16 29.33
C MET B 85 15.27 8.83 30.07
N THR B 86 15.20 8.89 31.39
CA THR B 86 15.20 7.71 32.23
C THR B 86 14.03 7.78 33.20
N THR B 87 13.60 6.60 33.66
CA THR B 87 12.49 6.40 34.61
C THR B 87 11.34 7.35 34.32
N LEU B 88 10.85 7.27 33.08
CA LEU B 88 9.76 8.11 32.64
C LEU B 88 8.45 7.68 33.29
N THR B 89 7.63 8.66 33.65
CA THR B 89 6.33 8.44 34.27
C THR B 89 5.25 8.96 33.33
N ALA B 90 3.99 8.85 33.79
CA ALA B 90 2.87 9.33 32.99
C ALA B 90 2.93 10.85 32.80
N ALA B 91 3.49 11.57 33.76
CA ALA B 91 3.60 13.02 33.66
C ALA B 91 4.60 13.48 32.61
N ASP B 92 5.43 12.58 32.10
CA ASP B 92 6.42 12.92 31.08
C ASP B 92 5.86 12.86 29.66
N THR B 93 4.62 12.44 29.50
CA THR B 93 4.00 12.37 28.18
C THR B 93 3.78 13.78 27.66
N ALA B 94 4.53 14.16 26.65
CA ALA B 94 4.48 15.52 26.10
C ALA B 94 5.10 15.52 24.71
N THR B 95 5.07 16.68 24.07
CA THR B 95 5.72 16.89 22.78
C THR B 95 7.04 17.59 23.02
N TYR B 96 8.13 16.99 22.55
CA TYR B 96 9.47 17.47 22.82
C TYR B 96 10.01 18.20 21.58
N PHE B 97 10.33 19.48 21.75
CA PHE B 97 10.83 20.31 20.66
C PHE B 97 12.33 20.51 20.78
N CYS B 98 12.98 20.63 19.63
CA CYS B 98 14.40 20.97 19.57
C CYS B 98 14.55 22.46 19.31
N ALA B 99 15.37 23.12 20.13
CA ALA B 99 15.52 24.56 20.12
C ALA B 99 16.98 24.94 19.87
N ARG B 100 17.18 26.05 19.18
CA ARG B 100 18.50 26.61 18.94
C ARG B 100 18.50 28.06 19.40
N SER B 101 19.42 28.40 20.30
CA SER B 101 19.46 29.72 20.90
C SER B 101 20.90 30.22 20.94
N GLY B 102 21.04 31.54 21.00
CA GLY B 102 22.32 32.21 21.14
C GLY B 102 22.86 32.31 22.55
N SER B 103 22.10 31.84 23.53
CA SER B 103 22.50 31.86 24.93
C SER B 103 21.95 30.61 25.59
N VAL B 104 22.17 30.49 26.90
CA VAL B 104 21.79 29.28 27.62
C VAL B 104 20.29 29.07 27.58
N PHE B 105 19.53 30.02 28.12
CA PHE B 105 18.07 29.91 28.16
C PHE B 105 17.42 31.09 27.44
N GLY B 106 18.10 31.61 26.41
CA GLY B 106 17.70 32.84 25.77
C GLY B 106 16.73 32.67 24.62
N VAL B 107 16.77 33.61 23.69
CA VAL B 107 15.81 33.65 22.60
C VAL B 107 16.04 32.49 21.66
N VAL B 108 14.99 31.73 21.38
CA VAL B 108 15.05 30.60 20.46
C VAL B 108 14.89 31.15 19.04
N SER B 109 15.98 31.16 18.28
CA SER B 109 15.96 31.68 16.92
C SER B 109 15.29 30.73 15.95
N LEU B 110 15.18 29.45 16.28
CA LEU B 110 14.60 28.47 15.38
C LEU B 110 14.12 27.27 16.18
N TRP B 111 12.94 26.76 15.85
CA TRP B 111 12.35 25.61 16.51
C TRP B 111 12.26 24.43 15.54
N GLY B 112 11.64 23.35 16.00
CA GLY B 112 11.38 22.20 15.17
C GLY B 112 9.92 21.78 15.29
N PRO B 113 9.49 20.89 14.38
CA PRO B 113 8.10 20.42 14.46
C PRO B 113 7.76 19.73 15.76
N GLY B 114 8.70 19.03 16.36
CA GLY B 114 8.48 18.37 17.63
C GLY B 114 8.11 16.91 17.46
N THR B 115 8.42 16.12 18.49
CA THR B 115 8.10 14.71 18.52
C THR B 115 7.33 14.41 19.81
N LEU B 116 6.45 13.42 19.73
CA LEU B 116 5.59 13.05 20.85
C LEU B 116 6.12 11.80 21.53
N VAL B 117 6.22 11.84 22.85
CA VAL B 117 6.60 10.70 23.67
C VAL B 117 5.39 10.30 24.48
N THR B 118 4.87 9.11 24.22
CA THR B 118 3.69 8.59 24.91
C THR B 118 4.13 7.57 25.94
N VAL B 119 3.90 7.87 27.21
CA VAL B 119 4.24 6.99 28.31
C VAL B 119 2.95 6.35 28.79
N SER B 120 2.75 5.08 28.44
CA SER B 120 1.55 4.36 28.82
C SER B 120 1.88 2.88 28.93
N SER B 121 1.16 2.20 29.82
CA SER B 121 1.36 0.77 30.04
C SER B 121 0.75 -0.09 28.95
N GLY B 122 -0.09 0.48 28.10
CA GLY B 122 -0.73 -0.28 27.05
C GLY B 122 0.24 -0.67 25.95
N GLN B 123 -0.22 -1.59 25.10
CA GLN B 123 0.54 -2.10 23.97
C GLN B 123 0.20 -1.34 22.70
N PRO B 124 1.14 -1.23 21.77
CA PRO B 124 0.83 -0.57 20.48
C PRO B 124 -0.29 -1.30 19.75
N LYS B 125 -1.10 -0.52 19.05
CA LYS B 125 -2.28 -1.04 18.36
C LYS B 125 -2.35 -0.49 16.94
N ALA B 126 -3.02 -1.27 16.05
CA ALA B 126 -3.25 -1.03 14.63
C ALA B 126 -4.51 -0.18 14.44
N PRO B 127 -4.55 0.61 13.36
CA PRO B 127 -5.70 1.52 13.19
C PRO B 127 -7.01 0.84 12.84
N SER B 128 -6.99 -0.19 11.99
CA SER B 128 -8.20 -0.88 11.53
C SER B 128 -9.16 0.10 10.85
N VAL B 129 -8.73 0.52 9.66
CA VAL B 129 -9.41 1.57 8.91
C VAL B 129 -10.76 1.09 8.42
N PHE B 130 -11.80 1.91 8.61
CA PHE B 130 -13.15 1.65 8.12
C PHE B 130 -13.56 2.73 7.13
N PRO B 131 -14.33 2.39 6.10
CA PRO B 131 -14.77 3.40 5.13
C PRO B 131 -16.03 4.13 5.56
N LEU B 132 -16.07 5.42 5.22
CA LEU B 132 -17.21 6.30 5.51
C LEU B 132 -17.86 6.71 4.20
N ALA B 133 -19.11 6.27 3.99
CA ALA B 133 -19.86 6.58 2.79
C ALA B 133 -21.28 6.91 3.16
N PRO B 134 -21.96 7.76 2.39
CA PRO B 134 -23.36 8.08 2.68
C PRO B 134 -24.26 6.90 2.39
N CYS B 135 -25.44 6.93 3.01
CA CYS B 135 -26.41 5.86 2.80
C CYS B 135 -26.86 5.84 1.35
N CYS B 136 -27.01 4.63 0.79
CA CYS B 136 -27.43 4.48 -0.59
C CYS B 136 -28.85 4.97 -0.83
N GLY B 137 -29.67 5.09 0.22
CA GLY B 137 -31.01 5.62 0.06
C GLY B 137 -31.05 7.08 -0.33
N ASP B 138 -29.95 7.79 -0.11
CA ASP B 138 -29.88 9.20 -0.51
C ASP B 138 -29.92 9.32 -2.02
N THR B 139 -30.62 10.33 -2.51
CA THR B 139 -30.67 10.58 -3.94
C THR B 139 -29.28 10.97 -4.44
N PRO B 140 -28.81 10.40 -5.55
CA PRO B 140 -27.48 10.77 -6.07
C PRO B 140 -27.42 12.25 -6.41
N SER B 141 -26.27 12.85 -6.13
CA SER B 141 -26.05 14.27 -6.35
C SER B 141 -24.86 14.47 -7.30
N SER B 142 -24.71 15.71 -7.75
CA SER B 142 -23.60 16.04 -8.65
C SER B 142 -22.25 15.82 -7.96
N THR B 143 -22.14 16.24 -6.70
CA THR B 143 -20.93 16.05 -5.92
C THR B 143 -21.25 15.22 -4.69
N VAL B 144 -20.35 14.29 -4.35
CA VAL B 144 -20.50 13.43 -3.20
C VAL B 144 -19.22 13.49 -2.36
N THR B 145 -19.38 13.35 -1.05
CA THR B 145 -18.26 13.39 -0.12
C THR B 145 -18.09 12.01 0.53
N LEU B 146 -16.85 11.54 0.56
CA LEU B 146 -16.50 10.25 1.12
C LEU B 146 -15.32 10.43 2.08
N GLY B 147 -15.06 9.40 2.88
CA GLY B 147 -13.97 9.48 3.82
C GLY B 147 -13.65 8.11 4.40
N CYS B 148 -12.56 8.09 5.16
CA CYS B 148 -12.10 6.90 5.86
C CYS B 148 -12.08 7.19 7.36
N LEU B 149 -12.42 6.17 8.15
CA LEU B 149 -12.47 6.28 9.60
C LEU B 149 -11.38 5.41 10.21
N VAL B 150 -10.49 6.02 10.98
CA VAL B 150 -9.43 5.31 11.68
C VAL B 150 -9.84 5.13 13.13
N LYS B 151 -10.03 3.89 13.55
CA LYS B 151 -10.48 3.60 14.90
C LYS B 151 -9.28 3.41 15.82
N GLY B 152 -9.52 2.87 17.01
CA GLY B 152 -8.52 2.72 18.06
C GLY B 152 -7.14 2.30 17.63
N TYR B 153 -6.13 3.11 17.98
CA TYR B 153 -4.75 2.81 17.66
C TYR B 153 -3.85 3.48 18.69
N LEU B 154 -2.59 3.02 18.74
CA LEU B 154 -1.59 3.50 19.70
C LEU B 154 -0.24 3.33 19.03
N PRO B 155 0.65 4.34 19.10
CA PRO B 155 0.46 5.62 19.77
C PRO B 155 -0.33 6.65 18.97
N GLU B 156 -0.22 7.92 19.35
CA GLU B 156 -1.01 9.00 18.78
C GLU B 156 -0.72 9.40 17.33
N PRO B 157 0.52 9.37 16.82
CA PRO B 157 0.72 9.97 15.49
C PRO B 157 0.36 9.00 14.37
N VAL B 158 -0.53 9.45 13.49
CA VAL B 158 -0.88 8.75 12.26
C VAL B 158 -0.86 9.74 11.11
N THR B 159 -0.55 9.24 9.91
CA THR B 159 -0.56 10.06 8.71
C THR B 159 -1.60 9.52 7.74
N VAL B 160 -2.48 10.40 7.26
CA VAL B 160 -3.54 10.03 6.33
C VAL B 160 -3.42 10.92 5.10
N THR B 161 -3.30 10.29 3.93
CA THR B 161 -3.24 11.00 2.66
C THR B 161 -4.17 10.33 1.66
N TRP B 162 -4.69 11.13 0.74
CA TRP B 162 -5.66 10.66 -0.25
C TRP B 162 -5.00 10.53 -1.61
N ASN B 163 -5.13 9.35 -2.22
CA ASN B 163 -4.58 9.06 -3.55
C ASN B 163 -3.09 9.36 -3.62
N SER B 164 -2.38 8.98 -2.55
CA SER B 164 -0.93 9.17 -2.46
C SER B 164 -0.53 10.64 -2.64
N GLY B 165 -1.39 11.55 -2.19
CA GLY B 165 -1.08 12.96 -2.24
C GLY B 165 -1.33 13.64 -3.58
N THR B 166 -1.86 12.93 -4.57
CA THR B 166 -2.08 13.55 -5.87
C THR B 166 -3.15 14.63 -5.81
N LEU B 167 -4.24 14.40 -5.08
CA LEU B 167 -5.31 15.36 -4.93
C LEU B 167 -5.26 15.95 -3.52
N THR B 168 -5.39 17.27 -3.43
CA THR B 168 -5.33 17.94 -2.14
C THR B 168 -6.57 18.80 -1.91
N ASN B 169 -7.12 19.34 -3.00
CA ASN B 169 -8.30 20.19 -2.89
C ASN B 169 -9.50 19.41 -2.38
N GLY B 170 -10.24 20.02 -1.45
CA GLY B 170 -11.41 19.39 -0.88
C GLY B 170 -11.14 18.37 0.19
N VAL B 171 -9.89 18.22 0.63
CA VAL B 171 -9.53 17.25 1.66
C VAL B 171 -9.58 17.93 3.02
N ARG B 172 -10.32 17.33 3.95
CA ARG B 172 -10.43 17.85 5.31
C ARG B 172 -10.14 16.72 6.29
N THR B 173 -8.94 16.74 6.87
CA THR B 173 -8.52 15.75 7.86
C THR B 173 -8.69 16.33 9.26
N PHE B 174 -9.36 15.57 10.14
CA PHE B 174 -9.70 16.01 11.48
C PHE B 174 -8.68 15.52 12.50
N PRO B 175 -8.51 16.26 13.61
CA PRO B 175 -7.58 15.81 14.64
C PRO B 175 -8.09 14.58 15.37
N SER B 176 -7.16 13.85 15.97
CA SER B 176 -7.50 12.62 16.68
C SER B 176 -8.21 12.95 17.98
N VAL B 177 -8.91 11.95 18.53
CA VAL B 177 -9.64 12.08 19.79
C VAL B 177 -9.40 10.81 20.60
N ARG B 178 -9.11 10.99 21.89
CA ARG B 178 -8.88 9.87 22.79
C ARG B 178 -10.21 9.29 23.27
N GLN B 179 -10.30 7.96 23.26
CA GLN B 179 -11.51 7.28 23.68
C GLN B 179 -11.43 6.89 25.15
N SER B 180 -12.45 6.17 25.62
CA SER B 180 -12.49 5.77 27.03
C SER B 180 -11.36 4.80 27.36
N SER B 181 -11.04 3.89 26.44
CA SER B 181 -10.02 2.87 26.66
C SER B 181 -8.59 3.39 26.41
N GLY B 182 -8.41 4.71 26.34
CA GLY B 182 -7.10 5.25 26.08
C GLY B 182 -6.63 5.10 24.65
N LEU B 183 -7.55 4.81 23.74
CA LEU B 183 -7.23 4.65 22.32
C LEU B 183 -7.64 5.90 21.55
N TYR B 184 -6.94 6.13 20.44
CA TYR B 184 -7.16 7.31 19.62
C TYR B 184 -7.93 6.93 18.36
N SER B 185 -8.73 7.88 17.86
CA SER B 185 -9.49 7.69 16.63
C SER B 185 -9.38 8.97 15.81
N LEU B 186 -9.21 8.81 14.50
CA LEU B 186 -9.08 9.92 13.58
C LEU B 186 -9.97 9.70 12.38
N SER B 187 -10.55 10.78 11.85
CA SER B 187 -11.43 10.72 10.70
C SER B 187 -10.99 11.76 9.67
N SER B 188 -11.04 11.38 8.40
CA SER B 188 -10.70 12.28 7.30
C SER B 188 -11.67 12.06 6.15
N VAL B 189 -12.16 13.14 5.56
CA VAL B 189 -13.14 13.09 4.49
C VAL B 189 -12.65 13.90 3.31
N VAL B 190 -13.19 13.58 2.13
CA VAL B 190 -12.86 14.26 0.88
C VAL B 190 -14.13 14.39 0.06
N SER B 191 -14.24 15.51 -0.67
CA SER B 191 -15.38 15.76 -1.53
C SER B 191 -14.89 15.81 -2.98
N VAL B 192 -15.49 14.98 -3.83
CA VAL B 192 -15.14 14.90 -5.24
C VAL B 192 -16.43 14.81 -6.05
N THR B 193 -16.30 15.10 -7.35
CA THR B 193 -17.44 14.98 -8.25
C THR B 193 -17.77 13.51 -8.50
N SER B 194 -19.02 13.27 -8.91
CA SER B 194 -19.47 11.91 -9.18
C SER B 194 -18.79 11.30 -10.39
N SER B 195 -18.32 12.12 -11.33
CA SER B 195 -17.65 11.60 -12.53
C SER B 195 -16.20 11.23 -12.29
N SER B 196 -15.63 11.59 -11.14
CA SER B 196 -14.23 11.30 -10.87
C SER B 196 -14.02 9.81 -10.61
N GLN B 197 -12.79 9.36 -10.83
CA GLN B 197 -12.43 7.98 -10.56
C GLN B 197 -12.43 7.73 -9.06
N PRO B 198 -12.54 6.47 -8.64
CA PRO B 198 -12.55 6.17 -7.19
C PRO B 198 -11.29 6.68 -6.52
N VAL B 199 -11.45 7.20 -5.31
CA VAL B 199 -10.37 7.81 -4.53
C VAL B 199 -9.91 6.84 -3.47
N THR B 200 -8.61 6.82 -3.21
CA THR B 200 -7.98 5.92 -2.25
C THR B 200 -7.39 6.75 -1.12
N CYS B 201 -7.68 6.36 0.12
CA CYS B 201 -7.05 6.98 1.28
C CYS B 201 -5.94 6.08 1.78
N ASN B 202 -4.81 6.70 2.14
CA ASN B 202 -3.60 5.98 2.52
C ASN B 202 -3.28 6.32 3.98
N VAL B 203 -3.75 5.47 4.88
CA VAL B 203 -3.45 5.60 6.31
C VAL B 203 -2.14 4.88 6.60
N ALA B 204 -1.19 5.60 7.20
CA ALA B 204 0.12 5.07 7.50
C ALA B 204 0.41 5.23 8.99
N HIS B 205 0.81 4.14 9.64
CA HIS B 205 1.16 4.14 11.06
C HIS B 205 2.62 3.71 11.19
N PRO B 206 3.56 4.65 11.28
CA PRO B 206 4.98 4.26 11.31
C PRO B 206 5.36 3.41 12.51
N ALA B 207 4.64 3.54 13.64
CA ALA B 207 5.00 2.78 14.83
C ALA B 207 4.80 1.28 14.62
N THR B 208 3.63 0.89 14.11
CA THR B 208 3.35 -0.50 13.81
C THR B 208 3.70 -0.87 12.37
N ASN B 209 4.22 0.08 11.60
CA ASN B 209 4.62 -0.15 10.21
C ASN B 209 3.45 -0.67 9.38
N THR B 210 2.27 -0.11 9.60
CA THR B 210 1.05 -0.50 8.90
C THR B 210 0.66 0.60 7.94
N LYS B 211 0.41 0.23 6.68
CA LYS B 211 -0.04 1.16 5.66
C LYS B 211 -1.27 0.56 4.99
N VAL B 212 -2.45 1.02 5.41
CA VAL B 212 -3.71 0.53 4.86
C VAL B 212 -4.14 1.45 3.73
N ASP B 213 -4.45 0.86 2.58
CA ASP B 213 -4.88 1.59 1.39
C ASP B 213 -6.31 1.16 1.08
N LYS B 214 -7.29 1.89 1.60
CA LYS B 214 -8.69 1.64 1.33
C LYS B 214 -9.19 2.64 0.30
N THR B 215 -9.70 2.14 -0.81
CA THR B 215 -10.21 3.00 -1.88
C THR B 215 -11.73 3.02 -1.85
N VAL B 216 -12.31 4.20 -2.09
CA VAL B 216 -13.75 4.39 -2.07
C VAL B 216 -14.17 5.01 -3.38
N ALA B 217 -15.42 4.79 -3.74
CA ALA B 217 -16.03 5.26 -4.98
C ALA B 217 -17.32 6.00 -4.66
N PRO B 218 -17.76 6.89 -5.54
CA PRO B 218 -19.03 7.59 -5.30
C PRO B 218 -20.21 6.65 -5.12
N SER B 219 -20.17 5.48 -5.76
CA SER B 219 -21.26 4.51 -5.68
C SER B 219 -21.32 3.80 -4.32
N THR B 220 -20.33 4.01 -3.45
CA THR B 220 -20.29 3.31 -2.18
C THR B 220 -21.45 3.73 -1.29
N CYS B 221 -21.99 2.76 -0.56
CA CYS B 221 -23.06 3.00 0.41
C CYS B 221 -22.73 2.36 1.75
N THR C 1 15.97 32.05 43.10
CA THR C 1 14.57 32.09 43.51
C THR C 1 13.66 31.67 42.37
N GLY C 2 12.49 31.15 42.72
CA GLY C 2 11.54 30.68 41.72
C GLY C 2 10.84 31.80 41.00
N GLN C 3 11.08 31.93 39.70
CA GLN C 3 10.48 32.96 38.88
C GLN C 3 9.26 32.38 38.16
N VAL C 4 8.12 33.08 38.26
CA VAL C 4 6.87 32.62 37.68
C VAL C 4 6.38 33.66 36.68
N LEU C 5 5.88 33.20 35.54
CA LEU C 5 5.40 34.04 34.46
C LEU C 5 3.90 33.88 34.31
N THR C 6 3.17 35.00 34.37
CA THR C 6 1.72 35.00 34.28
C THR C 6 1.32 35.64 32.96
N GLN C 7 0.54 34.91 32.16
CA GLN C 7 0.09 35.39 30.86
C GLN C 7 -1.43 35.42 30.83
N THR C 8 -1.99 36.58 30.47
CA THR C 8 -3.43 36.79 30.44
C THR C 8 -3.79 37.58 29.19
N PRO C 9 -5.01 37.37 28.65
CA PRO C 9 -5.99 36.38 29.09
C PRO C 9 -5.73 35.00 28.49
N ALA C 10 -6.34 33.96 29.08
CA ALA C 10 -6.17 32.61 28.55
C ALA C 10 -6.73 32.50 27.14
N SER C 11 -7.90 33.08 26.91
CA SER C 11 -8.54 33.07 25.60
C SER C 11 -9.06 34.46 25.28
N VAL C 12 -8.95 34.86 24.02
CA VAL C 12 -9.41 36.16 23.55
C VAL C 12 -10.12 35.98 22.22
N SER C 13 -11.20 36.72 22.03
CA SER C 13 -12.01 36.64 20.81
C SER C 13 -12.17 38.05 20.24
N GLU C 14 -11.52 38.32 19.11
CA GLU C 14 -11.58 39.62 18.48
C GLU C 14 -11.89 39.46 16.99
N PRO C 15 -12.69 40.34 16.41
CA PRO C 15 -13.07 40.20 15.00
C PRO C 15 -11.92 40.59 14.08
N VAL C 16 -12.14 40.35 12.78
CA VAL C 16 -11.16 40.73 11.78
C VAL C 16 -10.99 42.25 11.77
N GLU C 17 -9.81 42.70 11.39
CA GLU C 17 -9.41 44.11 11.34
C GLU C 17 -9.40 44.75 12.71
N GLY C 18 -9.56 43.98 13.78
CA GLY C 18 -9.54 44.48 15.13
C GLY C 18 -8.16 44.45 15.73
N THR C 19 -8.11 44.52 17.06
CA THR C 19 -6.86 44.49 17.80
C THR C 19 -6.94 43.47 18.92
N VAL C 20 -5.78 42.88 19.24
CA VAL C 20 -5.67 41.87 20.29
C VAL C 20 -4.60 42.32 21.28
N THR C 21 -4.92 42.25 22.57
CA THR C 21 -4.00 42.64 23.63
C THR C 21 -3.74 41.43 24.53
N ILE C 22 -2.46 41.08 24.67
CA ILE C 22 -2.04 39.97 25.52
C ILE C 22 -1.09 40.51 26.59
N LYS C 23 -1.40 40.24 27.85
CA LYS C 23 -0.63 40.74 28.97
C LYS C 23 0.23 39.62 29.55
N CYS C 24 1.53 39.88 29.69
CA CYS C 24 2.48 38.92 30.26
C CYS C 24 3.23 39.61 31.38
N GLN C 25 3.03 39.15 32.62
CA GLN C 25 3.60 39.77 33.80
C GLN C 25 4.57 38.79 34.46
N ALA C 26 5.73 39.30 34.86
CA ALA C 26 6.79 38.49 35.45
C ALA C 26 6.83 38.71 36.97
N SER C 27 7.00 37.61 37.72
CA SER C 27 7.10 37.71 39.16
C SER C 27 8.34 38.50 39.57
N GLN C 28 9.46 38.26 38.89
CA GLN C 28 10.70 38.99 39.14
C GLN C 28 10.95 39.94 37.99
N SER C 29 11.50 41.12 38.31
CA SER C 29 11.72 42.13 37.29
C SER C 29 12.79 41.69 36.30
N ILE C 30 12.49 41.87 35.01
CA ILE C 30 13.43 41.57 33.93
C ILE C 30 13.62 42.85 33.12
N ASN C 31 14.89 43.24 32.94
CA ASN C 31 15.22 44.46 32.20
C ASN C 31 14.99 44.22 30.71
N ASN C 32 13.72 44.31 30.31
CA ASN C 32 13.30 44.26 28.90
C ASN C 32 13.78 43.00 28.19
N TRP C 33 13.87 41.89 28.92
CA TRP C 33 14.21 40.59 28.34
C TRP C 33 12.94 39.77 28.22
N LEU C 34 12.30 39.81 27.05
CA LEU C 34 11.12 39.00 26.81
C LEU C 34 11.08 38.62 25.34
N SER C 35 10.40 37.51 25.05
CA SER C 35 10.22 37.03 23.69
C SER C 35 8.78 36.59 23.51
N TRP C 36 8.25 36.81 22.31
CA TRP C 36 6.90 36.42 21.96
C TRP C 36 6.96 35.40 20.83
N TYR C 37 6.26 34.29 20.99
CA TYR C 37 6.28 33.20 20.02
C TYR C 37 4.87 32.91 19.53
N GLN C 38 4.77 32.55 18.25
CA GLN C 38 3.52 32.11 17.64
C GLN C 38 3.65 30.64 17.30
N GLN C 39 2.74 29.82 17.80
CA GLN C 39 2.78 28.38 17.61
C GLN C 39 1.45 27.93 17.01
N ARG C 40 1.49 27.56 15.72
CA ARG C 40 0.34 26.95 15.08
C ARG C 40 0.33 25.45 15.39
N PRO C 41 -0.85 24.82 15.38
CA PRO C 41 -0.91 23.38 15.64
C PRO C 41 -0.12 22.60 14.60
N GLY C 42 0.62 21.60 15.06
CA GLY C 42 1.44 20.78 14.18
C GLY C 42 2.49 21.56 13.42
N GLN C 43 2.95 22.68 13.98
CA GLN C 43 3.91 23.55 13.32
C GLN C 43 4.98 23.97 14.33
N PRO C 44 6.19 24.20 13.88
CA PRO C 44 7.22 24.73 14.77
C PRO C 44 6.87 26.14 15.21
N PRO C 45 7.09 26.47 16.48
CA PRO C 45 6.84 27.84 16.94
C PRO C 45 7.70 28.84 16.20
N LYS C 46 7.13 30.00 15.92
CA LYS C 46 7.79 31.07 15.20
C LYS C 46 8.05 32.25 16.14
N LEU C 47 9.26 32.79 16.08
CA LEU C 47 9.65 33.93 16.89
C LEU C 47 9.25 35.21 16.17
N LEU C 48 8.45 36.05 16.84
CA LEU C 48 8.02 37.32 16.28
C LEU C 48 8.60 38.53 16.98
N ILE C 49 8.61 38.54 18.31
CA ILE C 49 9.13 39.63 19.10
C ILE C 49 10.23 39.10 20.01
N TYR C 50 11.41 39.71 19.95
CA TYR C 50 12.50 39.42 20.87
C TYR C 50 13.03 40.72 21.43
N ASP C 51 13.60 40.65 22.63
CA ASP C 51 13.98 41.82 23.42
C ASP C 51 12.78 42.69 23.78
N ALA C 52 11.58 42.11 23.66
CA ALA C 52 10.30 42.69 24.08
C ALA C 52 9.85 43.84 23.18
N SER C 53 10.70 44.28 22.26
CA SER C 53 10.33 45.36 21.36
C SER C 53 10.76 45.16 19.91
N THR C 54 11.65 44.22 19.61
CA THR C 54 12.22 44.12 18.27
C THR C 54 11.44 43.10 17.44
N VAL C 55 11.07 43.50 16.23
CA VAL C 55 10.36 42.62 15.31
C VAL C 55 11.38 41.77 14.56
N ALA C 56 11.17 40.45 14.57
CA ALA C 56 12.06 39.55 13.87
C ALA C 56 11.95 39.75 12.37
N SER C 57 13.05 39.48 11.66
CA SER C 57 13.08 39.65 10.22
C SER C 57 12.07 38.71 9.57
N GLY C 58 11.30 39.25 8.63
CA GLY C 58 10.26 38.50 7.97
C GLY C 58 8.90 38.57 8.63
N VAL C 59 8.80 39.16 9.81
CA VAL C 59 7.54 39.31 10.52
C VAL C 59 6.92 40.66 10.14
N SER C 60 5.62 40.66 9.91
CA SER C 60 4.94 41.89 9.50
C SER C 60 4.98 42.92 10.62
N SER C 61 4.97 44.20 10.22
CA SER C 61 5.01 45.30 11.17
C SER C 61 3.75 45.40 12.01
N ARG C 62 2.70 44.66 11.67
CA ARG C 62 1.46 44.70 12.45
C ARG C 62 1.63 44.13 13.84
N PHE C 63 2.68 43.36 14.09
CA PHE C 63 2.99 42.85 15.42
C PHE C 63 3.86 43.87 16.14
N LYS C 64 3.38 44.37 17.27
CA LYS C 64 4.12 45.36 18.07
C LYS C 64 4.24 44.87 19.50
N GLY C 65 5.46 44.89 20.03
CA GLY C 65 5.72 44.50 21.40
C GLY C 65 6.17 45.70 22.21
N SER C 66 5.61 45.84 23.40
CA SER C 66 5.94 46.95 24.29
C SER C 66 5.95 46.45 25.72
N GLY C 67 6.63 47.22 26.58
CA GLY C 67 6.72 46.89 27.98
C GLY C 67 8.15 46.78 28.49
N SER C 68 8.33 46.96 29.79
CA SER C 68 9.64 46.83 30.41
C SER C 68 9.43 46.56 31.90
N GLY C 69 10.47 46.00 32.52
CA GLY C 69 10.42 45.73 33.94
C GLY C 69 9.71 44.43 34.28
N THR C 70 8.50 44.52 34.82
CA THR C 70 7.76 43.34 35.24
C THR C 70 6.46 43.16 34.48
N GLU C 71 6.09 44.06 33.59
CA GLU C 71 4.85 43.98 32.85
C GLU C 71 5.10 44.28 31.37
N PHE C 72 4.59 43.42 30.50
CA PHE C 72 4.73 43.56 29.06
C PHE C 72 3.39 43.28 28.39
N THR C 73 3.23 43.85 27.20
CA THR C 73 2.01 43.64 26.41
C THR C 73 2.38 43.41 24.96
N LEU C 74 1.54 42.64 24.27
CA LEU C 74 1.67 42.38 22.84
C LEU C 74 0.37 42.77 22.14
N THR C 75 0.49 43.57 21.09
CA THR C 75 -0.66 44.05 20.34
C THR C 75 -0.58 43.57 18.90
N ILE C 76 -1.69 43.06 18.38
CA ILE C 76 -1.81 42.64 16.99
C ILE C 76 -2.83 43.57 16.34
N SER C 77 -2.37 44.40 15.41
CA SER C 77 -3.22 45.34 14.71
C SER C 77 -3.51 44.82 13.30
N ASP C 78 -4.64 45.25 12.75
CA ASP C 78 -5.11 44.78 11.46
C ASP C 78 -5.20 43.26 11.45
N LEU C 79 -6.06 42.75 12.33
CA LEU C 79 -6.16 41.31 12.55
C LEU C 79 -6.56 40.59 11.28
N GLU C 80 -5.93 39.45 11.03
CA GLU C 80 -6.18 38.62 9.86
C GLU C 80 -6.58 37.22 10.31
N CYS C 81 -7.06 36.43 9.34
CA CYS C 81 -7.46 35.06 9.65
C CYS C 81 -6.26 34.19 9.97
N ALA C 82 -5.12 34.43 9.31
CA ALA C 82 -3.91 33.65 9.58
C ALA C 82 -3.36 33.90 10.97
N ASP C 83 -3.76 34.99 11.64
CA ASP C 83 -3.25 35.29 12.97
C ASP C 83 -3.88 34.44 14.06
N ALA C 84 -4.94 33.70 13.76
CA ALA C 84 -5.58 32.84 14.75
C ALA C 84 -4.64 31.70 15.10
N ALA C 85 -4.05 31.77 16.30
CA ALA C 85 -3.08 30.77 16.75
C ALA C 85 -2.96 30.87 18.26
N THR C 86 -1.96 30.18 18.81
CA THR C 86 -1.65 30.22 20.23
C THR C 86 -0.37 31.01 20.43
N TYR C 87 -0.37 31.91 21.40
CA TYR C 87 0.77 32.79 21.66
C TYR C 87 1.26 32.63 23.10
N ALA C 88 2.57 32.72 23.29
CA ALA C 88 3.17 32.59 24.60
C ALA C 88 4.38 33.49 24.70
N CYS C 89 4.72 33.87 25.93
CA CYS C 89 5.85 34.75 26.21
C CYS C 89 6.92 33.96 26.97
N GLN C 90 8.18 34.23 26.64
CA GLN C 90 9.32 33.59 27.29
C GLN C 90 10.16 34.66 27.99
N SER C 91 10.46 34.42 29.26
CA SER C 91 11.31 35.31 30.06
C SER C 91 12.69 34.69 30.16
N TYR C 92 13.67 35.33 29.53
CA TYR C 92 15.04 34.82 29.48
C TYR C 92 15.98 35.78 30.19
N GLY C 93 16.98 35.21 30.87
CA GLY C 93 17.97 36.02 31.56
C GLY C 93 19.35 35.85 30.97
N TYR C 94 20.26 36.78 31.26
CA TYR C 94 21.60 36.77 30.71
C TYR C 94 22.63 36.95 31.82
N GLY C 95 23.82 36.40 31.60
CA GLY C 95 24.93 36.54 32.50
C GLY C 95 24.70 35.94 33.88
N ILE C 96 24.55 36.80 34.89
CA ILE C 96 24.31 36.32 36.24
C ILE C 96 22.93 35.70 36.36
N SER C 97 21.94 36.26 35.65
CA SER C 97 20.55 35.85 35.81
C SER C 97 20.17 34.65 34.95
N ILE C 98 21.14 33.86 34.50
CA ILE C 98 20.81 32.66 33.73
C ILE C 98 20.15 31.66 34.65
N THR C 99 18.98 31.15 34.22
CA THR C 99 18.17 30.18 34.95
C THR C 99 17.57 30.81 36.21
N ASP C 100 17.95 32.05 36.53
CA ASP C 100 17.34 32.72 37.68
C ASP C 100 15.92 33.15 37.35
N ASN C 101 15.73 33.70 36.15
CA ASN C 101 14.41 34.08 35.64
C ASN C 101 14.31 33.47 34.24
N SER C 102 13.92 32.21 34.18
CA SER C 102 13.79 31.47 32.92
C SER C 102 12.53 30.63 33.00
N ALA C 103 11.45 31.15 32.43
CA ALA C 103 10.16 30.47 32.47
C ALA C 103 9.39 30.80 31.20
N PHE C 104 8.34 30.03 30.97
CA PHE C 104 7.50 30.18 29.80
C PHE C 104 6.09 30.62 30.21
N GLY C 105 5.43 31.34 29.33
CA GLY C 105 4.10 31.82 29.63
C GLY C 105 3.08 30.70 29.65
N GLY C 106 1.93 31.00 30.26
CA GLY C 106 0.86 30.01 30.32
C GLY C 106 0.31 29.66 28.96
N GLY C 107 0.22 30.65 28.08
CA GLY C 107 -0.29 30.45 26.73
C GLY C 107 -1.66 31.07 26.59
N THR C 108 -1.88 31.76 25.47
CA THR C 108 -3.15 32.41 25.19
C THR C 108 -3.70 31.91 23.86
N GLU C 109 -5.02 31.72 23.80
CA GLU C 109 -5.70 31.25 22.60
C GLU C 109 -6.38 32.42 21.92
N VAL C 110 -6.07 32.62 20.63
CA VAL C 110 -6.61 33.73 19.85
C VAL C 110 -7.54 33.16 18.79
N VAL C 111 -8.81 33.54 18.85
CA VAL C 111 -9.80 33.17 17.86
C VAL C 111 -10.26 34.43 17.15
N VAL C 112 -10.32 34.39 15.83
CA VAL C 112 -10.64 35.55 15.01
C VAL C 112 -12.09 35.41 14.55
N ARG C 113 -12.93 36.36 14.96
CA ARG C 113 -14.34 36.34 14.58
C ARG C 113 -14.50 36.83 13.15
N GLY C 114 -15.15 36.02 12.33
CA GLY C 114 -15.42 36.38 10.95
C GLY C 114 -16.90 36.40 10.62
N ASP C 115 -17.23 36.51 9.35
CA ASP C 115 -18.63 36.51 8.94
C ASP C 115 -19.24 35.13 9.19
N PRO C 116 -20.34 35.03 9.92
CA PRO C 116 -20.90 33.71 10.24
C PRO C 116 -21.33 32.96 8.99
N VAL C 117 -21.08 31.65 9.00
CA VAL C 117 -21.43 30.76 7.90
C VAL C 117 -22.21 29.58 8.45
N ALA C 118 -23.30 29.21 7.80
CA ALA C 118 -24.10 28.09 8.24
C ALA C 118 -23.34 26.78 8.02
N PRO C 119 -23.51 25.81 8.92
CA PRO C 119 -22.80 24.52 8.77
C PRO C 119 -23.54 23.60 7.81
N SER C 120 -22.81 23.06 6.84
CA SER C 120 -23.31 21.99 5.98
C SER C 120 -23.05 20.66 6.68
N VAL C 121 -24.11 20.02 7.15
CA VAL C 121 -24.00 18.85 8.02
C VAL C 121 -24.10 17.59 7.17
N LEU C 122 -23.15 16.68 7.37
CA LEU C 122 -23.12 15.39 6.70
C LEU C 122 -23.06 14.28 7.72
N ILE C 123 -23.81 13.21 7.49
CA ILE C 123 -23.83 12.06 8.38
C ILE C 123 -23.45 10.82 7.58
N PHE C 124 -22.67 9.94 8.21
CA PHE C 124 -22.21 8.70 7.58
C PHE C 124 -22.63 7.51 8.42
N PRO C 125 -23.45 6.60 7.91
CA PRO C 125 -23.79 5.39 8.65
C PRO C 125 -22.58 4.49 8.78
N PRO C 126 -22.54 3.62 9.79
CA PRO C 126 -21.39 2.73 9.96
C PRO C 126 -21.22 1.79 8.78
N ALA C 127 -19.95 1.47 8.48
CA ALA C 127 -19.64 0.60 7.36
C ALA C 127 -20.02 -0.84 7.68
N ALA C 128 -20.06 -1.66 6.63
CA ALA C 128 -20.39 -3.07 6.80
C ALA C 128 -19.34 -3.79 7.64
N ASP C 129 -18.06 -3.43 7.44
CA ASP C 129 -16.99 -4.07 8.19
C ASP C 129 -17.03 -3.73 9.67
N GLN C 130 -17.66 -2.61 10.03
CA GLN C 130 -17.64 -2.15 11.41
C GLN C 130 -18.51 -3.01 12.31
N VAL C 131 -19.70 -3.38 11.83
CA VAL C 131 -20.65 -4.11 12.67
C VAL C 131 -20.11 -5.48 13.06
N ALA C 132 -19.25 -6.06 12.22
CA ALA C 132 -18.72 -7.39 12.50
C ALA C 132 -17.79 -7.38 13.72
N THR C 133 -17.13 -6.25 13.98
CA THR C 133 -16.18 -6.17 15.09
C THR C 133 -16.87 -6.17 16.45
N GLY C 134 -18.13 -5.73 16.51
CA GLY C 134 -18.87 -5.66 17.75
C GLY C 134 -18.98 -4.27 18.35
N THR C 135 -18.07 -3.37 17.98
CA THR C 135 -18.13 -1.98 18.40
C THR C 135 -18.42 -1.11 17.18
N VAL C 136 -19.44 -0.27 17.29
CA VAL C 136 -19.94 0.51 16.17
C VAL C 136 -19.94 1.98 16.57
N THR C 137 -19.45 2.84 15.68
CA THR C 137 -19.47 4.27 15.88
C THR C 137 -20.02 4.95 14.64
N ILE C 138 -20.70 6.09 14.84
CA ILE C 138 -21.34 6.83 13.78
C ILE C 138 -20.68 8.20 13.69
N VAL C 139 -20.35 8.61 12.47
CA VAL C 139 -19.61 9.85 12.23
C VAL C 139 -20.57 10.88 11.64
N CYS C 140 -20.61 12.05 12.27
CA CYS C 140 -21.38 13.19 11.78
C CYS C 140 -20.47 14.41 11.78
N VAL C 141 -20.44 15.13 10.67
CA VAL C 141 -19.52 16.25 10.51
C VAL C 141 -20.30 17.50 10.14
N ALA C 142 -19.75 18.66 10.55
CA ALA C 142 -20.27 19.97 10.19
C ALA C 142 -19.13 20.75 9.55
N ASN C 143 -19.35 21.25 8.34
CA ASN C 143 -18.29 21.81 7.52
C ASN C 143 -18.51 23.30 7.29
N LYS C 144 -17.42 24.06 7.42
CA LYS C 144 -17.38 25.48 7.04
C LYS C 144 -18.43 26.29 7.79
N TYR C 145 -18.24 26.36 9.11
CA TYR C 145 -19.18 27.03 9.99
C TYR C 145 -18.45 27.95 10.96
N PHE C 146 -19.17 28.96 11.45
CA PHE C 146 -18.73 29.91 12.45
C PHE C 146 -19.93 30.67 12.99
N PRO C 147 -20.04 30.85 14.31
CA PRO C 147 -19.13 30.40 15.36
C PRO C 147 -19.35 28.95 15.78
N ASP C 148 -18.88 28.61 16.98
CA ASP C 148 -18.95 27.24 17.46
C ASP C 148 -20.40 26.79 17.62
N VAL C 149 -20.60 25.48 17.52
CA VAL C 149 -21.93 24.88 17.54
C VAL C 149 -21.98 23.82 18.64
N THR C 150 -23.19 23.36 18.92
CA THR C 150 -23.43 22.26 19.86
C THR C 150 -24.08 21.12 19.11
N VAL C 151 -23.59 19.90 19.34
CA VAL C 151 -24.03 18.72 18.61
C VAL C 151 -24.89 17.87 19.54
N THR C 152 -26.06 17.45 19.05
CA THR C 152 -27.00 16.64 19.80
C THR C 152 -27.26 15.35 19.05
N TRP C 153 -27.22 14.22 19.77
CA TRP C 153 -27.49 12.91 19.21
C TRP C 153 -28.80 12.38 19.78
N GLU C 154 -29.68 11.91 18.90
CA GLU C 154 -30.98 11.37 19.30
C GLU C 154 -31.19 10.03 18.63
N VAL C 155 -31.64 9.05 19.40
CA VAL C 155 -31.99 7.72 18.88
C VAL C 155 -33.47 7.48 19.15
N ASP C 156 -34.26 7.34 18.08
CA ASP C 156 -35.70 7.13 18.18
C ASP C 156 -36.38 8.23 19.01
N GLY C 157 -35.79 9.43 18.99
CA GLY C 157 -36.33 10.57 19.71
C GLY C 157 -35.70 10.82 21.06
N THR C 158 -34.95 9.86 21.61
CA THR C 158 -34.32 10.01 22.92
C THR C 158 -32.88 10.48 22.74
N THR C 159 -32.51 11.52 23.49
CA THR C 159 -31.18 12.10 23.37
C THR C 159 -30.14 11.21 24.03
N GLN C 160 -29.03 10.98 23.33
CA GLN C 160 -27.93 10.21 23.87
C GLN C 160 -27.07 11.07 24.79
N THR C 161 -26.38 10.41 25.72
CA THR C 161 -25.57 11.12 26.70
C THR C 161 -24.17 10.53 26.80
N THR C 162 -24.02 9.26 26.47
CA THR C 162 -22.77 8.53 26.65
C THR C 162 -22.20 8.11 25.31
N GLY C 163 -20.87 8.12 25.22
CA GLY C 163 -20.20 7.65 24.03
C GLY C 163 -20.18 8.62 22.87
N ILE C 164 -20.04 9.91 23.15
CA ILE C 164 -19.99 10.94 22.12
C ILE C 164 -18.64 11.64 22.20
N GLU C 165 -17.97 11.74 21.05
CA GLU C 165 -16.66 12.40 20.96
C GLU C 165 -16.71 13.45 19.86
N ASN C 166 -16.07 14.59 20.11
CA ASN C 166 -16.07 15.71 19.18
C ASN C 166 -14.64 16.17 18.94
N SER C 167 -14.28 16.33 17.67
CA SER C 167 -12.99 16.86 17.27
C SER C 167 -13.21 18.05 16.35
N LYS C 168 -12.61 19.19 16.69
CA LYS C 168 -12.83 20.45 15.99
C LYS C 168 -11.57 20.87 15.25
N THR C 169 -11.72 21.20 13.97
CA THR C 169 -10.60 21.68 13.18
C THR C 169 -10.24 23.11 13.60
N PRO C 170 -8.94 23.45 13.61
CA PRO C 170 -8.56 24.85 13.83
C PRO C 170 -9.09 25.74 12.70
N GLN C 171 -9.24 27.03 13.02
CA GLN C 171 -9.80 27.98 12.08
C GLN C 171 -8.99 28.04 10.79
N ASN C 172 -9.70 28.09 9.68
CA ASN C 172 -9.04 28.20 8.38
C ASN C 172 -8.34 29.54 8.24
N SER C 173 -7.14 29.52 7.67
CA SER C 173 -6.32 30.71 7.48
C SER C 173 -6.83 31.61 6.38
N ALA C 174 -8.00 31.33 5.79
CA ALA C 174 -8.54 32.13 4.70
C ALA C 174 -9.86 32.79 5.06
N ASP C 175 -10.80 32.05 5.62
CA ASP C 175 -12.13 32.58 5.90
C ASP C 175 -12.53 32.48 7.37
N CYS C 176 -11.64 32.03 8.25
CA CYS C 176 -11.89 31.95 9.69
C CYS C 176 -13.11 31.09 9.99
N THR C 177 -13.06 29.85 9.50
CA THR C 177 -14.18 28.92 9.64
C THR C 177 -13.71 27.62 10.30
N TYR C 178 -14.65 26.94 10.94
CA TYR C 178 -14.38 25.71 11.66
C TYR C 178 -14.90 24.49 10.89
N ASN C 179 -14.40 23.32 11.28
CA ASN C 179 -14.93 22.04 10.83
C ASN C 179 -14.95 21.10 12.02
N LEU C 180 -16.09 20.48 12.27
CA LEU C 180 -16.26 19.63 13.43
C LEU C 180 -16.68 18.22 13.01
N SER C 181 -16.16 17.22 13.72
CA SER C 181 -16.53 15.83 13.52
C SER C 181 -17.03 15.26 14.84
N SER C 182 -18.24 14.72 14.84
CA SER C 182 -18.86 14.14 16.02
C SER C 182 -19.01 12.64 15.82
N THR C 183 -18.48 11.86 16.76
CA THR C 183 -18.53 10.40 16.70
C THR C 183 -19.35 9.88 17.87
N LEU C 184 -20.35 9.04 17.57
CA LEU C 184 -21.18 8.40 18.58
C LEU C 184 -20.88 6.90 18.55
N THR C 185 -20.17 6.43 19.56
CA THR C 185 -19.73 5.04 19.63
C THR C 185 -20.70 4.23 20.48
N LEU C 186 -21.15 3.10 19.94
CA LEU C 186 -22.05 2.19 20.63
C LEU C 186 -21.57 0.77 20.40
N THR C 187 -22.40 -0.20 20.80
CA THR C 187 -22.13 -1.60 20.57
C THR C 187 -23.06 -2.12 19.48
N SER C 188 -22.63 -3.16 18.77
CA SER C 188 -23.42 -3.71 17.68
C SER C 188 -24.77 -4.21 18.17
N THR C 189 -24.82 -4.73 19.40
CA THR C 189 -26.10 -5.14 19.98
C THR C 189 -27.04 -3.95 20.15
N GLN C 190 -26.50 -2.83 20.63
CA GLN C 190 -27.32 -1.62 20.80
C GLN C 190 -27.72 -1.04 19.44
N TYR C 191 -26.81 -1.07 18.48
CA TYR C 191 -27.08 -0.46 17.18
C TYR C 191 -28.17 -1.20 16.41
N ASN C 192 -28.32 -2.50 16.65
CA ASN C 192 -29.32 -3.30 15.95
C ASN C 192 -30.70 -3.20 16.58
N SER C 193 -30.86 -2.42 17.64
CA SER C 193 -32.17 -2.28 18.29
C SER C 193 -32.93 -1.06 17.77
N HIS C 194 -32.29 0.11 17.74
CA HIS C 194 -32.93 1.32 17.29
C HIS C 194 -32.83 1.48 15.78
N LYS C 195 -33.70 2.31 15.23
CA LYS C 195 -33.75 2.56 13.79
C LYS C 195 -33.46 4.00 13.43
N GLU C 196 -34.08 4.96 14.11
CA GLU C 196 -33.91 6.37 13.79
C GLU C 196 -32.69 6.92 14.53
N TYR C 197 -31.67 7.33 13.77
CA TYR C 197 -30.47 7.94 14.31
C TYR C 197 -30.35 9.35 13.76
N THR C 198 -30.26 10.33 14.64
CA THR C 198 -30.30 11.74 14.24
C THR C 198 -29.09 12.48 14.79
N CYS C 199 -28.45 13.27 13.94
CA CYS C 199 -27.39 14.18 14.34
C CYS C 199 -27.88 15.61 14.15
N LYS C 200 -27.90 16.38 15.23
CA LYS C 200 -28.44 17.74 15.22
C LYS C 200 -27.32 18.72 15.55
N VAL C 201 -27.09 19.69 14.66
CA VAL C 201 -26.09 20.73 14.85
C VAL C 201 -26.81 22.06 15.01
N THR C 202 -26.59 22.73 16.14
CA THR C 202 -27.27 23.98 16.47
C THR C 202 -26.24 25.11 16.49
N GLN C 203 -26.48 26.13 15.69
CA GLN C 203 -25.64 27.33 15.63
C GLN C 203 -26.47 28.50 16.15
N GLY C 204 -26.48 28.67 17.46
CA GLY C 204 -27.32 29.68 18.07
C GLY C 204 -28.79 29.39 17.87
N THR C 205 -29.45 30.20 17.04
CA THR C 205 -30.85 29.96 16.70
C THR C 205 -31.01 28.98 15.53
N THR C 206 -30.03 28.91 14.64
CA THR C 206 -30.09 28.02 13.49
C THR C 206 -29.74 26.60 13.91
N SER C 207 -30.53 25.64 13.46
CA SER C 207 -30.29 24.23 13.72
C SER C 207 -30.39 23.45 12.42
N VAL C 208 -29.37 22.64 12.13
CA VAL C 208 -29.36 21.78 10.96
C VAL C 208 -29.42 20.34 11.44
N VAL C 209 -30.49 19.64 11.07
CA VAL C 209 -30.75 18.28 11.53
C VAL C 209 -30.52 17.33 10.36
N GLN C 210 -29.65 16.34 10.58
CA GLN C 210 -29.36 15.31 9.58
C GLN C 210 -29.57 13.95 10.23
N SER C 211 -30.42 13.13 9.63
CA SER C 211 -30.80 11.85 10.21
C SER C 211 -30.78 10.77 9.13
N PHE C 212 -30.86 9.53 9.57
CA PHE C 212 -30.95 8.39 8.66
C PHE C 212 -31.59 7.22 9.38
N ASN C 213 -32.12 6.29 8.61
CA ASN C 213 -32.80 5.11 9.13
C ASN C 213 -32.00 3.86 8.79
N ARG C 214 -31.84 2.98 9.77
CA ARG C 214 -31.11 1.74 9.57
C ARG C 214 -31.85 0.84 8.60
N GLY C 215 -31.09 0.13 7.76
CA GLY C 215 -31.68 -0.75 6.77
C GLY C 215 -32.26 -0.07 5.57
N ASP C 216 -31.92 1.20 5.35
CA ASP C 216 -32.43 1.94 4.20
C ASP C 216 -31.27 2.37 3.29
N GLN D 3 -2.44 -14.90 -27.08
CA GLN D 3 -3.79 -15.44 -27.09
C GLN D 3 -4.20 -15.86 -25.69
N SER D 4 -5.32 -15.32 -25.21
CA SER D 4 -5.75 -15.60 -23.85
C SER D 4 -7.24 -15.33 -23.72
N LEU D 5 -7.83 -15.89 -22.67
CA LEU D 5 -9.22 -15.64 -22.30
C LEU D 5 -9.26 -15.09 -20.89
N VAL D 6 -10.11 -14.08 -20.67
CA VAL D 6 -10.21 -13.40 -19.38
C VAL D 6 -11.64 -13.50 -18.88
N GLU D 7 -11.80 -13.97 -17.64
CA GLU D 7 -13.11 -14.09 -17.00
C GLU D 7 -13.27 -12.97 -15.97
N SER D 8 -14.38 -12.26 -16.05
CA SER D 8 -14.71 -11.18 -15.13
C SER D 8 -15.92 -11.58 -14.28
N GLY D 9 -16.30 -10.68 -13.37
CA GLY D 9 -17.41 -10.97 -12.48
C GLY D 9 -17.00 -11.93 -11.37
N GLY D 10 -17.99 -12.68 -10.87
CA GLY D 10 -17.73 -13.67 -9.85
C GLY D 10 -17.46 -13.08 -8.48
N ASP D 11 -18.48 -12.47 -7.88
CA ASP D 11 -18.40 -11.92 -6.54
C ASP D 11 -19.22 -12.78 -5.59
N LEU D 12 -19.31 -12.33 -4.35
CA LEU D 12 -20.14 -13.03 -3.36
C LEU D 12 -21.61 -12.74 -3.62
N VAL D 13 -22.41 -13.79 -3.72
CA VAL D 13 -23.83 -13.68 -4.04
C VAL D 13 -24.63 -14.39 -2.96
N LYS D 14 -25.72 -13.77 -2.53
CA LYS D 14 -26.59 -14.38 -1.55
C LYS D 14 -27.31 -15.58 -2.15
N PRO D 15 -27.73 -16.54 -1.32
CA PRO D 15 -28.49 -17.68 -1.85
C PRO D 15 -29.79 -17.22 -2.49
N GLU D 16 -30.22 -17.98 -3.51
CA GLU D 16 -31.39 -17.69 -4.33
C GLU D 16 -31.22 -16.43 -5.18
N GLY D 17 -30.04 -15.82 -5.16
CA GLY D 17 -29.78 -14.64 -5.95
C GLY D 17 -29.35 -14.98 -7.36
N SER D 18 -28.92 -13.94 -8.08
CA SER D 18 -28.51 -14.06 -9.47
C SER D 18 -27.19 -13.35 -9.68
N LEU D 19 -26.40 -13.85 -10.64
CA LEU D 19 -25.11 -13.27 -10.97
C LEU D 19 -24.82 -13.52 -12.44
N THR D 20 -24.27 -12.52 -13.11
CA THR D 20 -23.93 -12.60 -14.53
C THR D 20 -22.42 -12.53 -14.68
N LEU D 21 -21.84 -13.52 -15.34
CA LEU D 21 -20.41 -13.56 -15.62
C LEU D 21 -20.14 -13.09 -17.05
N THR D 22 -18.91 -12.64 -17.27
CA THR D 22 -18.50 -12.14 -18.58
C THR D 22 -17.11 -12.66 -18.91
N CYS D 23 -16.95 -13.09 -20.17
CA CYS D 23 -15.67 -13.58 -20.67
C CYS D 23 -15.23 -12.70 -21.82
N THR D 24 -13.97 -12.26 -21.78
CA THR D 24 -13.43 -11.34 -22.77
C THR D 24 -12.20 -11.93 -23.46
N ALA D 25 -12.07 -11.64 -24.74
CA ALA D 25 -10.92 -12.05 -25.54
C ALA D 25 -9.97 -10.88 -25.70
N SER D 26 -8.67 -11.17 -25.74
CA SER D 26 -7.64 -10.15 -25.80
C SER D 26 -6.87 -10.26 -27.12
N GLY D 27 -6.94 -9.20 -27.91
CA GLY D 27 -6.16 -9.09 -29.15
C GLY D 27 -6.44 -10.17 -30.16
N PHE D 28 -7.66 -10.68 -30.22
CA PHE D 28 -8.00 -11.74 -31.16
C PHE D 28 -9.48 -11.69 -31.49
N SER D 29 -9.79 -11.48 -32.76
CA SER D 29 -11.16 -11.47 -33.23
C SER D 29 -11.79 -12.85 -33.11
N PHE D 30 -13.13 -12.87 -33.03
CA PHE D 30 -13.86 -14.10 -32.74
C PHE D 30 -13.93 -15.03 -33.94
N SER D 31 -13.88 -14.49 -35.15
CA SER D 31 -13.97 -15.27 -36.38
C SER D 31 -15.29 -16.03 -36.45
N SER D 32 -15.36 -17.04 -37.32
CA SER D 32 -16.59 -17.81 -37.50
C SER D 32 -16.40 -19.31 -37.40
N THR D 33 -15.20 -19.81 -37.11
CA THR D 33 -14.95 -21.24 -36.99
C THR D 33 -14.54 -21.62 -35.57
N HIS D 34 -15.07 -20.90 -34.58
CA HIS D 34 -14.72 -21.10 -33.18
C HIS D 34 -15.98 -21.31 -32.35
N TRP D 35 -15.80 -21.88 -31.17
CA TRP D 35 -16.88 -22.08 -30.21
C TRP D 35 -16.42 -21.66 -28.83
N ILE D 36 -17.23 -20.86 -28.16
CA ILE D 36 -16.94 -20.38 -26.81
C ILE D 36 -17.83 -21.12 -25.83
N CYS D 37 -17.26 -21.55 -24.71
CA CYS D 37 -17.96 -22.38 -23.74
C CYS D 37 -17.59 -21.96 -22.32
N TRP D 38 -18.42 -22.38 -21.37
CA TRP D 38 -18.21 -22.12 -19.96
C TRP D 38 -18.10 -23.45 -19.21
N VAL D 39 -17.08 -23.57 -18.37
CA VAL D 39 -16.83 -24.77 -17.58
C VAL D 39 -16.63 -24.37 -16.13
N ARG D 40 -17.26 -25.11 -15.22
CA ARG D 40 -17.14 -24.86 -13.79
C ARG D 40 -16.55 -26.07 -13.10
N GLN D 41 -15.87 -25.83 -11.98
CA GLN D 41 -15.22 -26.90 -11.22
C GLN D 41 -15.25 -26.53 -9.75
N ALA D 42 -16.00 -27.29 -8.96
CA ALA D 42 -16.02 -27.07 -7.53
C ALA D 42 -14.72 -27.58 -6.90
N PRO D 43 -14.28 -26.98 -5.79
CA PRO D 43 -13.07 -27.47 -5.11
C PRO D 43 -13.27 -28.89 -4.61
N GLY D 44 -12.47 -29.81 -5.15
CA GLY D 44 -12.60 -31.21 -4.82
C GLY D 44 -13.49 -32.03 -5.73
N LYS D 45 -13.85 -31.49 -6.89
CA LYS D 45 -14.71 -32.20 -7.84
C LYS D 45 -14.21 -31.92 -9.26
N GLY D 46 -14.62 -32.80 -10.18
CA GLY D 46 -14.16 -32.72 -11.54
C GLY D 46 -14.82 -31.60 -12.34
N LEU D 47 -14.37 -31.47 -13.58
CA LEU D 47 -14.89 -30.45 -14.48
C LEU D 47 -16.35 -30.72 -14.82
N GLU D 48 -17.10 -29.64 -15.06
CA GLU D 48 -18.52 -29.72 -15.36
C GLU D 48 -18.84 -28.81 -16.53
N TRP D 49 -19.50 -29.36 -17.54
CA TRP D 49 -19.95 -28.56 -18.68
C TRP D 49 -21.13 -27.67 -18.27
N ILE D 50 -21.20 -26.49 -18.89
CA ILE D 50 -22.29 -25.56 -18.59
C ILE D 50 -23.07 -25.22 -19.85
N ALA D 51 -22.42 -24.58 -20.81
CA ALA D 51 -23.09 -24.11 -22.02
C ALA D 51 -22.03 -23.71 -23.05
N CYS D 52 -22.48 -23.53 -24.29
CA CYS D 52 -21.61 -23.13 -25.39
C CYS D 52 -22.37 -22.20 -26.33
N ILE D 53 -21.61 -21.43 -27.10
CA ILE D 53 -22.16 -20.52 -28.10
C ILE D 53 -21.27 -20.60 -29.35
N TYR D 54 -21.90 -20.63 -30.52
CA TYR D 54 -21.15 -20.68 -31.77
C TYR D 54 -20.33 -19.42 -32.00
N VAL D 55 -20.66 -18.33 -31.30
CA VAL D 55 -19.99 -17.03 -31.37
C VAL D 55 -19.59 -16.70 -32.80
N GLY D 56 -20.55 -16.82 -33.71
CA GLY D 56 -20.34 -16.44 -35.09
C GLY D 56 -21.47 -15.59 -35.62
N ASN D 57 -21.66 -15.60 -36.94
CA ASN D 57 -22.78 -14.85 -37.53
C ASN D 57 -24.12 -15.50 -37.18
N THR D 58 -24.21 -16.82 -37.23
CA THR D 58 -25.44 -17.52 -36.93
C THR D 58 -25.49 -17.87 -35.44
N TYR D 59 -26.72 -17.95 -34.90
CA TYR D 59 -26.93 -18.17 -33.49
C TYR D 59 -27.44 -19.59 -33.21
N ASP D 60 -26.74 -20.31 -32.34
CA ASP D 60 -27.22 -21.58 -31.82
C ASP D 60 -26.42 -21.88 -30.56
N SER D 61 -27.11 -22.27 -29.49
CA SER D 61 -26.49 -22.51 -28.19
C SER D 61 -27.05 -23.78 -27.58
N TYR D 62 -26.22 -24.43 -26.76
CA TYR D 62 -26.58 -25.66 -26.08
C TYR D 62 -26.20 -25.57 -24.61
N TYR D 63 -27.11 -26.01 -23.75
CA TYR D 63 -26.93 -25.93 -22.31
C TYR D 63 -26.82 -27.34 -21.72
N ALA D 64 -26.25 -27.40 -20.51
CA ALA D 64 -26.20 -28.65 -19.78
C ALA D 64 -27.59 -29.02 -19.25
N ASN D 65 -27.77 -30.31 -18.98
CA ASN D 65 -29.07 -30.77 -18.49
C ASN D 65 -29.40 -30.16 -17.14
N TRP D 66 -28.41 -30.08 -16.25
CA TRP D 66 -28.66 -29.48 -14.94
C TRP D 66 -28.81 -27.97 -15.03
N ALA D 67 -28.12 -27.32 -15.97
CA ALA D 67 -28.13 -25.88 -16.09
C ALA D 67 -29.18 -25.37 -17.07
N LYS D 68 -29.99 -26.24 -17.65
CA LYS D 68 -31.00 -25.80 -18.61
C LYS D 68 -32.06 -24.97 -17.89
N GLY D 69 -32.43 -23.84 -18.48
CA GLY D 69 -33.48 -23.01 -17.95
C GLY D 69 -33.03 -22.12 -16.81
N ARG D 70 -32.10 -22.61 -16.00
CA ARG D 70 -31.57 -21.86 -14.87
C ARG D 70 -30.43 -20.92 -15.26
N PHE D 71 -29.67 -21.28 -16.28
CA PHE D 71 -28.56 -20.47 -16.77
C PHE D 71 -28.95 -19.82 -18.10
N THR D 72 -28.17 -18.82 -18.50
CA THR D 72 -28.42 -18.12 -19.75
C THR D 72 -27.08 -17.68 -20.32
N ILE D 73 -26.75 -18.16 -21.52
CA ILE D 73 -25.51 -17.81 -22.20
C ILE D 73 -25.87 -17.11 -23.52
N SER D 74 -25.10 -16.08 -23.85
CA SER D 74 -25.34 -15.32 -25.07
C SER D 74 -24.08 -14.54 -25.44
N LYS D 75 -23.90 -14.32 -26.74
CA LYS D 75 -22.79 -13.52 -27.23
C LYS D 75 -23.23 -12.06 -27.34
N THR D 76 -22.33 -11.16 -26.95
CA THR D 76 -22.64 -9.73 -26.93
C THR D 76 -22.00 -8.95 -28.06
N SER D 77 -20.68 -9.04 -28.22
CA SER D 77 -19.97 -8.29 -29.23
C SER D 77 -18.91 -9.20 -29.86
N SER D 78 -18.02 -8.60 -30.63
CA SER D 78 -16.95 -9.33 -31.31
C SER D 78 -15.78 -9.66 -30.41
N THR D 79 -15.85 -9.32 -29.12
CA THR D 79 -14.79 -9.64 -28.18
C THR D 79 -15.29 -10.15 -26.84
N THR D 80 -16.59 -10.18 -26.59
CA THR D 80 -17.13 -10.51 -25.28
C THR D 80 -18.29 -11.49 -25.40
N VAL D 81 -18.40 -12.38 -24.40
CA VAL D 81 -19.55 -13.25 -24.23
C VAL D 81 -19.92 -13.21 -22.75
N THR D 82 -21.18 -13.56 -22.46
CA THR D 82 -21.71 -13.48 -21.11
C THR D 82 -22.31 -14.81 -20.70
N LEU D 83 -22.64 -14.91 -19.41
CA LEU D 83 -23.27 -16.12 -18.86
C LEU D 83 -24.11 -15.67 -17.66
N GLN D 84 -25.43 -15.59 -17.87
CA GLN D 84 -26.34 -15.21 -16.80
C GLN D 84 -26.67 -16.44 -15.94
N MET D 85 -26.50 -16.30 -14.64
CA MET D 85 -26.82 -17.36 -13.68
C MET D 85 -27.94 -16.90 -12.77
N THR D 86 -28.92 -17.76 -12.55
CA THR D 86 -30.11 -17.42 -11.78
C THR D 86 -30.33 -18.47 -10.70
N THR D 87 -31.01 -18.05 -9.63
CA THR D 87 -31.34 -18.89 -8.48
C THR D 87 -30.16 -19.77 -8.08
N LEU D 88 -29.04 -19.11 -7.81
CA LEU D 88 -27.83 -19.82 -7.41
C LEU D 88 -27.97 -20.35 -6.00
N THR D 89 -27.47 -21.56 -5.78
CA THR D 89 -27.49 -22.22 -4.48
C THR D 89 -26.06 -22.41 -3.98
N ALA D 90 -25.95 -23.04 -2.80
CA ALA D 90 -24.63 -23.30 -2.24
C ALA D 90 -23.84 -24.28 -3.10
N ALA D 91 -24.53 -25.18 -3.81
CA ALA D 91 -23.85 -26.14 -4.67
C ALA D 91 -23.26 -25.49 -5.92
N ASP D 92 -23.61 -24.25 -6.22
CA ASP D 92 -23.07 -23.54 -7.38
C ASP D 92 -21.76 -22.84 -7.09
N THR D 93 -21.28 -22.88 -5.85
CA THR D 93 -20.01 -22.26 -5.49
C THR D 93 -18.88 -23.05 -6.13
N ALA D 94 -18.23 -22.46 -7.14
CA ALA D 94 -17.19 -23.14 -7.89
C ALA D 94 -16.37 -22.11 -8.63
N THR D 95 -15.35 -22.58 -9.35
CA THR D 95 -14.53 -21.74 -10.21
C THR D 95 -15.02 -21.92 -11.64
N TYR D 96 -15.39 -20.81 -12.28
CA TYR D 96 -15.99 -20.84 -13.60
C TYR D 96 -14.96 -20.43 -14.65
N PHE D 97 -14.68 -21.33 -15.57
CA PHE D 97 -13.67 -21.11 -16.61
C PHE D 97 -14.34 -20.78 -17.94
N CYS D 98 -13.66 -19.95 -18.72
CA CYS D 98 -14.08 -19.65 -20.09
C CYS D 98 -13.31 -20.54 -21.05
N ALA D 99 -14.03 -21.19 -21.96
CA ALA D 99 -13.44 -22.19 -22.84
C ALA D 99 -13.62 -21.79 -24.30
N ARG D 100 -12.63 -22.13 -25.11
CA ARG D 100 -12.65 -21.91 -26.54
C ARG D 100 -12.33 -23.23 -27.24
N SER D 101 -13.22 -23.64 -28.15
CA SER D 101 -13.11 -24.94 -28.80
C SER D 101 -13.39 -24.77 -30.29
N GLY D 102 -12.86 -25.72 -31.08
CA GLY D 102 -13.13 -25.70 -32.50
C GLY D 102 -14.44 -26.31 -32.92
N SER D 103 -15.17 -26.92 -31.99
CA SER D 103 -16.49 -27.47 -32.27
C SER D 103 -17.34 -27.37 -31.01
N VAL D 104 -18.61 -27.75 -31.13
CA VAL D 104 -19.52 -27.70 -30.01
C VAL D 104 -19.14 -28.77 -29.00
N PHE D 105 -18.95 -28.36 -27.73
CA PHE D 105 -18.56 -29.26 -26.65
C PHE D 105 -17.29 -30.04 -27.01
N GLY D 106 -16.45 -29.46 -27.85
CA GLY D 106 -15.30 -30.15 -28.41
C GLY D 106 -14.03 -29.94 -27.62
N VAL D 107 -12.91 -30.09 -28.32
CA VAL D 107 -11.60 -29.97 -27.69
C VAL D 107 -11.34 -28.52 -27.34
N VAL D 108 -10.98 -28.27 -26.08
CA VAL D 108 -10.70 -26.92 -25.61
C VAL D 108 -9.26 -26.58 -25.98
N SER D 109 -9.09 -25.75 -27.01
CA SER D 109 -7.75 -25.36 -27.45
C SER D 109 -7.11 -24.32 -26.55
N LEU D 110 -7.90 -23.60 -25.75
CA LEU D 110 -7.36 -22.55 -24.90
C LEU D 110 -8.34 -22.28 -23.77
N TRP D 111 -7.80 -22.13 -22.56
CA TRP D 111 -8.58 -21.87 -21.36
C TRP D 111 -8.28 -20.46 -20.83
N GLY D 112 -8.87 -20.15 -19.68
CA GLY D 112 -8.59 -18.92 -18.98
C GLY D 112 -8.26 -19.19 -17.53
N PRO D 113 -7.75 -18.16 -16.82
CA PRO D 113 -7.42 -18.36 -15.41
C PRO D 113 -8.61 -18.76 -14.55
N GLY D 114 -9.80 -18.30 -14.89
CA GLY D 114 -10.99 -18.68 -14.15
C GLY D 114 -11.37 -17.66 -13.11
N THR D 115 -12.66 -17.63 -12.78
CA THR D 115 -13.18 -16.74 -11.74
C THR D 115 -13.97 -17.56 -10.74
N LEU D 116 -13.97 -17.09 -9.49
CA LEU D 116 -14.62 -17.79 -8.39
C LEU D 116 -15.95 -17.12 -8.07
N VAL D 117 -17.00 -17.93 -7.96
CA VAL D 117 -18.32 -17.46 -7.56
C VAL D 117 -18.62 -18.07 -6.20
N THR D 118 -18.71 -17.22 -5.18
CA THR D 118 -18.97 -17.67 -3.82
C THR D 118 -20.42 -17.36 -3.47
N VAL D 119 -21.21 -18.41 -3.23
CA VAL D 119 -22.61 -18.27 -2.86
C VAL D 119 -22.70 -18.52 -1.36
N SER D 120 -22.84 -17.44 -0.58
CA SER D 120 -22.93 -17.55 0.87
C SER D 120 -23.76 -16.39 1.38
N SER D 121 -24.47 -16.64 2.48
CA SER D 121 -25.33 -15.63 3.10
C SER D 121 -24.57 -14.59 3.90
N GLY D 122 -23.29 -14.82 4.19
CA GLY D 122 -22.52 -13.88 4.97
C GLY D 122 -22.19 -12.62 4.19
N GLN D 123 -21.72 -11.61 4.95
CA GLN D 123 -21.35 -10.33 4.36
C GLN D 123 -19.84 -10.30 4.08
N PRO D 124 -19.42 -9.57 3.05
CA PRO D 124 -17.98 -9.44 2.79
C PRO D 124 -17.26 -8.78 3.97
N LYS D 125 -16.03 -9.23 4.22
CA LYS D 125 -15.23 -8.74 5.32
C LYS D 125 -13.81 -8.43 4.85
N ALA D 126 -13.17 -7.45 5.51
CA ALA D 126 -11.81 -7.07 5.19
C ALA D 126 -10.81 -7.88 6.00
N PRO D 127 -9.63 -8.15 5.45
CA PRO D 127 -8.64 -8.96 6.17
C PRO D 127 -8.02 -8.19 7.33
N SER D 128 -7.58 -8.95 8.34
CA SER D 128 -6.97 -8.39 9.54
C SER D 128 -5.54 -8.94 9.61
N VAL D 129 -4.64 -8.31 8.86
CA VAL D 129 -3.28 -8.84 8.72
C VAL D 129 -2.53 -8.72 10.04
N PHE D 130 -1.91 -9.82 10.46
CA PHE D 130 -1.07 -9.87 11.64
C PHE D 130 0.35 -10.31 11.26
N PRO D 131 1.35 -9.79 11.96
CA PRO D 131 2.73 -10.19 11.67
C PRO D 131 3.12 -11.47 12.40
N LEU D 132 3.94 -12.27 11.73
CA LEU D 132 4.44 -13.53 12.27
C LEU D 132 5.93 -13.40 12.53
N ALA D 133 6.32 -13.47 13.80
CA ALA D 133 7.71 -13.34 14.22
C ALA D 133 8.01 -14.38 15.29
N PRO D 134 9.27 -14.82 15.38
CA PRO D 134 9.63 -15.78 16.43
C PRO D 134 9.60 -15.13 17.81
N CYS D 135 9.51 -15.99 18.82
CA CYS D 135 9.48 -15.52 20.20
C CYS D 135 10.77 -14.77 20.52
N CYS D 136 10.64 -13.69 21.28
CA CYS D 136 11.81 -12.88 21.63
C CYS D 136 12.80 -13.63 22.50
N GLY D 137 12.35 -14.69 23.19
CA GLY D 137 13.26 -15.52 23.96
C GLY D 137 14.21 -16.34 23.12
N ASP D 138 13.90 -16.52 21.84
CA ASP D 138 14.76 -17.31 20.96
C ASP D 138 16.10 -16.62 20.75
N THR D 139 17.17 -17.41 20.74
CA THR D 139 18.50 -16.89 20.47
C THR D 139 18.58 -16.40 19.03
N PRO D 140 19.16 -15.22 18.79
CA PRO D 140 19.29 -14.73 17.40
C PRO D 140 20.12 -15.70 16.57
N SER D 141 19.71 -15.86 15.31
CA SER D 141 20.36 -16.79 14.40
C SER D 141 20.86 -16.04 13.17
N SER D 142 21.66 -16.74 12.36
CA SER D 142 22.18 -16.15 11.14
C SER D 142 21.06 -15.83 10.17
N THR D 143 20.09 -16.72 10.02
CA THR D 143 18.95 -16.52 9.16
C THR D 143 17.67 -16.60 9.99
N VAL D 144 16.73 -15.71 9.70
CA VAL D 144 15.45 -15.65 10.41
C VAL D 144 14.33 -15.69 9.40
N THR D 145 13.21 -16.30 9.80
CA THR D 145 12.04 -16.41 8.95
C THR D 145 10.91 -15.58 9.55
N LEU D 146 10.29 -14.75 8.72
CA LEU D 146 9.19 -13.90 9.13
C LEU D 146 8.06 -14.04 8.12
N GLY D 147 6.88 -13.56 8.51
CA GLY D 147 5.74 -13.66 7.62
C GLY D 147 4.60 -12.80 8.11
N CYS D 148 3.56 -12.74 7.28
CA CYS D 148 2.33 -12.03 7.59
C CYS D 148 1.17 -13.02 7.59
N LEU D 149 0.22 -12.83 8.50
CA LEU D 149 -0.93 -13.72 8.63
C LEU D 149 -2.19 -12.95 8.27
N VAL D 150 -2.92 -13.45 7.29
CA VAL D 150 -4.17 -12.84 6.85
C VAL D 150 -5.33 -13.63 7.47
N LYS D 151 -6.09 -12.98 8.34
CA LYS D 151 -7.17 -13.65 9.05
C LYS D 151 -8.47 -13.51 8.26
N GLY D 152 -9.59 -13.82 8.91
CA GLY D 152 -10.90 -13.87 8.29
C GLY D 152 -11.23 -12.79 7.28
N TYR D 153 -11.61 -13.22 6.08
CA TYR D 153 -12.00 -12.32 5.00
C TYR D 153 -12.98 -13.04 4.10
N LEU D 154 -13.74 -12.26 3.33
CA LEU D 154 -14.73 -12.85 2.44
C LEU D 154 -15.08 -11.90 1.29
N PRO D 155 -15.16 -12.40 0.05
CA PRO D 155 -14.76 -13.75 -0.32
C PRO D 155 -13.30 -13.78 -0.79
N GLU D 156 -12.90 -14.88 -1.43
CA GLU D 156 -11.59 -14.98 -2.05
C GLU D 156 -11.61 -14.17 -3.34
N PRO D 157 -10.47 -14.03 -4.03
CA PRO D 157 -9.03 -14.26 -3.84
C PRO D 157 -8.31 -13.10 -3.19
N VAL D 158 -7.27 -13.38 -2.40
CA VAL D 158 -6.41 -12.34 -1.87
C VAL D 158 -5.00 -12.62 -2.36
N THR D 159 -4.24 -11.56 -2.60
CA THR D 159 -2.88 -11.66 -3.11
C THR D 159 -1.90 -11.07 -2.11
N VAL D 160 -0.84 -11.83 -1.83
CA VAL D 160 0.21 -11.43 -0.91
C VAL D 160 1.53 -11.43 -1.67
N THR D 161 2.21 -10.30 -1.69
CA THR D 161 3.50 -10.17 -2.34
C THR D 161 4.47 -9.47 -1.40
N TRP D 162 5.75 -9.81 -1.53
CA TRP D 162 6.80 -9.31 -0.65
C TRP D 162 7.63 -8.27 -1.39
N ASN D 163 7.78 -7.09 -0.77
CA ASN D 163 8.58 -6.00 -1.31
C ASN D 163 8.13 -5.62 -2.72
N SER D 164 6.81 -5.59 -2.93
CA SER D 164 6.21 -5.22 -4.22
C SER D 164 6.71 -6.12 -5.35
N GLY D 165 6.97 -7.39 -5.03
CA GLY D 165 7.39 -8.36 -6.01
C GLY D 165 8.87 -8.33 -6.37
N THR D 166 9.65 -7.43 -5.75
CA THR D 166 11.07 -7.37 -6.05
C THR D 166 11.80 -8.61 -5.54
N LEU D 167 11.39 -9.10 -4.37
CA LEU D 167 11.99 -10.29 -3.77
C LEU D 167 11.05 -11.48 -3.94
N THR D 168 11.60 -12.59 -4.44
CA THR D 168 10.81 -13.79 -4.67
C THR D 168 11.44 -15.01 -4.02
N ASN D 169 12.78 -15.04 -3.96
CA ASN D 169 13.48 -16.18 -3.39
C ASN D 169 13.18 -16.31 -1.90
N GLY D 170 12.95 -17.56 -1.47
CA GLY D 170 12.65 -17.83 -0.08
C GLY D 170 11.24 -17.53 0.34
N VAL D 171 10.35 -17.20 -0.59
CA VAL D 171 8.97 -16.86 -0.28
C VAL D 171 8.11 -18.12 -0.37
N ARG D 172 7.36 -18.40 0.68
CA ARG D 172 6.47 -19.56 0.73
C ARG D 172 5.08 -19.08 1.14
N THR D 173 4.17 -18.97 0.17
CA THR D 173 2.80 -18.56 0.41
C THR D 173 1.91 -19.79 0.48
N PHE D 174 1.10 -19.89 1.54
CA PHE D 174 0.27 -21.07 1.77
C PHE D 174 -1.14 -20.84 1.26
N PRO D 175 -1.84 -21.90 0.86
CA PRO D 175 -3.23 -21.76 0.43
C PRO D 175 -4.17 -21.43 1.57
N SER D 176 -5.30 -20.84 1.22
CA SER D 176 -6.29 -20.44 2.20
C SER D 176 -7.02 -21.64 2.78
N VAL D 177 -7.64 -21.44 3.94
CA VAL D 177 -8.40 -22.48 4.63
C VAL D 177 -9.68 -21.88 5.17
N ARG D 178 -10.80 -22.58 4.97
CA ARG D 178 -12.09 -22.11 5.46
C ARG D 178 -12.27 -22.49 6.93
N GLN D 179 -12.76 -21.54 7.73
CA GLN D 179 -12.96 -21.75 9.14
C GLN D 179 -14.41 -22.17 9.42
N SER D 180 -14.74 -22.31 10.70
CA SER D 180 -16.08 -22.73 11.09
C SER D 180 -17.12 -21.68 10.70
N SER D 181 -16.78 -20.40 10.84
CA SER D 181 -17.70 -19.31 10.54
C SER D 181 -17.76 -18.97 9.05
N GLY D 182 -17.25 -19.85 8.18
CA GLY D 182 -17.26 -19.56 6.76
C GLY D 182 -16.27 -18.53 6.31
N LEU D 183 -15.28 -18.21 7.14
CA LEU D 183 -14.26 -17.23 6.82
C LEU D 183 -12.97 -17.91 6.42
N TYR D 184 -12.20 -17.24 5.57
CA TYR D 184 -10.95 -17.78 5.05
C TYR D 184 -9.76 -17.11 5.73
N SER D 185 -8.68 -17.88 5.86
CA SER D 185 -7.43 -17.39 6.44
C SER D 185 -6.27 -17.89 5.59
N LEU D 186 -5.29 -17.02 5.37
CA LEU D 186 -4.11 -17.33 4.58
C LEU D 186 -2.87 -16.84 5.31
N SER D 187 -1.78 -17.59 5.21
CA SER D 187 -0.52 -17.22 5.84
C SER D 187 0.62 -17.37 4.83
N SER D 188 1.55 -16.43 4.87
CA SER D 188 2.71 -16.45 3.98
C SER D 188 3.93 -16.00 4.76
N VAL D 189 5.05 -16.72 4.57
CA VAL D 189 6.28 -16.47 5.31
C VAL D 189 7.43 -16.30 4.33
N VAL D 190 8.47 -15.62 4.78
CA VAL D 190 9.68 -15.38 3.99
C VAL D 190 10.88 -15.51 4.92
N SER D 191 11.98 -16.03 4.36
CA SER D 191 13.23 -16.20 5.09
C SER D 191 14.29 -15.29 4.47
N VAL D 192 14.91 -14.45 5.29
CA VAL D 192 15.96 -13.54 4.84
C VAL D 192 17.07 -13.53 5.87
N THR D 193 18.24 -13.06 5.45
CA THR D 193 19.38 -12.94 6.34
C THR D 193 19.18 -11.78 7.32
N SER D 194 19.91 -11.84 8.43
CA SER D 194 19.80 -10.80 9.45
C SER D 194 20.36 -9.47 8.95
N SER D 195 21.30 -9.50 8.02
CA SER D 195 21.90 -8.29 7.49
C SER D 195 21.04 -7.61 6.42
N SER D 196 20.00 -8.28 5.93
CA SER D 196 19.17 -7.71 4.87
C SER D 196 18.29 -6.59 5.42
N GLN D 197 17.88 -5.71 4.51
CA GLN D 197 16.98 -4.62 4.86
C GLN D 197 15.59 -5.17 5.20
N PRO D 198 14.79 -4.42 5.95
CA PRO D 198 13.44 -4.91 6.31
C PRO D 198 12.61 -5.20 5.07
N VAL D 199 11.83 -6.28 5.16
CA VAL D 199 11.00 -6.75 4.05
C VAL D 199 9.56 -6.36 4.31
N THR D 200 8.85 -6.00 3.25
CA THR D 200 7.46 -5.57 3.33
C THR D 200 6.57 -6.54 2.60
N CYS D 201 5.49 -6.97 3.24
CA CYS D 201 4.47 -7.80 2.61
C CYS D 201 3.27 -6.93 2.24
N ASN D 202 2.74 -7.17 1.05
CA ASN D 202 1.66 -6.34 0.48
C ASN D 202 0.43 -7.23 0.32
N VAL D 203 -0.46 -7.19 1.31
CA VAL D 203 -1.71 -7.92 1.27
C VAL D 203 -2.75 -7.05 0.57
N ALA D 204 -3.36 -7.57 -0.49
CA ALA D 204 -4.36 -6.86 -1.25
C ALA D 204 -5.62 -7.70 -1.36
N HIS D 205 -6.76 -7.12 -1.03
CA HIS D 205 -8.06 -7.79 -1.13
C HIS D 205 -8.94 -7.04 -2.10
N PRO D 206 -9.00 -7.45 -3.37
CA PRO D 206 -9.78 -6.69 -4.36
C PRO D 206 -11.26 -6.61 -4.06
N ALA D 207 -11.82 -7.59 -3.35
CA ALA D 207 -13.26 -7.58 -3.07
C ALA D 207 -13.63 -6.42 -2.16
N THR D 208 -12.92 -6.25 -1.05
CA THR D 208 -13.14 -5.13 -0.14
C THR D 208 -12.26 -3.94 -0.48
N ASN D 209 -11.42 -4.04 -1.52
CA ASN D 209 -10.55 -2.96 -1.97
C ASN D 209 -9.61 -2.50 -0.85
N THR D 210 -9.08 -3.46 -0.10
CA THR D 210 -8.16 -3.19 1.00
C THR D 210 -6.75 -3.62 0.61
N LYS D 211 -5.79 -2.73 0.81
CA LYS D 211 -4.38 -3.03 0.53
C LYS D 211 -3.56 -2.68 1.77
N VAL D 212 -3.23 -3.69 2.57
CA VAL D 212 -2.45 -3.50 3.79
C VAL D 212 -0.99 -3.76 3.48
N ASP D 213 -0.12 -2.82 3.89
CA ASP D 213 1.32 -2.91 3.69
C ASP D 213 1.97 -2.99 5.07
N LYS D 214 2.24 -4.21 5.52
CA LYS D 214 2.92 -4.46 6.79
C LYS D 214 4.38 -4.79 6.51
N THR D 215 5.28 -4.02 7.10
CA THR D 215 6.71 -4.22 6.92
C THR D 215 7.31 -4.89 8.15
N VAL D 216 8.22 -5.82 7.92
CA VAL D 216 8.90 -6.56 8.99
C VAL D 216 10.39 -6.48 8.76
N ALA D 217 11.14 -6.62 9.85
CA ALA D 217 12.59 -6.55 9.83
C ALA D 217 13.14 -7.80 10.49
N PRO D 218 14.38 -8.20 10.17
CA PRO D 218 14.96 -9.37 10.83
C PRO D 218 15.02 -9.25 12.34
N SER D 219 15.21 -8.03 12.86
CA SER D 219 15.28 -7.83 14.29
C SER D 219 13.93 -7.93 14.98
N THR D 220 12.83 -8.00 14.23
CA THR D 220 11.51 -8.06 14.84
C THR D 220 11.32 -9.35 15.61
N CYS D 221 10.72 -9.26 16.79
CA CYS D 221 10.37 -10.41 17.60
C CYS D 221 8.93 -10.24 18.10
N SER D 222 8.30 -11.37 18.41
CA SER D 222 6.93 -11.36 18.90
C SER D 222 6.84 -10.70 20.28
N GLY E 2 -28.15 -42.38 -20.97
CA GLY E 2 -27.30 -41.74 -19.99
C GLY E 2 -25.84 -42.13 -20.10
N GLN E 3 -24.99 -41.16 -20.45
CA GLN E 3 -23.56 -41.37 -20.60
C GLN E 3 -22.83 -40.99 -19.32
N VAL E 4 -22.03 -41.92 -18.81
CA VAL E 4 -21.25 -41.71 -17.59
C VAL E 4 -19.78 -41.98 -17.91
N LEU E 5 -18.90 -41.16 -17.38
CA LEU E 5 -17.47 -41.28 -17.61
C LEU E 5 -16.79 -41.67 -16.29
N THR E 6 -16.05 -42.78 -16.30
CA THR E 6 -15.37 -43.29 -15.12
C THR E 6 -13.87 -43.15 -15.30
N GLN E 7 -13.22 -42.48 -14.35
CA GLN E 7 -11.78 -42.26 -14.38
C GLN E 7 -11.16 -42.86 -13.13
N THR E 8 -10.16 -43.71 -13.30
CA THR E 8 -9.51 -44.42 -12.21
C THR E 8 -8.01 -44.42 -12.44
N PRO E 9 -7.20 -44.47 -11.37
CA PRO E 9 -7.59 -44.44 -9.96
C PRO E 9 -7.80 -43.02 -9.45
N ALA E 10 -8.47 -42.87 -8.30
CA ALA E 10 -8.69 -41.53 -7.77
C ALA E 10 -7.38 -40.84 -7.43
N SER E 11 -6.45 -41.57 -6.82
CA SER E 11 -5.13 -41.03 -6.48
C SER E 11 -4.07 -42.06 -6.83
N VAL E 12 -2.93 -41.58 -7.32
CA VAL E 12 -1.81 -42.44 -7.70
C VAL E 12 -0.52 -41.82 -7.20
N SER E 13 0.39 -42.66 -6.70
CA SER E 13 1.68 -42.23 -6.18
C SER E 13 2.77 -43.06 -6.84
N GLU E 14 3.57 -42.42 -7.69
CA GLU E 14 4.64 -43.10 -8.39
C GLU E 14 5.94 -42.31 -8.25
N PRO E 15 7.07 -42.99 -8.10
CA PRO E 15 8.35 -42.31 -7.88
C PRO E 15 8.88 -41.67 -9.16
N VAL E 16 9.95 -40.90 -8.99
CA VAL E 16 10.61 -40.27 -10.12
C VAL E 16 11.19 -41.35 -11.04
N GLU E 17 11.28 -41.02 -12.33
CA GLU E 17 11.78 -41.92 -13.38
C GLU E 17 10.91 -43.14 -13.57
N GLY E 18 9.76 -43.20 -12.91
CA GLY E 18 8.84 -44.30 -13.03
C GLY E 18 7.81 -44.08 -14.11
N THR E 19 6.71 -44.81 -14.02
CA THR E 19 5.62 -44.72 -14.97
C THR E 19 4.30 -44.59 -14.22
N VAL E 20 3.35 -43.88 -14.84
CA VAL E 20 2.03 -43.65 -14.27
C VAL E 20 0.99 -44.10 -15.28
N THR E 21 0.01 -44.88 -14.82
CA THR E 21 -1.06 -45.38 -15.66
C THR E 21 -2.39 -44.86 -15.15
N ILE E 22 -3.13 -44.16 -16.02
CA ILE E 22 -4.45 -43.62 -15.70
C ILE E 22 -5.45 -44.25 -16.65
N LYS E 23 -6.51 -44.83 -16.10
CA LYS E 23 -7.53 -45.52 -16.87
C LYS E 23 -8.79 -44.67 -16.95
N CYS E 24 -9.28 -44.45 -18.17
CA CYS E 24 -10.49 -43.68 -18.42
C CYS E 24 -11.42 -44.54 -19.27
N GLN E 25 -12.53 -44.97 -18.70
CA GLN E 25 -13.46 -45.88 -19.35
C GLN E 25 -14.81 -45.20 -19.56
N ALA E 26 -15.35 -45.32 -20.76
CA ALA E 26 -16.62 -44.71 -21.12
C ALA E 26 -17.72 -45.77 -21.18
N SER E 27 -18.88 -45.43 -20.63
CA SER E 27 -20.02 -46.35 -20.69
C SER E 27 -20.48 -46.58 -22.13
N GLN E 28 -20.49 -45.52 -22.93
CA GLN E 28 -20.87 -45.58 -24.33
C GLN E 28 -19.65 -45.43 -25.22
N SER E 29 -19.68 -46.08 -26.38
CA SER E 29 -18.56 -46.03 -27.30
C SER E 29 -18.39 -44.61 -27.84
N ILE E 30 -17.13 -44.18 -27.93
CA ILE E 30 -16.81 -42.83 -28.39
C ILE E 30 -16.01 -42.83 -29.69
N ASN E 31 -15.49 -43.98 -30.13
CA ASN E 31 -14.71 -44.09 -31.36
C ASN E 31 -13.51 -43.14 -31.34
N ASN E 32 -12.56 -43.49 -30.47
CA ASN E 32 -11.24 -42.85 -30.38
C ASN E 32 -11.33 -41.33 -30.27
N TRP E 33 -12.40 -40.82 -29.66
CA TRP E 33 -12.55 -39.39 -29.40
C TRP E 33 -12.35 -39.14 -27.90
N LEU E 34 -11.12 -38.81 -27.52
CA LEU E 34 -10.83 -38.49 -26.13
C LEU E 34 -9.72 -37.45 -26.08
N SER E 35 -9.68 -36.72 -24.97
CA SER E 35 -8.65 -35.71 -24.74
C SER E 35 -8.16 -35.82 -23.31
N TRP E 36 -6.86 -35.57 -23.12
CA TRP E 36 -6.23 -35.63 -21.82
C TRP E 36 -5.71 -34.24 -21.44
N TYR E 37 -6.00 -33.80 -20.22
CA TYR E 37 -5.67 -32.47 -19.76
C TYR E 37 -4.79 -32.55 -18.50
N GLN E 38 -3.88 -31.58 -18.38
CA GLN E 38 -3.05 -31.41 -17.20
C GLN E 38 -3.50 -30.12 -16.50
N GLN E 39 -3.85 -30.23 -15.22
CA GLN E 39 -4.38 -29.11 -14.46
C GLN E 39 -3.53 -28.90 -13.21
N ARG E 40 -2.73 -27.85 -13.21
CA ARG E 40 -2.00 -27.46 -12.02
C ARG E 40 -2.91 -26.65 -11.10
N PRO E 41 -2.65 -26.65 -9.79
CA PRO E 41 -3.48 -25.86 -8.88
C PRO E 41 -3.45 -24.39 -9.24
N GLY E 42 -4.63 -23.76 -9.18
CA GLY E 42 -4.73 -22.34 -9.51
C GLY E 42 -4.31 -21.99 -10.92
N GLN E 43 -4.42 -22.94 -11.85
CA GLN E 43 -3.97 -22.75 -13.22
C GLN E 43 -5.02 -23.28 -14.19
N PRO E 44 -5.12 -22.69 -15.37
CA PRO E 44 -6.01 -23.23 -16.41
C PRO E 44 -5.52 -24.59 -16.88
N PRO E 45 -6.43 -25.54 -17.12
CA PRO E 45 -6.01 -26.84 -17.64
C PRO E 45 -5.32 -26.72 -18.98
N LYS E 46 -4.30 -27.56 -19.19
CA LYS E 46 -3.50 -27.55 -20.41
C LYS E 46 -3.79 -28.81 -21.20
N LEU E 47 -3.97 -28.65 -22.51
CA LEU E 47 -4.25 -29.77 -23.40
C LEU E 47 -2.93 -30.38 -23.86
N LEU E 48 -2.76 -31.67 -23.60
CA LEU E 48 -1.56 -32.40 -24.01
C LEU E 48 -1.86 -33.50 -25.03
N ILE E 49 -2.93 -34.26 -24.84
CA ILE E 49 -3.31 -35.32 -25.76
C ILE E 49 -4.73 -35.04 -26.25
N TYR E 50 -4.91 -35.04 -27.56
CA TYR E 50 -6.23 -34.92 -28.17
C TYR E 50 -6.38 -36.02 -29.22
N ASP E 51 -7.63 -36.41 -29.47
CA ASP E 51 -7.98 -37.57 -30.30
C ASP E 51 -7.42 -38.87 -29.73
N ALA E 52 -7.05 -38.85 -28.44
CA ALA E 52 -6.64 -40.00 -27.65
C ALA E 52 -5.29 -40.56 -28.06
N SER E 53 -4.70 -40.06 -29.16
CA SER E 53 -3.40 -40.54 -29.59
C SER E 53 -2.47 -39.45 -30.08
N THR E 54 -2.94 -38.23 -30.36
CA THR E 54 -2.12 -37.21 -30.97
C THR E 54 -1.52 -36.31 -29.89
N VAL E 55 -0.21 -36.09 -29.99
CA VAL E 55 0.47 -35.22 -29.05
C VAL E 55 0.34 -33.77 -29.51
N ALA E 56 -0.13 -32.91 -28.63
CA ALA E 56 -0.26 -31.50 -28.95
C ALA E 56 1.12 -30.87 -29.13
N SER E 57 1.18 -29.84 -29.97
CA SER E 57 2.45 -29.15 -30.22
C SER E 57 2.97 -28.53 -28.94
N GLY E 58 4.27 -28.74 -28.68
CA GLY E 58 4.91 -28.25 -27.48
C GLY E 58 4.88 -29.20 -26.31
N VAL E 59 4.18 -30.33 -26.42
CA VAL E 59 4.10 -31.32 -25.35
C VAL E 59 5.20 -32.35 -25.56
N SER E 60 5.86 -32.72 -24.46
CA SER E 60 6.95 -33.68 -24.53
C SER E 60 6.46 -35.05 -24.97
N SER E 61 7.35 -35.80 -25.63
CA SER E 61 7.00 -37.13 -26.12
C SER E 61 6.80 -38.14 -24.98
N ARG E 62 7.17 -37.78 -23.75
CA ARG E 62 7.00 -38.69 -22.62
C ARG E 62 5.52 -38.95 -22.30
N PHE E 63 4.62 -38.10 -22.78
CA PHE E 63 3.19 -38.31 -22.62
C PHE E 63 2.69 -39.14 -23.80
N LYS E 64 2.11 -40.31 -23.50
CA LYS E 64 1.60 -41.22 -24.50
C LYS E 64 0.15 -41.57 -24.22
N GLY E 65 -0.70 -41.41 -25.24
CA GLY E 65 -2.10 -41.76 -25.13
C GLY E 65 -2.42 -42.90 -26.09
N SER E 66 -3.16 -43.89 -25.57
CA SER E 66 -3.54 -45.07 -26.33
C SER E 66 -4.93 -45.51 -25.92
N GLY E 67 -5.58 -46.25 -26.81
CA GLY E 67 -6.92 -46.75 -26.57
C GLY E 67 -7.91 -46.35 -27.64
N SER E 68 -8.99 -47.12 -27.76
CA SER E 68 -10.05 -46.80 -28.71
C SER E 68 -11.33 -47.48 -28.24
N GLY E 69 -12.46 -46.96 -28.72
CA GLY E 69 -13.75 -47.53 -28.38
C GLY E 69 -14.29 -47.07 -27.04
N THR E 70 -14.25 -47.94 -26.03
CA THR E 70 -14.80 -47.64 -24.73
C THR E 70 -13.77 -47.63 -23.61
N GLU E 71 -12.51 -47.94 -23.90
CA GLU E 71 -11.46 -47.99 -22.89
C GLU E 71 -10.23 -47.27 -23.39
N PHE E 72 -9.68 -46.38 -22.57
CA PHE E 72 -8.49 -45.61 -22.91
C PHE E 72 -7.56 -45.58 -21.71
N THR E 73 -6.25 -45.40 -21.98
CA THR E 73 -5.25 -45.30 -20.93
C THR E 73 -4.28 -44.18 -21.27
N LEU E 74 -3.71 -43.58 -20.22
CA LEU E 74 -2.70 -42.55 -20.35
C LEU E 74 -1.47 -42.97 -19.57
N THR E 75 -0.30 -42.94 -20.21
CA THR E 75 0.95 -43.35 -19.61
C THR E 75 1.92 -42.18 -19.62
N ILE E 76 2.56 -41.93 -18.48
CA ILE E 76 3.59 -40.91 -18.34
C ILE E 76 4.89 -41.63 -18.02
N SER E 77 5.84 -41.59 -18.95
CA SER E 77 7.14 -42.22 -18.78
C SER E 77 8.18 -41.18 -18.42
N ASP E 78 9.23 -41.63 -17.73
CA ASP E 78 10.30 -40.76 -17.22
C ASP E 78 9.71 -39.64 -16.39
N LEU E 79 9.07 -40.03 -15.29
CA LEU E 79 8.33 -39.09 -14.45
C LEU E 79 9.27 -38.03 -13.89
N GLU E 80 8.78 -36.79 -13.86
CA GLU E 80 9.53 -35.66 -13.34
C GLU E 80 8.73 -35.00 -12.22
N CYS E 81 9.40 -34.10 -11.49
CA CYS E 81 8.73 -33.40 -10.40
C CYS E 81 7.70 -32.41 -10.92
N ALA E 82 7.97 -31.78 -12.07
CA ALA E 82 7.01 -30.83 -12.64
C ALA E 82 5.74 -31.51 -13.13
N ASP E 83 5.76 -32.83 -13.32
CA ASP E 83 4.59 -33.55 -13.80
C ASP E 83 3.54 -33.78 -12.72
N ALA E 84 3.86 -33.50 -11.46
CA ALA E 84 2.91 -33.69 -10.37
C ALA E 84 1.77 -32.68 -10.50
N ALA E 85 0.60 -33.16 -10.92
CA ALA E 85 -0.56 -32.30 -11.14
C ALA E 85 -1.81 -33.18 -11.15
N THR E 86 -2.94 -32.59 -11.55
CA THR E 86 -4.21 -33.29 -11.66
C THR E 86 -4.53 -33.49 -13.13
N TYR E 87 -4.96 -34.70 -13.49
CA TYR E 87 -5.25 -35.06 -14.87
C TYR E 87 -6.70 -35.53 -15.00
N ALA E 88 -7.31 -35.20 -16.13
CA ALA E 88 -8.69 -35.60 -16.38
C ALA E 88 -8.87 -35.88 -17.87
N CYS E 89 -9.86 -36.70 -18.18
CA CYS E 89 -10.19 -37.07 -19.55
C CYS E 89 -11.55 -36.50 -19.91
N GLN E 90 -11.69 -36.02 -21.14
CA GLN E 90 -12.95 -35.49 -21.65
C GLN E 90 -13.43 -36.36 -22.81
N SER E 91 -14.69 -36.74 -22.78
CA SER E 91 -15.31 -37.52 -23.84
C SER E 91 -16.14 -36.58 -24.70
N TYR E 92 -15.67 -36.32 -25.92
CA TYR E 92 -16.33 -35.40 -26.83
C TYR E 92 -16.82 -36.17 -28.05
N GLY E 93 -18.00 -35.80 -28.54
CA GLY E 93 -18.57 -36.43 -29.71
C GLY E 93 -18.73 -35.47 -30.88
N TYR E 94 -18.96 -36.02 -32.08
CA TYR E 94 -19.08 -35.23 -33.28
C TYR E 94 -20.33 -35.65 -34.04
N GLY E 95 -20.93 -34.70 -34.77
CA GLY E 95 -22.08 -34.99 -35.59
C GLY E 95 -23.30 -35.46 -34.82
N ILE E 96 -23.64 -36.74 -34.95
CA ILE E 96 -24.78 -37.28 -34.20
C ILE E 96 -24.49 -37.29 -32.71
N SER E 97 -23.24 -37.57 -32.34
CA SER E 97 -22.83 -37.76 -30.96
C SER E 97 -22.45 -36.45 -30.26
N ILE E 98 -22.98 -35.32 -30.73
CA ILE E 98 -22.62 -34.03 -30.15
C ILE E 98 -23.04 -33.95 -28.69
N THR E 99 -24.29 -34.33 -28.39
CA THR E 99 -24.81 -34.26 -27.04
C THR E 99 -25.06 -35.62 -26.41
N ASP E 100 -24.86 -36.71 -27.15
CA ASP E 100 -25.08 -38.04 -26.58
C ASP E 100 -23.97 -38.42 -25.61
N ASN E 101 -22.70 -38.15 -25.95
CA ASN E 101 -21.56 -38.46 -25.09
C ASN E 101 -20.68 -37.22 -24.95
N SER E 102 -21.00 -36.38 -23.98
CA SER E 102 -20.23 -35.16 -23.70
C SER E 102 -20.13 -35.03 -22.18
N ALA E 103 -19.02 -35.50 -21.61
CA ALA E 103 -18.84 -35.50 -20.18
C ALA E 103 -17.37 -35.34 -19.85
N PHE E 104 -17.09 -35.03 -18.59
CA PHE E 104 -15.74 -34.82 -18.10
C PHE E 104 -15.38 -35.90 -17.09
N GLY E 105 -14.09 -36.23 -17.02
CA GLY E 105 -13.64 -37.25 -16.11
C GLY E 105 -13.68 -36.81 -14.66
N GLY E 106 -13.62 -37.80 -13.77
CA GLY E 106 -13.64 -37.50 -12.35
C GLY E 106 -12.41 -36.75 -11.89
N GLY E 107 -11.25 -37.09 -12.44
CA GLY E 107 -10.00 -36.44 -12.07
C GLY E 107 -9.13 -37.36 -11.23
N THR E 108 -7.84 -37.38 -11.52
CA THR E 108 -6.88 -38.20 -10.80
C THR E 108 -5.78 -37.32 -10.23
N GLU E 109 -5.34 -37.65 -9.02
CA GLU E 109 -4.28 -36.92 -8.33
C GLU E 109 -2.98 -37.69 -8.46
N VAL E 110 -1.94 -37.02 -8.96
CA VAL E 110 -0.64 -37.65 -9.20
C VAL E 110 0.35 -37.05 -8.22
N VAL E 111 0.92 -37.91 -7.37
CA VAL E 111 1.95 -37.53 -6.42
C VAL E 111 3.24 -38.21 -6.83
N VAL E 112 4.32 -37.43 -6.91
CA VAL E 112 5.61 -37.95 -7.35
C VAL E 112 6.50 -38.13 -6.12
N ARG E 113 6.86 -39.38 -5.84
CA ARG E 113 7.70 -39.69 -4.69
C ARG E 113 9.16 -39.38 -5.00
N GLY E 114 9.78 -38.56 -4.16
CA GLY E 114 11.18 -38.22 -4.31
C GLY E 114 12.00 -38.63 -3.10
N ASP E 115 13.23 -38.16 -3.03
CA ASP E 115 14.08 -38.48 -1.88
C ASP E 115 13.52 -37.83 -0.63
N PRO E 116 13.27 -38.59 0.43
CA PRO E 116 12.66 -38.00 1.63
C PRO E 116 13.55 -36.93 2.25
N VAL E 117 12.92 -35.86 2.72
CA VAL E 117 13.60 -34.74 3.35
C VAL E 117 12.91 -34.46 4.68
N ALA E 118 13.70 -34.27 5.73
CA ALA E 118 13.15 -33.97 7.05
C ALA E 118 12.53 -32.57 7.06
N PRO E 119 11.44 -32.38 7.81
CA PRO E 119 10.81 -31.06 7.88
C PRO E 119 11.51 -30.16 8.86
N SER E 120 11.84 -28.95 8.41
CA SER E 120 12.34 -27.90 9.30
C SER E 120 11.13 -27.16 9.85
N VAL E 121 10.86 -27.34 11.15
CA VAL E 121 9.64 -26.86 11.78
C VAL E 121 9.90 -25.50 12.42
N LEU E 122 9.03 -24.53 12.12
CA LEU E 122 9.08 -23.20 12.70
C LEU E 122 7.73 -22.91 13.35
N ILE E 123 7.77 -22.28 14.52
CA ILE E 123 6.55 -21.92 15.24
C ILE E 123 6.57 -20.42 15.48
N PHE E 124 5.40 -19.79 15.33
CA PHE E 124 5.26 -18.35 15.54
C PHE E 124 4.20 -18.10 16.61
N PRO E 125 4.56 -17.51 17.73
CA PRO E 125 3.55 -17.16 18.74
C PRO E 125 2.65 -16.05 18.22
N PRO E 126 1.43 -15.94 18.75
CA PRO E 126 0.52 -14.89 18.26
C PRO E 126 1.07 -13.49 18.52
N ALA E 127 0.74 -12.59 17.61
CA ALA E 127 1.20 -11.22 17.70
C ALA E 127 0.48 -10.48 18.82
N ALA E 128 1.04 -9.32 19.18
CA ALA E 128 0.43 -8.50 20.24
C ALA E 128 -0.95 -8.01 19.84
N ASP E 129 -1.12 -7.65 18.57
CA ASP E 129 -2.41 -7.15 18.10
C ASP E 129 -3.50 -8.22 18.14
N GLN E 130 -3.12 -9.50 18.09
CA GLN E 130 -4.12 -10.56 18.01
C GLN E 130 -4.86 -10.74 19.33
N VAL E 131 -4.14 -10.69 20.45
CA VAL E 131 -4.77 -10.98 21.73
C VAL E 131 -5.78 -9.91 22.10
N ALA E 132 -5.60 -8.68 21.60
CA ALA E 132 -6.53 -7.61 21.92
C ALA E 132 -7.90 -7.84 21.27
N THR E 133 -7.94 -8.50 20.11
CA THR E 133 -9.20 -8.71 19.41
C THR E 133 -10.10 -9.72 20.10
N GLY E 134 -9.53 -10.62 20.90
CA GLY E 134 -10.28 -11.66 21.57
C GLY E 134 -10.17 -13.03 20.93
N THR E 135 -9.77 -13.10 19.66
CA THR E 135 -9.52 -14.36 18.98
C THR E 135 -8.03 -14.49 18.69
N VAL E 136 -7.44 -15.59 19.12
CA VAL E 136 -6.00 -15.80 19.04
C VAL E 136 -5.73 -17.10 18.28
N THR E 137 -4.79 -17.05 17.35
CA THR E 137 -4.37 -18.22 16.59
C THR E 137 -2.85 -18.32 16.59
N ILE E 138 -2.36 -19.55 16.56
CA ILE E 138 -0.93 -19.85 16.58
C ILE E 138 -0.56 -20.57 15.30
N VAL E 139 0.52 -20.15 14.65
CA VAL E 139 0.93 -20.68 13.37
C VAL E 139 2.17 -21.54 13.54
N CYS E 140 2.11 -22.78 13.06
CA CYS E 140 3.25 -23.69 13.04
C CYS E 140 3.40 -24.25 11.63
N VAL E 141 4.61 -24.20 11.09
CA VAL E 141 4.85 -24.59 9.71
C VAL E 141 5.94 -25.64 9.64
N ALA E 142 5.86 -26.50 8.62
CA ALA E 142 6.88 -27.48 8.31
C ALA E 142 7.30 -27.28 6.86
N ASN E 143 8.61 -27.11 6.64
CA ASN E 143 9.14 -26.66 5.36
C ASN E 143 9.98 -27.74 4.71
N LYS E 144 9.76 -27.93 3.40
CA LYS E 144 10.61 -28.77 2.54
C LYS E 144 10.71 -30.19 3.09
N TYR E 145 9.57 -30.88 3.07
CA TYR E 145 9.48 -32.21 3.62
C TYR E 145 8.77 -33.15 2.65
N PHE E 146 9.05 -34.45 2.82
CA PHE E 146 8.43 -35.54 2.08
C PHE E 146 8.75 -36.85 2.79
N PRO E 147 7.75 -37.74 2.97
CA PRO E 147 6.35 -37.62 2.57
C PRO E 147 5.49 -36.82 3.55
N ASP E 148 4.18 -37.04 3.48
CA ASP E 148 3.24 -36.27 4.29
C ASP E 148 3.45 -36.54 5.76
N VAL E 149 3.08 -35.55 6.59
CA VAL E 149 3.27 -35.60 8.02
C VAL E 149 1.93 -35.38 8.72
N THR E 150 1.91 -35.66 10.02
CA THR E 150 0.77 -35.37 10.88
C THR E 150 1.21 -34.40 11.97
N VAL E 151 0.40 -33.39 12.22
CA VAL E 151 0.73 -32.32 13.16
C VAL E 151 -0.10 -32.49 14.41
N THR E 152 0.55 -32.42 15.58
CA THR E 152 -0.11 -32.58 16.87
C THR E 152 0.13 -31.33 17.72
N TRP E 153 -0.93 -30.82 18.32
CA TRP E 153 -0.87 -29.64 19.18
C TRP E 153 -1.11 -30.06 20.63
N GLU E 154 -0.23 -29.63 21.53
CA GLU E 154 -0.33 -29.94 22.95
C GLU E 154 -0.21 -28.66 23.75
N VAL E 155 -1.10 -28.49 24.74
CA VAL E 155 -1.07 -27.36 25.66
C VAL E 155 -0.87 -27.89 27.07
N ASP E 156 0.26 -27.54 27.69
CA ASP E 156 0.61 -27.99 29.03
C ASP E 156 0.61 -29.52 29.13
N GLY E 157 0.90 -30.20 28.01
CA GLY E 157 0.94 -31.64 27.97
C GLY E 157 -0.33 -32.30 27.46
N THR E 158 -1.44 -31.57 27.37
CA THR E 158 -2.71 -32.12 26.92
C THR E 158 -2.90 -31.82 25.44
N THR E 159 -3.23 -32.83 24.66
CA THR E 159 -3.38 -32.67 23.22
C THR E 159 -4.68 -31.94 22.89
N GLN E 160 -4.58 -30.96 21.99
CA GLN E 160 -5.75 -30.23 21.54
C GLN E 160 -6.48 -31.03 20.47
N THR E 161 -7.78 -30.77 20.34
CA THR E 161 -8.62 -31.52 19.40
C THR E 161 -9.46 -30.60 18.53
N THR E 162 -9.77 -29.41 19.02
CA THR E 162 -10.68 -28.49 18.34
C THR E 162 -9.95 -27.23 17.91
N GLY E 163 -10.34 -26.70 16.77
CA GLY E 163 -9.79 -25.45 16.28
C GLY E 163 -8.42 -25.55 15.65
N ILE E 164 -8.16 -26.64 14.92
CA ILE E 164 -6.88 -26.84 14.24
C ILE E 164 -7.15 -26.93 12.75
N GLU E 165 -6.41 -26.14 11.97
CA GLU E 165 -6.53 -26.12 10.52
C GLU E 165 -5.16 -26.34 9.88
N ASN E 166 -5.14 -27.10 8.79
CA ASN E 166 -3.90 -27.43 8.09
C ASN E 166 -4.05 -27.13 6.61
N SER E 167 -3.08 -26.39 6.06
CA SER E 167 -3.02 -26.09 4.64
C SER E 167 -1.67 -26.54 4.10
N LYS E 168 -1.69 -27.35 3.05
CA LYS E 168 -0.49 -27.96 2.51
C LYS E 168 -0.19 -27.42 1.12
N THR E 169 1.06 -27.03 0.90
CA THR E 169 1.49 -26.55 -0.39
C THR E 169 1.58 -27.71 -1.39
N PRO E 170 1.22 -27.48 -2.66
CA PRO E 170 1.47 -28.50 -3.67
C PRO E 170 2.96 -28.75 -3.84
N GLN E 171 3.28 -29.95 -4.34
CA GLN E 171 4.67 -30.37 -4.47
C GLN E 171 5.47 -29.40 -5.32
N ASN E 172 6.68 -29.09 -4.87
CA ASN E 172 7.56 -28.22 -5.63
C ASN E 172 7.96 -28.87 -6.94
N SER E 173 7.99 -28.09 -8.00
CA SER E 173 8.34 -28.56 -9.33
C SER E 173 9.82 -28.84 -9.50
N ALA E 174 10.61 -28.77 -8.43
CA ALA E 174 12.05 -29.00 -8.51
C ALA E 174 12.50 -30.20 -7.70
N ASP E 175 12.06 -30.31 -6.45
CA ASP E 175 12.52 -31.38 -5.57
C ASP E 175 11.39 -32.25 -5.01
N CYS E 176 10.15 -32.03 -5.44
CA CYS E 176 9.01 -32.85 -5.01
C CYS E 176 8.86 -32.84 -3.49
N THR E 177 8.74 -31.64 -2.94
CA THR E 177 8.63 -31.46 -1.50
C THR E 177 7.39 -30.65 -1.15
N TYR E 178 6.90 -30.86 0.07
CA TYR E 178 5.69 -30.23 0.57
C TYR E 178 6.03 -29.11 1.54
N ASN E 179 5.04 -28.25 1.78
CA ASN E 179 5.11 -27.25 2.84
C ASN E 179 3.73 -27.19 3.50
N LEU E 180 3.70 -27.28 4.82
CA LEU E 180 2.46 -27.34 5.57
C LEU E 180 2.39 -26.22 6.59
N SER E 181 1.20 -25.66 6.77
CA SER E 181 0.95 -24.64 7.78
C SER E 181 -0.21 -25.11 8.66
N SER E 182 0.03 -25.15 9.97
CA SER E 182 -0.96 -25.58 10.94
C SER E 182 -1.33 -24.39 11.83
N THR E 183 -2.63 -24.09 11.90
CA THR E 183 -3.14 -22.98 12.69
C THR E 183 -4.03 -23.52 13.80
N LEU E 184 -3.74 -23.12 15.04
CA LEU E 184 -4.54 -23.48 16.20
C LEU E 184 -5.22 -22.21 16.73
N THR E 185 -6.51 -22.09 16.50
CA THR E 185 -7.27 -20.90 16.87
C THR E 185 -7.95 -21.14 18.22
N LEU E 186 -7.78 -20.19 19.14
CA LEU E 186 -8.39 -20.26 20.46
C LEU E 186 -8.95 -18.89 20.81
N THR E 187 -9.36 -18.73 22.06
CA THR E 187 -9.85 -17.46 22.58
C THR E 187 -8.80 -16.86 23.50
N SER E 188 -8.82 -15.53 23.61
CA SER E 188 -7.83 -14.85 24.44
C SER E 188 -7.93 -15.27 25.89
N THR E 189 -9.14 -15.57 26.37
CA THR E 189 -9.28 -16.07 27.73
C THR E 189 -8.59 -17.42 27.91
N GLN E 190 -8.74 -18.31 26.92
CA GLN E 190 -8.08 -19.61 26.99
C GLN E 190 -6.57 -19.47 26.84
N TYR E 191 -6.13 -18.57 25.96
CA TYR E 191 -4.70 -18.45 25.69
C TYR E 191 -3.95 -17.89 26.89
N ASN E 192 -4.61 -17.09 27.72
CA ASN E 192 -3.97 -16.51 28.91
C ASN E 192 -3.98 -17.46 30.10
N SER E 193 -4.53 -18.67 29.95
CA SER E 193 -4.57 -19.64 31.03
C SER E 193 -3.38 -20.61 30.97
N HIS E 194 -3.12 -21.20 29.81
CA HIS E 194 -2.04 -22.15 29.64
C HIS E 194 -0.73 -21.43 29.33
N LYS E 195 0.38 -22.13 29.56
CA LYS E 195 1.71 -21.59 29.35
C LYS E 195 2.50 -22.36 28.30
N GLU E 196 2.50 -23.69 28.37
CA GLU E 196 3.28 -24.51 27.46
C GLU E 196 2.46 -24.80 26.20
N TYR E 197 2.93 -24.31 25.06
CA TYR E 197 2.30 -24.56 23.77
C TYR E 197 3.30 -25.30 22.88
N THR E 198 2.89 -26.46 22.37
CA THR E 198 3.79 -27.35 21.66
C THR E 198 3.20 -27.71 20.30
N CYS E 199 4.03 -27.63 19.26
CA CYS E 199 3.67 -28.10 17.92
C CYS E 199 4.56 -29.29 17.60
N LYS E 200 3.95 -30.44 17.34
CA LYS E 200 4.67 -31.68 17.07
C LYS E 200 4.37 -32.14 15.65
N VAL E 201 5.41 -32.32 14.86
CA VAL E 201 5.30 -32.78 13.48
C VAL E 201 5.92 -34.17 13.39
N THR E 202 5.12 -35.15 12.98
CA THR E 202 5.55 -36.54 12.92
C THR E 202 5.62 -36.98 11.46
N GLN E 203 6.79 -37.44 11.04
CA GLN E 203 7.01 -37.99 9.71
C GLN E 203 7.32 -39.47 9.88
N GLY E 204 6.27 -40.28 9.94
CA GLY E 204 6.44 -41.69 10.21
C GLY E 204 7.00 -41.93 11.61
N THR E 205 8.26 -42.37 11.68
CA THR E 205 8.94 -42.56 12.96
C THR E 205 9.60 -41.28 13.45
N THR E 206 10.01 -40.40 12.54
CA THR E 206 10.68 -39.16 12.92
C THR E 206 9.66 -38.14 13.40
N SER E 207 9.97 -37.48 14.51
CA SER E 207 9.12 -36.43 15.06
C SER E 207 9.98 -35.22 15.37
N VAL E 208 9.56 -34.05 14.89
CA VAL E 208 10.23 -32.78 15.18
C VAL E 208 9.28 -31.94 16.02
N VAL E 209 9.70 -31.62 17.24
CA VAL E 209 8.87 -30.92 18.21
C VAL E 209 9.41 -29.50 18.36
N GLN E 210 8.53 -28.52 18.16
CA GLN E 210 8.86 -27.11 18.33
C GLN E 210 7.83 -26.50 19.28
N SER E 211 8.31 -25.94 20.38
CA SER E 211 7.43 -25.44 21.43
C SER E 211 7.89 -24.07 21.90
N PHE E 212 7.04 -23.41 22.68
CA PHE E 212 7.38 -22.13 23.28
C PHE E 212 6.49 -21.94 24.51
N ASN E 213 6.94 -21.06 25.40
CA ASN E 213 6.24 -20.74 26.62
C ASN E 213 5.73 -19.31 26.58
N ARG E 214 4.48 -19.11 26.98
CA ARG E 214 3.91 -17.77 26.98
C ARG E 214 4.61 -16.89 28.01
N GLY E 215 4.80 -15.63 27.67
CA GLY E 215 5.47 -14.69 28.55
C GLY E 215 6.97 -14.83 28.63
N ASP E 216 7.58 -15.56 27.70
CA ASP E 216 9.03 -15.74 27.69
C ASP E 216 9.65 -15.18 26.43
N ASN F 6 -49.28 -29.21 -34.89
CA ASN F 6 -48.73 -28.46 -36.01
C ASN F 6 -48.40 -29.39 -37.16
N VAL F 7 -49.44 -30.09 -37.65
CA VAL F 7 -49.25 -31.07 -38.72
C VAL F 7 -48.94 -30.36 -40.04
N TYR F 8 -48.12 -31.00 -40.87
CA TYR F 8 -47.77 -30.49 -42.19
C TYR F 8 -48.37 -31.39 -43.25
N ASP F 9 -48.62 -30.82 -44.43
CA ASP F 9 -49.36 -31.48 -45.50
C ASP F 9 -48.44 -31.95 -46.61
N MET F 10 -48.69 -33.16 -47.11
CA MET F 10 -48.02 -33.70 -48.30
C MET F 10 -49.09 -33.95 -49.36
N LYS F 11 -49.16 -33.07 -50.35
CA LYS F 11 -50.17 -33.17 -51.39
C LYS F 11 -49.78 -34.22 -52.43
N ILE F 12 -50.76 -34.99 -52.87
CA ILE F 12 -50.58 -36.02 -53.90
C ILE F 12 -51.68 -35.85 -54.94
N GLU F 13 -51.30 -35.82 -56.22
CA GLU F 13 -52.24 -35.63 -57.30
C GLU F 13 -52.52 -36.95 -58.00
N CYS F 14 -53.78 -37.19 -58.30
CA CYS F 14 -54.25 -38.43 -58.90
C CYS F 14 -55.03 -38.16 -60.18
N PRO F 15 -54.78 -38.92 -61.23
CA PRO F 15 -55.56 -38.78 -62.46
C PRO F 15 -56.91 -39.48 -62.34
N HIS F 16 -57.78 -39.19 -63.31
CA HIS F 16 -59.12 -39.77 -63.31
C HIS F 16 -59.08 -41.28 -63.56
N THR F 17 -58.22 -41.74 -64.47
CA THR F 17 -58.12 -43.15 -64.78
C THR F 17 -56.95 -43.75 -64.02
N VAL F 18 -57.19 -44.89 -63.38
CA VAL F 18 -56.23 -45.54 -62.49
C VAL F 18 -55.82 -46.88 -63.08
N SER F 19 -54.51 -47.17 -63.01
CA SER F 19 -53.94 -48.48 -63.37
C SER F 19 -54.03 -48.75 -64.87
N PHE F 20 -53.61 -47.77 -65.66
CA PHE F 20 -53.32 -48.06 -67.07
C PHE F 20 -52.05 -48.90 -67.19
N GLY F 21 -51.16 -48.82 -66.21
CA GLY F 21 -49.93 -49.57 -66.26
C GLY F 21 -49.29 -49.69 -64.89
N GLU F 22 -48.05 -50.16 -64.89
CA GLU F 22 -47.26 -50.40 -63.68
C GLU F 22 -46.59 -49.11 -63.19
N ASN F 23 -47.43 -48.12 -62.89
CA ASN F 23 -46.97 -46.76 -62.62
C ASN F 23 -47.21 -46.39 -61.16
N SER F 24 -46.34 -45.51 -60.64
CA SER F 24 -46.42 -45.05 -59.27
C SER F 24 -46.27 -43.53 -59.21
N VAL F 25 -46.83 -42.94 -58.16
CA VAL F 25 -46.79 -41.50 -57.93
C VAL F 25 -45.96 -41.21 -56.68
N ILE F 26 -45.46 -39.98 -56.60
CA ILE F 26 -44.57 -39.55 -55.53
C ILE F 26 -44.98 -38.18 -55.02
N GLY F 27 -44.80 -37.97 -53.72
CA GLY F 27 -44.99 -36.66 -53.13
C GLY F 27 -43.88 -36.37 -52.14
N TYR F 28 -43.72 -35.08 -51.83
CA TYR F 28 -42.65 -34.64 -50.95
C TYR F 28 -43.11 -33.44 -50.13
N VAL F 29 -42.42 -33.22 -49.02
CA VAL F 29 -42.69 -32.09 -48.13
C VAL F 29 -41.39 -31.75 -47.40
N GLU F 30 -41.09 -30.45 -47.33
CA GLU F 30 -39.91 -29.97 -46.63
C GLU F 30 -40.28 -29.57 -45.20
N LEU F 31 -39.57 -30.14 -44.21
CA LEU F 31 -39.88 -29.96 -42.81
C LEU F 31 -38.98 -28.91 -42.17
N PRO F 32 -39.44 -28.28 -41.10
CA PRO F 32 -38.63 -27.26 -40.42
C PRO F 32 -37.38 -27.89 -39.80
N PRO F 33 -36.35 -27.08 -39.52
CA PRO F 33 -35.11 -27.64 -38.98
C PRO F 33 -35.31 -28.32 -37.64
N MET F 34 -34.56 -29.39 -37.43
CA MET F 34 -34.53 -30.15 -36.19
C MET F 34 -33.09 -30.41 -35.80
N PRO F 35 -32.82 -30.67 -34.51
CA PRO F 35 -31.45 -30.96 -34.10
C PRO F 35 -30.91 -32.21 -34.80
N LEU F 36 -29.61 -32.18 -35.13
CA LEU F 36 -29.00 -33.29 -35.84
C LEU F 36 -28.98 -34.56 -34.99
N ALA F 37 -28.77 -34.42 -33.68
CA ALA F 37 -28.68 -35.58 -32.81
C ALA F 37 -29.99 -36.37 -32.78
N ASP F 38 -31.12 -35.69 -32.98
CA ASP F 38 -32.42 -36.35 -32.93
C ASP F 38 -32.76 -37.12 -34.20
N THR F 39 -31.96 -36.99 -35.27
CA THR F 39 -32.22 -37.70 -36.51
C THR F 39 -31.72 -39.14 -36.49
N ALA F 40 -30.96 -39.53 -35.47
CA ALA F 40 -30.47 -40.91 -35.39
C ALA F 40 -31.61 -41.87 -35.11
N GLN F 41 -31.62 -43.00 -35.82
CA GLN F 41 -32.62 -44.06 -35.68
C GLN F 41 -34.03 -43.55 -35.95
N MET F 42 -34.17 -42.42 -36.66
CA MET F 42 -35.48 -41.89 -36.99
C MET F 42 -36.02 -42.64 -38.20
N VAL F 43 -37.17 -43.30 -38.02
CA VAL F 43 -37.78 -44.07 -39.10
C VAL F 43 -39.23 -43.63 -39.26
N PRO F 44 -39.76 -43.61 -40.48
CA PRO F 44 -41.17 -43.25 -40.67
C PRO F 44 -42.10 -44.34 -40.16
N GLU F 45 -43.13 -43.93 -39.44
CA GLU F 45 -44.19 -44.81 -38.97
C GLU F 45 -45.46 -44.36 -39.69
N SER F 46 -45.88 -45.14 -40.68
CA SER F 46 -46.97 -44.78 -41.55
C SER F 46 -48.27 -45.44 -41.09
N SER F 47 -49.38 -44.74 -41.36
CA SER F 47 -50.71 -45.24 -41.03
C SER F 47 -51.57 -45.47 -42.26
N CYS F 48 -50.95 -45.61 -43.44
CA CYS F 48 -51.70 -45.86 -44.65
C CYS F 48 -52.11 -47.33 -44.74
N SER F 49 -53.05 -47.61 -45.65
CA SER F 49 -53.48 -48.98 -45.87
C SER F 49 -52.41 -49.81 -46.57
N MET F 50 -51.35 -49.19 -47.09
CA MET F 50 -50.27 -49.89 -47.75
C MET F 50 -49.04 -49.85 -46.84
N ASP F 51 -48.61 -51.03 -46.39
CA ASP F 51 -47.50 -51.11 -45.46
C ASP F 51 -46.20 -50.67 -46.13
N ASN F 52 -45.39 -49.93 -45.37
CA ASN F 52 -44.12 -49.44 -45.89
C ASN F 52 -43.16 -50.60 -46.14
N HIS F 53 -42.33 -50.45 -47.16
CA HIS F 53 -41.35 -51.48 -47.51
C HIS F 53 -40.36 -51.68 -46.37
N GLN F 54 -40.09 -52.95 -46.03
CA GLN F 54 -39.23 -53.26 -44.91
C GLN F 54 -37.77 -52.91 -45.18
N SER F 55 -37.37 -52.80 -46.44
CA SER F 55 -35.97 -52.52 -46.76
C SER F 55 -35.58 -51.07 -46.47
N ILE F 56 -36.56 -50.16 -46.43
CA ILE F 56 -36.25 -48.77 -46.15
C ILE F 56 -35.80 -48.61 -44.69
N ASN F 57 -36.46 -49.31 -43.77
CA ASN F 57 -36.11 -49.23 -42.36
C ASN F 57 -34.83 -49.98 -42.01
N THR F 58 -34.26 -50.72 -42.95
CA THR F 58 -33.02 -51.44 -42.69
C THR F 58 -31.85 -50.48 -42.54
N ILE F 59 -30.72 -51.01 -42.08
CA ILE F 59 -29.54 -50.21 -41.79
C ILE F 59 -28.70 -50.08 -43.05
N THR F 60 -28.34 -48.83 -43.39
CA THR F 60 -27.42 -48.54 -44.48
C THR F 60 -26.22 -47.82 -43.90
N LYS F 61 -25.03 -48.39 -44.09
CA LYS F 61 -23.81 -47.83 -43.50
C LYS F 61 -23.39 -46.59 -44.28
N TYR F 62 -23.27 -45.47 -43.57
CA TYR F 62 -22.87 -44.20 -44.15
C TYR F 62 -21.52 -43.76 -43.61
N THR F 63 -20.83 -42.94 -44.37
CA THR F 63 -19.63 -42.25 -43.92
C THR F 63 -20.00 -40.83 -43.52
N GLN F 64 -19.72 -40.46 -42.27
CA GLN F 64 -19.99 -39.12 -41.77
C GLN F 64 -18.72 -38.28 -41.91
N VAL F 65 -18.80 -37.22 -42.70
CA VAL F 65 -17.71 -36.28 -42.89
C VAL F 65 -18.11 -34.95 -42.26
N ILE F 66 -17.35 -34.52 -41.27
CA ILE F 66 -17.64 -33.29 -40.54
C ILE F 66 -16.42 -32.38 -40.58
N TRP F 67 -16.67 -31.11 -40.33
CA TRP F 67 -15.61 -30.10 -40.26
C TRP F 67 -15.61 -29.49 -38.87
N ARG F 68 -14.42 -29.17 -38.38
CA ARG F 68 -14.25 -28.55 -37.08
C ARG F 68 -12.96 -27.74 -37.07
N GLY F 69 -12.92 -26.73 -36.21
CA GLY F 69 -11.68 -25.98 -36.06
C GLY F 69 -10.56 -26.87 -35.56
N LYS F 70 -9.35 -26.59 -36.03
CA LYS F 70 -8.21 -27.44 -35.72
C LYS F 70 -7.99 -27.48 -34.21
N ALA F 71 -7.76 -28.69 -33.68
CA ALA F 71 -7.64 -28.87 -32.25
C ALA F 71 -6.31 -28.36 -31.72
N ASP F 72 -5.27 -28.35 -32.54
CA ASP F 72 -3.94 -28.00 -32.07
C ASP F 72 -3.87 -26.52 -31.74
N PRO F 73 -3.52 -26.14 -30.51
CA PRO F 73 -3.36 -24.72 -30.19
C PRO F 73 -2.22 -24.10 -31.00
N GLY F 74 -2.34 -22.82 -31.28
CA GLY F 74 -1.41 -22.17 -32.18
C GLY F 74 -1.90 -22.25 -33.60
N GLN F 75 -2.18 -23.46 -34.08
CA GLN F 75 -2.86 -23.61 -35.36
C GLN F 75 -4.35 -23.27 -35.21
N SER F 76 -4.92 -23.53 -34.03
CA SER F 76 -6.29 -23.07 -33.78
C SER F 76 -6.36 -21.55 -33.71
N SER F 77 -5.26 -20.90 -33.29
CA SER F 77 -5.20 -19.45 -33.31
C SER F 77 -5.20 -18.89 -34.73
N GLN F 78 -4.84 -19.71 -35.72
CA GLN F 78 -4.87 -19.32 -37.12
C GLN F 78 -6.15 -19.79 -37.82
N ASN F 79 -7.23 -19.98 -37.05
CA ASN F 79 -8.58 -20.35 -37.45
C ASN F 79 -8.63 -21.29 -38.65
N SER F 80 -7.82 -22.34 -38.61
CA SER F 80 -7.87 -23.41 -39.61
C SER F 80 -8.83 -24.50 -39.13
N PHE F 81 -9.38 -25.24 -40.10
CA PHE F 81 -10.36 -26.27 -39.79
C PHE F 81 -9.94 -27.60 -40.41
N GLU F 82 -10.34 -28.68 -39.75
CA GLU F 82 -9.97 -30.04 -40.10
C GLU F 82 -11.23 -30.86 -40.41
N THR F 83 -11.01 -32.03 -41.00
CA THR F 83 -12.09 -32.93 -41.39
C THR F 83 -11.96 -34.24 -40.62
N VAL F 84 -13.10 -34.79 -40.20
CA VAL F 84 -13.16 -36.05 -39.47
C VAL F 84 -14.09 -36.99 -40.22
N SER F 85 -13.62 -38.22 -40.47
CA SER F 85 -14.40 -39.23 -41.16
C SER F 85 -14.67 -40.39 -40.22
N THR F 86 -15.93 -40.81 -40.15
CA THR F 86 -16.32 -41.90 -39.27
C THR F 86 -17.45 -42.68 -39.93
N GLU F 87 -17.64 -43.92 -39.47
CA GLU F 87 -18.70 -44.78 -39.97
C GLU F 87 -19.93 -44.66 -39.08
N VAL F 88 -21.09 -44.42 -39.70
CA VAL F 88 -22.35 -44.31 -38.99
C VAL F 88 -23.39 -45.16 -39.71
N ASP F 89 -24.45 -45.51 -38.98
CA ASP F 89 -25.57 -46.28 -39.50
C ASP F 89 -26.79 -45.39 -39.61
N LEU F 90 -27.33 -45.26 -40.83
CA LEU F 90 -28.48 -44.42 -41.10
C LEU F 90 -29.62 -45.28 -41.65
N LYS F 91 -30.80 -45.14 -41.06
CA LYS F 91 -31.99 -45.87 -41.49
C LYS F 91 -33.04 -44.89 -41.98
N GLY F 92 -33.83 -45.34 -42.95
CA GLY F 92 -34.91 -44.54 -43.50
C GLY F 92 -34.50 -43.60 -44.61
N THR F 93 -33.21 -43.50 -44.92
CA THR F 93 -32.77 -42.65 -46.01
C THR F 93 -33.19 -43.25 -47.35
N CYS F 94 -33.24 -42.38 -48.37
CA CYS F 94 -33.73 -42.79 -49.70
C CYS F 94 -32.64 -43.57 -50.43
N VAL F 95 -32.37 -44.77 -49.93
CA VAL F 95 -31.46 -45.71 -50.58
C VAL F 95 -32.28 -46.87 -51.12
N LEU F 96 -32.68 -46.77 -52.38
CA LEU F 96 -33.50 -47.78 -53.02
C LEU F 96 -32.62 -48.88 -53.61
N LYS F 97 -33.23 -50.06 -53.79
CA LYS F 97 -32.55 -51.19 -54.38
C LYS F 97 -33.07 -51.44 -55.79
N HIS F 98 -32.43 -52.38 -56.49
CA HIS F 98 -32.80 -52.69 -57.86
C HIS F 98 -34.20 -53.29 -57.92
N LYS F 99 -35.02 -52.77 -58.83
CA LYS F 99 -36.39 -53.24 -59.05
C LYS F 99 -37.25 -53.14 -57.79
N MET F 100 -36.90 -52.22 -56.88
CA MET F 100 -37.68 -52.08 -55.66
C MET F 100 -39.02 -51.39 -55.94
N VAL F 101 -39.04 -50.43 -56.86
CA VAL F 101 -40.27 -49.70 -57.15
C VAL F 101 -41.32 -50.63 -57.74
N GLU F 102 -40.91 -51.46 -58.71
CA GLU F 102 -41.86 -52.37 -59.36
C GLU F 102 -42.35 -53.44 -58.40
N GLU F 103 -41.44 -54.01 -57.60
CA GLU F 103 -41.84 -55.02 -56.62
C GLU F 103 -42.78 -54.42 -55.58
N SER F 104 -42.52 -53.17 -55.17
CA SER F 104 -43.45 -52.50 -54.26
C SER F 104 -44.80 -52.27 -54.93
N TYR F 105 -44.79 -51.97 -56.23
CA TYR F 105 -46.03 -51.79 -56.96
C TYR F 105 -46.85 -53.08 -56.98
N ARG F 106 -46.19 -54.21 -57.24
CA ARG F 106 -46.90 -55.48 -57.30
C ARG F 106 -47.24 -56.04 -55.91
N SER F 107 -46.58 -55.55 -54.87
CA SER F 107 -46.84 -56.02 -53.51
C SER F 107 -47.73 -55.08 -52.71
N ARG F 108 -48.25 -54.02 -53.33
CA ARG F 108 -49.11 -53.04 -52.67
C ARG F 108 -48.41 -52.43 -51.45
N LYS F 109 -47.10 -52.20 -51.57
CA LYS F 109 -46.30 -51.67 -50.48
C LYS F 109 -45.74 -50.30 -50.87
N SER F 110 -45.75 -49.38 -49.92
CA SER F 110 -45.28 -48.02 -50.13
C SER F 110 -43.78 -47.92 -49.83
N ILE F 111 -43.16 -46.88 -50.38
CA ILE F 111 -41.75 -46.57 -50.16
C ILE F 111 -41.71 -45.17 -49.54
N THR F 112 -41.50 -45.11 -48.23
CA THR F 112 -41.46 -43.84 -47.49
C THR F 112 -40.04 -43.63 -46.99
N CYS F 113 -39.37 -42.63 -47.53
CA CYS F 113 -38.00 -42.28 -47.14
C CYS F 113 -37.87 -40.78 -47.10
N TYR F 114 -36.79 -40.30 -46.51
CA TYR F 114 -36.58 -38.86 -46.33
C TYR F 114 -35.17 -38.46 -46.73
N ASP F 115 -35.08 -37.26 -47.29
CA ASP F 115 -33.81 -36.61 -47.57
C ASP F 115 -33.58 -35.52 -46.52
N LEU F 116 -32.36 -35.43 -46.02
CA LEU F 116 -32.03 -34.52 -44.92
C LEU F 116 -31.06 -33.45 -45.41
N SER F 117 -31.37 -32.20 -45.09
CA SER F 117 -30.54 -31.04 -45.39
C SER F 117 -30.04 -30.48 -44.06
N CYS F 118 -28.73 -30.58 -43.84
CA CYS F 118 -28.15 -30.30 -42.53
C CYS F 118 -26.98 -29.34 -42.61
N ASN F 119 -26.92 -28.42 -41.67
CA ASN F 119 -25.68 -27.72 -41.35
C ASN F 119 -24.98 -28.50 -40.24
N SER F 120 -23.98 -27.89 -39.60
CA SER F 120 -23.19 -28.60 -38.61
C SER F 120 -24.01 -29.05 -37.40
N THR F 121 -25.17 -28.45 -37.14
CA THR F 121 -25.88 -28.74 -35.90
C THR F 121 -27.36 -29.08 -36.09
N PHE F 122 -27.98 -28.61 -37.18
CA PHE F 122 -29.41 -28.79 -37.39
C PHE F 122 -29.67 -29.38 -38.77
N CYS F 123 -30.83 -30.03 -38.90
CA CYS F 123 -31.20 -30.73 -40.12
C CYS F 123 -32.58 -30.33 -40.60
N LYS F 124 -32.71 -30.14 -41.92
CA LYS F 124 -34.00 -29.92 -42.57
C LYS F 124 -34.36 -31.19 -43.34
N PRO F 125 -35.28 -32.02 -42.83
CA PRO F 125 -35.63 -33.24 -43.54
C PRO F 125 -36.70 -32.99 -44.60
N THR F 126 -36.56 -33.71 -45.72
CA THR F 126 -37.52 -33.67 -46.83
C THR F 126 -38.07 -35.08 -47.01
N LEU F 127 -39.30 -35.31 -46.55
CA LEU F 127 -39.89 -36.63 -46.57
C LEU F 127 -40.47 -36.96 -47.95
N TYR F 128 -40.18 -38.15 -48.44
CA TYR F 128 -40.69 -38.63 -49.72
C TYR F 128 -41.54 -39.87 -49.51
N MET F 129 -42.58 -40.01 -50.34
CA MET F 129 -43.42 -41.21 -50.33
C MET F 129 -43.74 -41.59 -51.77
N ILE F 130 -43.43 -42.83 -52.14
CA ILE F 130 -43.75 -43.38 -53.45
C ILE F 130 -44.82 -44.44 -53.25
N VAL F 131 -45.98 -44.22 -53.83
CA VAL F 131 -47.09 -45.17 -53.72
C VAL F 131 -47.61 -45.48 -55.12
N PRO F 132 -48.11 -46.69 -55.36
CA PRO F 132 -48.73 -46.99 -56.65
C PRO F 132 -50.02 -46.21 -56.83
N ILE F 133 -50.39 -46.04 -58.10
CA ILE F 133 -51.65 -45.38 -58.43
C ILE F 133 -52.86 -46.17 -57.95
N HIS F 134 -52.65 -47.42 -57.51
CA HIS F 134 -53.75 -48.22 -56.98
C HIS F 134 -54.37 -47.59 -55.74
N ALA F 135 -53.65 -46.69 -55.07
CA ALA F 135 -54.19 -45.94 -53.95
C ALA F 135 -54.88 -44.64 -54.38
N CYS F 136 -54.89 -44.34 -55.67
CA CYS F 136 -55.52 -43.12 -56.18
C CYS F 136 -57.01 -43.28 -56.42
N ASN F 137 -57.54 -44.51 -56.38
CA ASN F 137 -58.98 -44.70 -56.52
C ASN F 137 -59.68 -44.64 -55.16
N MET F 138 -59.16 -45.38 -54.18
CA MET F 138 -59.70 -45.29 -52.83
C MET F 138 -59.40 -43.93 -52.20
N MET F 139 -58.18 -43.42 -52.41
CA MET F 139 -57.75 -42.11 -51.91
C MET F 139 -57.96 -41.99 -50.40
N LYS F 140 -57.60 -43.04 -49.67
CA LYS F 140 -57.72 -43.04 -48.23
C LYS F 140 -56.64 -42.16 -47.62
N SER F 141 -57.05 -41.22 -46.77
CA SER F 141 -56.10 -40.32 -46.13
C SER F 141 -55.21 -41.07 -45.16
N CYS F 142 -53.94 -40.66 -45.11
CA CYS F 142 -52.94 -41.34 -44.30
C CYS F 142 -52.18 -40.33 -43.45
N LEU F 143 -51.64 -40.81 -42.33
CA LEU F 143 -50.80 -40.03 -41.43
C LEU F 143 -49.44 -40.68 -41.31
N ILE F 144 -48.39 -39.87 -41.47
CA ILE F 144 -47.01 -40.36 -41.38
C ILE F 144 -46.31 -39.59 -40.26
N ALA F 145 -45.66 -40.33 -39.37
CA ALA F 145 -44.91 -39.75 -38.25
C ALA F 145 -43.43 -39.94 -38.51
N LEU F 146 -42.68 -38.85 -38.45
CA LEU F 146 -41.22 -38.86 -38.66
C LEU F 146 -40.59 -38.00 -37.56
N GLY F 147 -40.06 -38.66 -36.53
CA GLY F 147 -39.49 -37.96 -35.41
C GLY F 147 -40.52 -37.11 -34.68
N PRO F 148 -40.19 -35.83 -34.46
CA PRO F 148 -41.13 -34.93 -33.78
C PRO F 148 -42.18 -34.31 -34.70
N TYR F 149 -42.19 -34.66 -35.98
CA TYR F 149 -43.09 -34.08 -36.94
C TYR F 149 -44.17 -35.08 -37.34
N ARG F 150 -45.33 -34.55 -37.72
CA ARG F 150 -46.43 -35.34 -38.26
C ARG F 150 -46.80 -34.80 -39.63
N VAL F 151 -47.08 -35.70 -40.57
CA VAL F 151 -47.42 -35.32 -41.94
C VAL F 151 -48.74 -35.96 -42.30
N GLN F 152 -49.64 -35.16 -42.89
CA GLN F 152 -50.94 -35.64 -43.36
C GLN F 152 -50.84 -35.90 -44.87
N VAL F 153 -51.14 -37.12 -45.28
CA VAL F 153 -51.15 -37.48 -46.70
C VAL F 153 -52.49 -37.04 -47.29
N VAL F 154 -52.46 -36.02 -48.14
CA VAL F 154 -53.66 -35.43 -48.73
C VAL F 154 -53.65 -35.74 -50.22
N TYR F 155 -54.69 -36.40 -50.69
CA TYR F 155 -54.84 -36.76 -52.09
C TYR F 155 -55.75 -35.76 -52.79
N GLU F 156 -55.28 -35.22 -53.92
CA GLU F 156 -56.03 -34.27 -54.72
C GLU F 156 -56.30 -34.88 -56.08
N ARG F 157 -57.56 -34.88 -56.50
CA ARG F 157 -57.97 -35.47 -57.78
C ARG F 157 -57.95 -34.40 -58.86
N THR F 158 -56.97 -34.48 -59.76
CA THR F 158 -56.89 -33.57 -60.89
C THR F 158 -57.88 -33.99 -61.97
N TYR F 159 -58.22 -33.03 -62.83
CA TYR F 159 -59.14 -33.28 -63.95
C TYR F 159 -58.41 -33.80 -65.18
N CYS F 160 -57.60 -34.84 -65.00
CA CYS F 160 -56.86 -35.46 -66.08
C CYS F 160 -57.14 -36.96 -66.09
N MET F 161 -57.31 -37.52 -67.29
CA MET F 161 -57.53 -38.95 -67.41
C MET F 161 -56.28 -39.74 -67.05
N THR F 162 -55.19 -39.52 -67.79
CA THR F 162 -53.92 -40.18 -67.52
C THR F 162 -52.73 -39.23 -67.41
N GLY F 163 -52.91 -37.94 -67.71
CA GLY F 163 -51.80 -37.01 -67.77
C GLY F 163 -51.46 -36.41 -66.42
N VAL F 164 -50.52 -35.47 -66.45
CA VAL F 164 -50.09 -34.72 -65.28
C VAL F 164 -50.49 -33.27 -65.46
N LEU F 165 -51.02 -32.67 -64.41
CA LEU F 165 -51.49 -31.29 -64.49
C LEU F 165 -50.30 -30.35 -64.54
N ILE F 166 -50.20 -29.58 -65.63
CA ILE F 166 -49.15 -28.59 -65.81
C ILE F 166 -49.82 -27.29 -66.26
N GLU F 167 -49.80 -26.28 -65.40
CA GLU F 167 -50.36 -24.96 -65.70
C GLU F 167 -51.81 -25.05 -66.14
N GLY F 168 -52.58 -25.88 -65.45
CA GLY F 168 -53.99 -26.03 -65.74
C GLY F 168 -54.31 -26.96 -66.90
N LYS F 169 -53.31 -27.59 -67.50
CA LYS F 169 -53.49 -28.50 -68.61
C LYS F 169 -52.82 -29.83 -68.31
N CYS F 170 -53.37 -30.89 -68.87
CA CYS F 170 -52.79 -32.22 -68.71
C CYS F 170 -51.62 -32.39 -69.67
N PHE F 171 -50.76 -33.36 -69.35
CA PHE F 171 -49.58 -33.63 -70.15
C PHE F 171 -49.24 -35.10 -70.02
N VAL F 172 -49.03 -35.77 -71.14
CA VAL F 172 -48.66 -37.18 -71.17
C VAL F 172 -47.29 -37.30 -71.86
N PRO F 173 -46.26 -37.75 -71.15
CA PRO F 173 -44.97 -38.03 -71.79
C PRO F 173 -44.95 -39.45 -72.36
N ASP F 174 -44.64 -39.60 -73.63
CA ASP F 174 -44.63 -40.92 -74.25
C ASP F 174 -43.21 -41.48 -74.31
N GLN F 175 -43.14 -42.80 -74.45
CA GLN F 175 -41.90 -43.54 -74.33
C GLN F 175 -41.29 -43.83 -75.68
N SER F 176 -39.97 -43.62 -75.76
CA SER F 176 -39.12 -43.83 -76.94
C SER F 176 -39.43 -42.87 -78.09
N VAL F 177 -38.51 -42.80 -79.04
CA VAL F 177 -38.66 -41.95 -80.22
C VAL F 177 -39.72 -42.49 -81.17
N VAL F 178 -39.89 -43.82 -81.22
CA VAL F 178 -40.80 -44.44 -82.19
C VAL F 178 -42.23 -43.96 -81.97
N SER F 179 -42.67 -43.86 -80.72
CA SER F 179 -44.02 -43.39 -80.45
C SER F 179 -44.22 -41.96 -80.94
N ILE F 180 -43.22 -41.10 -80.72
CA ILE F 180 -43.30 -39.72 -81.20
C ILE F 180 -43.37 -39.67 -82.71
N ILE F 181 -42.54 -40.48 -83.38
CA ILE F 181 -42.53 -40.49 -84.84
C ILE F 181 -43.86 -40.96 -85.38
N LYS F 182 -44.45 -41.99 -84.77
CA LYS F 182 -45.75 -42.47 -85.20
C LYS F 182 -46.83 -41.42 -84.97
N HIS F 183 -46.78 -40.72 -83.82
CA HIS F 183 -47.76 -39.69 -83.55
C HIS F 183 -47.61 -38.50 -84.49
N GLY F 184 -46.41 -38.27 -85.03
CA GLY F 184 -46.23 -37.24 -86.03
C GLY F 184 -46.32 -35.81 -85.52
N ILE F 185 -46.63 -35.62 -84.24
CA ILE F 185 -46.65 -34.29 -83.64
C ILE F 185 -46.62 -34.46 -82.13
N PHE F 186 -45.98 -33.53 -81.44
CA PHE F 186 -45.86 -33.60 -79.99
C PHE F 186 -45.51 -32.23 -79.46
N ASP F 187 -45.67 -32.06 -78.15
CA ASP F 187 -45.37 -30.82 -77.47
C ASP F 187 -44.51 -31.11 -76.24
N ILE F 188 -43.63 -30.18 -75.91
CA ILE F 188 -42.67 -30.35 -74.82
C ILE F 188 -42.86 -29.23 -73.81
N ALA F 189 -42.96 -29.60 -72.54
CA ALA F 189 -43.16 -28.63 -71.46
C ALA F 189 -42.38 -29.07 -70.23
N SER F 190 -42.10 -28.12 -69.35
CA SER F 190 -41.35 -28.40 -68.14
C SER F 190 -42.22 -29.18 -67.15
N VAL F 191 -41.74 -30.34 -66.74
CA VAL F 191 -42.48 -31.24 -65.86
C VAL F 191 -41.63 -31.50 -64.62
N HIS F 192 -42.23 -31.35 -63.44
CA HIS F 192 -41.52 -31.63 -62.20
C HIS F 192 -41.20 -33.11 -62.10
N VAL F 193 -40.04 -33.42 -61.52
CA VAL F 193 -39.56 -34.79 -61.46
C VAL F 193 -38.70 -34.97 -60.21
N VAL F 194 -38.84 -36.12 -59.56
CA VAL F 194 -38.03 -36.50 -58.41
C VAL F 194 -37.34 -37.80 -58.73
N CYS F 195 -36.03 -37.85 -58.49
CA CYS F 195 -35.21 -38.99 -58.87
C CYS F 195 -34.40 -39.52 -57.69
N PHE F 196 -34.12 -40.81 -57.73
CA PHE F 196 -33.29 -41.49 -56.73
C PHE F 196 -32.23 -42.33 -57.43
N PHE F 197 -31.03 -42.36 -56.86
CA PHE F 197 -29.93 -43.13 -57.42
C PHE F 197 -29.91 -44.52 -56.80
N VAL F 198 -29.85 -45.54 -57.65
CA VAL F 198 -29.72 -46.93 -57.21
C VAL F 198 -28.42 -47.48 -57.74
N ALA F 199 -27.56 -47.95 -56.84
CA ALA F 199 -26.25 -48.49 -57.19
C ALA F 199 -26.32 -50.01 -57.28
N VAL F 200 -25.84 -50.55 -58.39
CA VAL F 200 -25.83 -52.00 -58.59
C VAL F 200 -24.64 -52.37 -59.48
N LYS F 201 -23.84 -53.32 -59.02
CA LYS F 201 -22.69 -53.80 -59.78
C LYS F 201 -23.13 -54.72 -60.90
N GLY F 202 -22.37 -54.71 -61.99
CA GLY F 202 -22.69 -55.55 -63.13
C GLY F 202 -21.78 -55.21 -64.31
N ASN F 203 -22.14 -55.79 -65.46
CA ASN F 203 -21.42 -55.54 -66.70
C ASN F 203 -22.16 -54.64 -67.66
N THR F 204 -23.47 -54.48 -67.50
CA THR F 204 -24.28 -53.59 -68.33
C THR F 204 -24.50 -52.24 -67.68
N TYR F 205 -23.86 -51.98 -66.54
CA TYR F 205 -24.08 -50.76 -65.76
C TYR F 205 -22.87 -49.84 -65.77
N LYS F 206 -22.17 -49.76 -66.91
CA LYS F 206 -21.05 -48.85 -67.04
C LYS F 206 -21.57 -47.42 -67.17
N LEU F 207 -21.78 -46.75 -66.04
CA LEU F 207 -22.44 -45.46 -66.03
C LEU F 207 -21.59 -44.37 -66.69
N PHE F 208 -20.32 -44.27 -66.31
CA PHE F 208 -19.52 -43.11 -66.70
C PHE F 208 -19.00 -43.18 -68.13
N GLU F 209 -18.93 -44.35 -68.74
CA GLU F 209 -18.65 -44.42 -70.17
C GLU F 209 -19.76 -43.73 -70.97
N GLN F 210 -20.98 -43.73 -70.44
CA GLN F 210 -22.08 -42.97 -71.01
C GLN F 210 -22.11 -41.53 -70.50
N VAL F 211 -21.63 -41.28 -69.28
CA VAL F 211 -21.58 -39.91 -68.76
C VAL F 211 -20.65 -39.06 -69.61
N LYS F 212 -19.48 -39.61 -69.98
CA LYS F 212 -18.57 -38.87 -70.85
C LYS F 212 -19.18 -38.61 -72.22
N LYS F 213 -20.08 -39.49 -72.66
CA LYS F 213 -20.69 -39.29 -73.97
C LYS F 213 -21.66 -38.12 -73.97
N SER F 214 -22.42 -37.95 -72.89
CA SER F 214 -23.43 -36.89 -72.87
C SER F 214 -22.77 -35.51 -72.76
N PHE F 215 -21.79 -35.37 -71.87
CA PHE F 215 -21.09 -34.13 -71.68
C PHE F 215 -19.59 -34.38 -71.69
N GLU F 216 -18.83 -33.39 -72.17
CA GLU F 216 -17.38 -33.53 -72.32
C GLU F 216 -16.67 -33.45 -70.97
N SER F 217 -16.54 -34.59 -70.29
CA SER F 217 -15.85 -34.68 -69.01
C SER F 217 -14.76 -35.72 -69.10
N THR F 218 -13.54 -35.34 -68.71
CA THR F 218 -12.38 -36.24 -68.75
C THR F 218 -12.42 -37.14 -67.53
N CYS F 219 -12.98 -38.34 -67.70
CA CYS F 219 -13.13 -39.33 -66.62
C CYS F 219 -12.52 -40.63 -67.10
N ASN F 220 -11.24 -40.82 -66.83
CA ASN F 220 -10.54 -42.04 -67.21
C ASN F 220 -10.65 -43.07 -66.09
N ASP F 221 -10.36 -44.33 -66.45
CA ASP F 221 -10.47 -45.46 -65.54
C ASP F 221 -11.90 -45.55 -64.98
N THR F 222 -12.85 -45.70 -65.91
CA THR F 222 -14.26 -45.77 -65.52
C THR F 222 -14.63 -47.12 -64.90
N GLU F 223 -13.77 -48.13 -65.04
CA GLU F 223 -14.10 -49.46 -64.52
C GLU F 223 -14.14 -49.46 -62.99
N ASN F 224 -13.24 -48.71 -62.36
CA ASN F 224 -13.19 -48.66 -60.90
C ASN F 224 -14.19 -47.69 -60.30
N LYS F 225 -15.00 -47.04 -61.13
CA LYS F 225 -15.99 -46.08 -60.64
C LYS F 225 -17.33 -46.76 -60.40
N VAL F 226 -18.26 -46.00 -59.81
CA VAL F 226 -19.54 -46.57 -59.39
C VAL F 226 -20.36 -46.99 -60.60
N GLN F 227 -21.11 -48.07 -60.45
CA GLN F 227 -21.96 -48.61 -61.50
C GLN F 227 -23.41 -48.56 -61.02
N GLY F 228 -24.29 -48.03 -61.86
CA GLY F 228 -25.69 -47.97 -61.52
C GLY F 228 -26.45 -47.01 -62.41
N TYR F 229 -27.74 -46.90 -62.13
CA TYR F 229 -28.65 -45.99 -62.80
C TYR F 229 -29.49 -45.28 -61.75
N TYR F 230 -30.22 -44.26 -62.18
CA TYR F 230 -31.13 -43.56 -61.28
C TYR F 230 -32.52 -43.53 -61.89
N ILE F 231 -33.51 -43.93 -61.08
CA ILE F 231 -34.91 -44.00 -61.50
C ILE F 231 -35.64 -42.78 -60.97
N CYS F 232 -36.38 -42.11 -61.84
CA CYS F 232 -37.07 -40.87 -61.51
C CYS F 232 -38.55 -41.02 -61.81
N ILE F 233 -39.36 -40.34 -60.99
CA ILE F 233 -40.81 -40.34 -61.12
C ILE F 233 -41.26 -38.96 -61.59
N VAL F 234 -41.96 -38.93 -62.72
CA VAL F 234 -42.46 -37.69 -63.28
C VAL F 234 -43.91 -37.45 -62.89
N GLY F 235 -44.40 -38.17 -61.88
CA GLY F 235 -45.74 -37.99 -61.36
C GLY F 235 -46.83 -38.44 -62.31
N GLY F 236 -48.02 -38.69 -61.76
CA GLY F 236 -49.13 -39.11 -62.60
C GLY F 236 -48.98 -40.53 -63.11
N ASN F 237 -49.33 -40.72 -64.37
CA ASN F 237 -49.31 -42.02 -65.03
C ASN F 237 -48.16 -42.09 -66.02
N SER F 238 -47.50 -43.26 -66.08
CA SER F 238 -46.33 -43.49 -66.92
C SER F 238 -45.12 -42.72 -66.40
N ALA F 239 -44.95 -42.75 -65.09
CA ALA F 239 -43.86 -42.10 -64.38
C ALA F 239 -42.52 -42.84 -64.40
N PRO F 240 -42.47 -44.15 -64.12
CA PRO F 240 -41.16 -44.80 -63.95
C PRO F 240 -40.27 -44.73 -65.18
N ILE F 241 -39.05 -44.23 -64.98
CA ILE F 241 -38.00 -44.19 -65.98
C ILE F 241 -36.79 -44.90 -65.38
N TYR F 242 -36.18 -45.80 -66.14
CA TYR F 242 -35.01 -46.49 -65.60
C TYR F 242 -33.78 -45.61 -65.65
N VAL F 243 -33.45 -45.08 -66.82
CA VAL F 243 -32.31 -44.18 -66.98
C VAL F 243 -32.73 -43.10 -67.97
N PRO F 244 -32.40 -41.84 -67.74
CA PRO F 244 -32.85 -40.78 -68.65
C PRO F 244 -31.99 -40.70 -69.90
N THR F 245 -32.60 -40.19 -70.97
CA THR F 245 -31.93 -39.86 -72.23
C THR F 245 -31.39 -41.09 -72.95
N LEU F 246 -31.87 -42.29 -72.61
CA LEU F 246 -31.37 -43.50 -73.26
C LEU F 246 -31.89 -43.64 -74.68
N ASP F 247 -32.90 -42.84 -75.06
CA ASP F 247 -33.59 -42.82 -76.36
C ASP F 247 -34.68 -43.89 -76.43
N ASP F 248 -35.02 -44.53 -75.30
CA ASP F 248 -36.14 -45.46 -75.25
C ASP F 248 -37.24 -44.98 -74.30
N PHE F 249 -37.11 -43.76 -73.77
CA PHE F 249 -38.16 -43.18 -72.93
C PHE F 249 -38.28 -41.68 -73.17
N THR F 256 -29.26 -35.72 -68.45
CA THR F 256 -28.57 -34.55 -68.98
C THR F 256 -29.07 -33.28 -68.28
N GLY F 257 -30.40 -33.16 -68.17
CA GLY F 257 -30.97 -32.02 -67.47
C GLY F 257 -30.62 -31.99 -66.00
N ILE F 258 -30.43 -33.16 -65.39
CA ILE F 258 -30.04 -33.24 -63.99
C ILE F 258 -28.64 -32.67 -63.77
N PHE F 259 -27.74 -32.86 -64.75
CA PHE F 259 -26.36 -32.42 -64.62
C PHE F 259 -26.13 -31.01 -65.12
N LYS F 260 -27.15 -30.38 -65.74
CA LYS F 260 -27.05 -28.96 -66.03
C LYS F 260 -27.29 -28.13 -64.78
N SER F 261 -28.11 -28.63 -63.86
CA SER F 261 -28.32 -28.03 -62.54
C SER F 261 -28.12 -29.13 -61.50
N PRO F 262 -26.88 -29.56 -61.28
CA PRO F 262 -26.65 -30.71 -60.39
C PRO F 262 -27.09 -30.49 -58.96
N HIS F 263 -27.15 -29.24 -58.50
CA HIS F 263 -27.48 -28.96 -57.11
C HIS F 263 -28.97 -29.11 -56.80
N GLY F 264 -29.82 -29.33 -57.80
CA GLY F 264 -31.25 -29.46 -57.56
C GLY F 264 -32.01 -28.17 -57.81
N GLU F 265 -33.27 -28.20 -57.40
CA GLU F 265 -34.13 -27.03 -57.50
C GLU F 265 -33.51 -25.85 -56.76
N ASP F 266 -33.60 -24.66 -57.37
CA ASP F 266 -32.98 -23.47 -56.82
C ASP F 266 -33.40 -23.26 -55.36
N HIS F 267 -32.45 -23.40 -54.45
CA HIS F 267 -32.70 -23.29 -53.02
C HIS F 267 -31.65 -22.42 -52.36
N ASP F 268 -31.25 -21.34 -53.02
CA ASP F 268 -30.34 -20.39 -52.42
C ASP F 268 -30.97 -19.79 -51.17
N LEU F 269 -30.15 -19.55 -50.16
CA LEU F 269 -30.66 -19.09 -48.87
C LEU F 269 -31.38 -17.76 -48.99
N ALA F 270 -30.80 -16.83 -49.75
CA ALA F 270 -31.41 -15.52 -50.00
C ALA F 270 -31.74 -14.78 -48.71
N ILE F 274 -32.96 -11.87 -45.68
CA ILE F 274 -31.99 -12.06 -44.61
C ILE F 274 -31.16 -13.32 -44.86
N ALA F 275 -29.84 -13.13 -44.94
CA ALA F 275 -28.90 -14.21 -45.21
C ALA F 275 -27.86 -14.25 -44.10
N SER F 276 -28.03 -15.16 -43.15
CA SER F 276 -27.06 -15.39 -42.09
C SER F 276 -26.12 -16.54 -42.42
N TYR F 277 -25.85 -16.77 -43.70
CA TYR F 277 -24.99 -17.87 -44.14
C TYR F 277 -23.58 -17.34 -44.35
N SER F 278 -22.60 -18.04 -43.78
CA SER F 278 -21.19 -17.67 -43.88
C SER F 278 -20.40 -18.84 -44.45
N ILE F 279 -19.59 -18.56 -45.47
CA ILE F 279 -18.74 -19.58 -46.07
C ILE F 279 -17.47 -19.68 -45.22
N VAL F 280 -17.21 -20.87 -44.68
CA VAL F 280 -16.01 -21.06 -43.87
C VAL F 280 -14.80 -21.36 -44.74
N GLY F 281 -14.99 -22.10 -45.83
CA GLY F 281 -13.88 -22.44 -46.70
C GLY F 281 -13.95 -23.86 -47.22
N PRO F 282 -13.20 -24.14 -48.28
CA PRO F 282 -13.18 -25.49 -48.84
C PRO F 282 -12.29 -26.42 -48.03
N ALA F 283 -12.50 -27.71 -48.23
CA ALA F 283 -11.76 -28.73 -47.49
C ALA F 283 -11.72 -30.01 -48.31
N ASN F 284 -10.81 -30.90 -47.91
CA ASN F 284 -10.70 -32.24 -48.47
C ASN F 284 -10.81 -33.25 -47.34
N ALA F 285 -11.31 -34.44 -47.67
CA ALA F 285 -11.53 -35.46 -46.66
C ALA F 285 -11.47 -36.84 -47.31
N LYS F 286 -11.36 -37.86 -46.46
CA LYS F 286 -11.33 -39.25 -46.90
C LYS F 286 -12.73 -39.84 -46.73
N VAL F 287 -13.39 -40.14 -47.84
CA VAL F 287 -14.75 -40.69 -47.80
C VAL F 287 -14.76 -42.14 -47.35
N PRO F 288 -13.78 -43.00 -47.68
CA PRO F 288 -13.82 -44.35 -47.12
C PRO F 288 -13.37 -44.43 -45.66
N HIS F 289 -12.73 -43.37 -45.15
CA HIS F 289 -12.17 -43.24 -43.81
C HIS F 289 -10.98 -44.16 -43.60
N SER F 290 -10.63 -44.99 -44.57
CA SER F 290 -9.45 -45.84 -44.51
C SER F 290 -8.51 -45.63 -45.68
N ALA F 291 -8.82 -44.67 -46.57
CA ALA F 291 -7.98 -44.42 -47.73
C ALA F 291 -6.65 -43.82 -47.31
N SER F 292 -5.63 -44.02 -48.14
CA SER F 292 -4.32 -43.47 -47.85
C SER F 292 -4.33 -41.94 -47.90
N SER F 293 -5.10 -41.38 -48.84
CA SER F 293 -5.17 -39.93 -49.02
C SER F 293 -6.63 -39.52 -49.17
N ASP F 294 -6.85 -38.20 -49.14
CA ASP F 294 -8.18 -37.65 -49.32
C ASP F 294 -8.71 -37.97 -50.72
N THR F 295 -9.99 -38.29 -50.79
CA THR F 295 -10.62 -38.71 -52.03
C THR F 295 -11.84 -37.87 -52.41
N LEU F 296 -12.22 -36.90 -51.57
CA LEU F 296 -13.38 -36.07 -51.85
C LEU F 296 -13.11 -34.66 -51.35
N SER F 297 -13.51 -33.67 -52.13
CA SER F 297 -13.42 -32.27 -51.76
C SER F 297 -14.79 -31.74 -51.38
N LEU F 298 -14.83 -30.94 -50.31
CA LEU F 298 -16.07 -30.38 -49.80
C LEU F 298 -15.83 -28.93 -49.43
N ILE F 299 -16.93 -28.19 -49.29
CA ILE F 299 -16.90 -26.79 -48.87
C ILE F 299 -17.69 -26.69 -47.58
N ALA F 300 -17.01 -26.41 -46.47
CA ALA F 300 -17.67 -26.22 -45.20
C ALA F 300 -18.35 -24.85 -45.17
N TYR F 301 -19.44 -24.78 -44.40
CA TYR F 301 -20.26 -23.58 -44.37
C TYR F 301 -20.93 -23.46 -43.01
N SER F 302 -21.41 -22.25 -42.72
CA SER F 302 -22.21 -21.97 -41.54
C SER F 302 -23.43 -21.16 -41.95
N GLY F 303 -24.57 -21.46 -41.34
CA GLY F 303 -25.80 -20.76 -41.63
C GLY F 303 -26.96 -21.73 -41.70
N ILE F 304 -28.05 -21.26 -42.29
CA ILE F 304 -29.23 -22.11 -42.44
C ILE F 304 -28.90 -23.28 -43.35
N PRO F 305 -29.30 -24.51 -43.02
CA PRO F 305 -29.01 -25.64 -43.90
C PRO F 305 -29.70 -25.47 -45.25
N SER F 306 -28.98 -25.85 -46.31
CA SER F 306 -29.51 -25.73 -47.66
C SER F 306 -28.98 -26.87 -48.51
N TYR F 307 -29.73 -27.19 -49.56
CA TYR F 307 -29.36 -28.23 -50.52
C TYR F 307 -29.24 -29.58 -49.83
N SER F 308 -28.54 -30.53 -50.45
CA SER F 308 -28.49 -31.90 -49.94
C SER F 308 -27.15 -32.16 -49.28
N SER F 309 -27.19 -32.78 -48.11
CA SER F 309 -25.99 -33.16 -47.37
C SER F 309 -25.55 -34.59 -47.65
N LEU F 310 -26.26 -35.31 -48.52
CA LEU F 310 -25.95 -36.70 -48.83
C LEU F 310 -25.48 -36.82 -50.27
N SER F 311 -24.46 -37.64 -50.48
CA SER F 311 -23.91 -37.87 -51.80
C SER F 311 -23.27 -39.24 -51.84
N ILE F 312 -22.89 -39.67 -53.04
CA ILE F 312 -22.25 -40.97 -53.24
C ILE F 312 -20.95 -40.75 -54.00
N LEU F 313 -19.86 -41.32 -53.50
CA LEU F 313 -18.61 -41.27 -54.25
C LEU F 313 -18.74 -42.09 -55.52
N THR F 314 -18.40 -41.49 -56.65
CA THR F 314 -18.47 -42.22 -57.92
C THR F 314 -17.24 -43.07 -58.14
N SER F 315 -16.05 -42.58 -57.75
CA SER F 315 -14.81 -43.29 -58.05
C SER F 315 -14.62 -44.47 -57.09
N SER F 316 -15.63 -45.33 -57.01
CA SER F 316 -15.59 -46.55 -56.22
C SER F 316 -16.73 -47.43 -56.69
N THR F 317 -16.42 -48.65 -57.14
CA THR F 317 -17.46 -49.53 -57.66
C THR F 317 -18.53 -49.79 -56.60
N ASP F 318 -18.12 -50.10 -55.38
CA ASP F 318 -19.07 -50.21 -54.28
C ASP F 318 -19.52 -48.81 -53.87
N ALA F 319 -20.83 -48.64 -53.67
CA ALA F 319 -21.39 -47.33 -53.36
C ALA F 319 -20.89 -46.85 -52.00
N LYS F 320 -20.19 -45.72 -51.99
CA LYS F 320 -19.70 -45.12 -50.76
C LYS F 320 -20.61 -43.93 -50.43
N HIS F 321 -21.63 -44.19 -49.62
CA HIS F 321 -22.58 -43.16 -49.24
C HIS F 321 -21.91 -42.12 -48.34
N VAL F 322 -22.20 -40.85 -48.59
CA VAL F 322 -21.55 -39.73 -47.92
C VAL F 322 -22.60 -38.95 -47.16
N PHE F 323 -22.33 -38.66 -45.90
CA PHE F 323 -23.14 -37.77 -45.07
C PHE F 323 -22.23 -36.65 -44.56
N SER F 324 -22.44 -35.43 -45.04
CA SER F 324 -21.56 -34.30 -44.75
C SER F 324 -22.37 -33.15 -44.19
N PRO F 325 -22.75 -33.21 -42.91
CA PRO F 325 -23.45 -32.08 -42.29
C PRO F 325 -22.52 -30.89 -42.14
N GLY F 326 -22.96 -29.74 -42.65
CA GLY F 326 -22.15 -28.54 -42.62
C GLY F 326 -21.15 -28.42 -43.74
N LEU F 327 -21.15 -29.34 -44.70
CA LEU F 327 -20.25 -29.29 -45.83
C LEU F 327 -21.02 -29.51 -47.12
N PHE F 328 -20.56 -28.86 -48.19
CA PHE F 328 -21.19 -28.99 -49.49
C PHE F 328 -20.33 -29.90 -50.36
N PRO F 329 -20.78 -31.12 -50.68
CA PRO F 329 -19.97 -31.99 -51.53
C PRO F 329 -19.81 -31.43 -52.93
N LYS F 330 -18.66 -31.71 -53.53
CA LYS F 330 -18.35 -31.28 -54.88
C LYS F 330 -19.10 -32.18 -55.85
N LEU F 331 -20.07 -31.61 -56.57
CA LEU F 331 -20.87 -32.39 -57.51
C LEU F 331 -20.53 -32.09 -58.97
N ASN F 332 -19.53 -31.24 -59.22
CA ASN F 332 -19.12 -30.92 -60.58
C ASN F 332 -18.14 -31.97 -61.04
N HIS F 333 -18.49 -32.70 -62.11
CA HIS F 333 -17.61 -33.70 -62.72
C HIS F 333 -16.86 -33.15 -63.92
N THR F 334 -16.67 -31.83 -63.99
CA THR F 334 -15.96 -31.23 -65.12
C THR F 334 -14.52 -31.74 -65.21
N ASN F 335 -13.82 -31.83 -64.08
CA ASN F 335 -12.47 -32.38 -64.06
C ASN F 335 -12.42 -33.80 -63.52
N CYS F 336 -13.55 -34.35 -63.08
CA CYS F 336 -13.68 -35.69 -62.50
C CYS F 336 -12.96 -35.83 -61.16
N ASP F 337 -12.27 -34.79 -60.71
CA ASP F 337 -11.53 -34.81 -59.46
C ASP F 337 -12.44 -34.62 -58.25
N LYS F 338 -12.16 -35.37 -57.19
CA LYS F 338 -12.90 -35.27 -55.93
C LYS F 338 -14.40 -35.45 -56.17
N SER F 339 -14.76 -36.64 -56.63
CA SER F 339 -16.09 -36.82 -57.19
C SER F 339 -17.14 -37.11 -56.13
N ALA F 340 -18.38 -36.77 -56.47
CA ALA F 340 -19.56 -37.05 -55.67
C ALA F 340 -20.78 -36.83 -56.56
N ILE F 341 -21.87 -37.52 -56.23
CA ILE F 341 -23.14 -37.32 -56.94
C ILE F 341 -24.28 -37.27 -55.92
N PRO F 342 -25.30 -36.47 -56.21
CA PRO F 342 -26.42 -36.36 -55.26
C PRO F 342 -27.21 -37.66 -55.21
N LEU F 343 -27.70 -37.98 -54.02
CA LEU F 343 -28.56 -39.15 -53.87
C LEU F 343 -29.96 -38.91 -54.41
N THR F 344 -30.51 -37.72 -54.15
CA THR F 344 -31.83 -37.35 -54.63
C THR F 344 -31.75 -36.02 -55.36
N TRP F 345 -32.67 -35.82 -56.30
CA TRP F 345 -32.68 -34.60 -57.10
C TRP F 345 -34.13 -34.24 -57.44
N THR F 346 -34.50 -32.99 -57.17
CA THR F 346 -35.82 -32.47 -57.49
C THR F 346 -35.65 -31.23 -58.34
N GLY F 347 -36.40 -31.14 -59.43
CA GLY F 347 -36.31 -30.00 -60.32
C GLY F 347 -37.31 -30.11 -61.44
N MET F 348 -37.11 -29.28 -62.46
CA MET F 348 -37.97 -29.25 -63.63
C MET F 348 -37.15 -29.55 -64.87
N ILE F 349 -37.63 -30.48 -65.69
CA ILE F 349 -36.98 -30.85 -66.94
C ILE F 349 -38.02 -30.84 -68.05
N ASP F 350 -37.57 -30.51 -69.25
CA ASP F 350 -38.45 -30.46 -70.41
C ASP F 350 -38.52 -31.85 -71.04
N LEU F 351 -39.74 -32.37 -71.16
CA LEU F 351 -39.92 -33.71 -71.69
C LEU F 351 -40.90 -33.71 -72.86
N PRO F 352 -40.63 -34.49 -73.90
CA PRO F 352 -41.54 -34.55 -75.03
C PRO F 352 -42.79 -35.35 -74.69
N GLY F 353 -43.86 -35.05 -75.42
CA GLY F 353 -45.11 -35.75 -75.20
C GLY F 353 -46.25 -35.05 -75.92
N TYR F 354 -47.46 -35.45 -75.57
CA TYR F 354 -48.66 -34.91 -76.20
C TYR F 354 -49.79 -34.93 -75.19
N TYR F 355 -50.80 -34.09 -75.44
CA TYR F 355 -51.94 -34.01 -74.56
C TYR F 355 -53.13 -33.40 -75.30
N GLU F 356 -54.32 -33.71 -74.81
CA GLU F 356 -55.56 -33.20 -75.40
C GLU F 356 -55.70 -31.71 -75.15
C1 NAG G . 33.56 28.28 30.52
C2 NAG G . 33.07 27.28 29.46
C3 NAG G . 32.80 25.92 30.10
C4 NAG G . 33.98 25.44 30.91
C5 NAG G . 34.39 26.52 31.91
C6 NAG G . 35.64 26.19 32.71
C7 NAG G . 31.87 28.40 27.61
C8 NAG G . 33.21 28.57 26.94
N2 NAG G . 31.88 27.78 28.79
O3 NAG G . 32.48 24.98 29.09
O4 NAG G . 33.61 24.25 31.61
O5 NAG G . 34.68 27.73 31.21
O6 NAG G . 35.33 25.41 33.86
O7 NAG G . 30.84 28.79 27.08
C1 NAG G . 34.63 23.23 31.57
C2 NAG G . 34.02 21.92 32.05
C3 NAG G . 35.08 20.82 32.04
C4 NAG G . 35.74 20.72 30.67
C5 NAG G . 36.25 22.08 30.22
C6 NAG G . 36.79 22.08 28.81
C7 NAG G . 34.06 22.42 34.47
C8 NAG G . 33.22 22.50 35.72
N2 NAG G . 33.41 22.05 33.36
O3 NAG G . 34.47 19.57 32.38
O4 NAG G . 36.83 19.81 30.72
O5 NAG G . 35.19 23.05 30.25
O6 NAG G . 36.02 21.25 27.95
O7 NAG G . 35.25 22.69 34.48
C1 BMA G . 36.45 18.61 30.02
C2 BMA G . 37.72 17.82 29.63
C3 BMA G . 37.30 16.49 28.98
C4 BMA G . 36.28 15.74 29.87
C5 BMA G . 35.08 16.66 30.19
C6 BMA G . 34.06 16.02 31.12
O2 BMA G . 38.49 17.50 30.77
O3 BMA G . 38.42 15.66 28.70
O4 BMA G . 35.82 14.57 29.20
O5 BMA G . 35.58 17.83 30.84
O6 BMA G . 34.72 15.69 32.35
C1 MAN G . 33.96 14.64 33.00
C2 MAN G . 34.44 14.52 34.46
C3 MAN G . 35.84 13.88 34.52
C4 MAN G . 35.92 12.61 33.67
C5 MAN G . 35.45 12.91 32.24
C6 MAN G . 35.43 11.69 31.35
O2 MAN G . 33.59 13.66 35.23
O3 MAN G . 36.22 13.58 35.86
O4 MAN G . 37.25 12.13 33.65
O5 MAN G . 34.11 13.43 32.28
O6 MAN G . 34.64 10.70 32.01
C1 MAN G . 37.20 14.53 36.31
C2 MAN G . 38.44 13.71 36.80
C3 MAN G . 38.09 12.96 38.09
C4 MAN G . 37.51 13.92 39.14
C5 MAN G . 36.28 14.63 38.55
C6 MAN G . 35.68 15.65 39.51
O2 MAN G . 39.54 14.57 37.12
O3 MAN G . 39.24 12.29 38.62
O4 MAN G . 37.12 13.18 40.29
O5 MAN G . 36.68 15.34 37.36
O6 MAN G . 34.48 16.14 38.93
C1 MAN G . 34.89 9.39 31.44
C2 MAN G . 33.95 8.39 32.16
C3 MAN G . 34.42 8.22 33.60
C4 MAN G . 35.88 7.76 33.63
C5 MAN G . 36.76 8.81 32.93
C6 MAN G . 38.21 8.40 32.81
O2 MAN G . 34.02 7.09 31.56
O3 MAN G . 33.59 7.31 34.31
O4 MAN G . 36.32 7.62 34.97
O5 MAN G . 36.26 9.02 31.57
O6 MAN G . 38.35 7.52 31.71
C1 MAN G . 38.42 15.42 27.29
C2 MAN G . 38.61 13.90 27.06
C3 MAN G . 40.01 13.50 27.51
C4 MAN G . 41.06 14.36 26.79
C5 MAN G . 40.79 15.86 27.03
C6 MAN G . 41.71 16.76 26.23
O2 MAN G . 38.53 13.56 25.67
O3 MAN G . 40.26 12.12 27.30
O4 MAN G . 42.36 14.03 27.26
O5 MAN G . 39.44 16.17 26.64
O6 MAN G . 41.56 16.44 24.85
C1 NAG H . -27.89 -24.46 -38.26
C2 NAG H . -27.31 -23.22 -37.59
C3 NAG H . -28.17 -22.79 -36.40
C4 NAG H . -29.63 -22.64 -36.83
C5 NAG H . -30.10 -23.92 -37.49
C6 NAG H . -31.53 -23.87 -38.00
C7 NAG H . -24.88 -22.89 -37.76
C8 NAG H . -23.54 -23.24 -37.20
N2 NAG H . -25.94 -23.44 -37.15
O3 NAG H . -27.70 -21.58 -35.84
O4 NAG H . -30.44 -22.32 -35.70
O5 NAG H . -29.26 -24.23 -38.61
O6 NAG H . -31.57 -23.80 -39.42
O7 NAG H . -25.01 -22.15 -38.74
C1 NAG H . -31.23 -21.13 -35.98
C2 NAG H . -32.05 -20.80 -34.73
C3 NAG H . -32.89 -19.55 -34.98
C4 NAG H . -32.00 -18.40 -35.46
C5 NAG H . -31.16 -18.83 -36.65
C6 NAG H . -30.15 -17.79 -37.07
C7 NAG H . -33.34 -22.13 -33.11
C8 NAG H . -34.21 -23.33 -32.90
N2 NAG H . -32.91 -21.92 -34.36
O3 NAG H . -33.56 -19.17 -33.78
O4 NAG H . -32.81 -17.30 -35.85
O5 NAG H . -30.40 -20.01 -36.32
O6 NAG H . -29.87 -17.87 -38.46
O7 NAG H . -33.04 -21.37 -32.19
C1 BMA H . -32.59 -16.20 -34.94
C2 BMA H . -32.90 -14.90 -35.71
C3 BMA H . -32.78 -13.70 -34.76
C4 BMA H . -33.61 -13.93 -33.49
C5 BMA H . -33.22 -15.26 -32.84
C6 BMA H . -34.07 -15.58 -31.61
O2 BMA H . -34.22 -14.90 -36.22
O3 BMA H . -33.20 -12.50 -35.40
O4 BMA H . -33.39 -12.86 -32.58
O5 BMA H . -33.43 -16.30 -33.80
O6 BMA H . -35.41 -15.62 -32.07
C1 MAN H . -32.07 -11.71 -35.79
C2 MAN H . -32.57 -10.25 -35.86
C3 MAN H . -33.60 -10.12 -36.96
C4 MAN H . -33.00 -10.61 -38.30
C5 MAN H . -32.49 -12.06 -38.15
C6 MAN H . -31.74 -12.55 -39.38
O2 MAN H . -31.51 -9.36 -36.26
O3 MAN H . -34.08 -8.79 -37.10
O4 MAN H . -33.98 -10.56 -39.32
O5 MAN H . -31.57 -12.14 -37.03
O6 MAN H . -30.67 -11.65 -39.64
C1 MAN H . -30.79 -8.86 -35.11
C2 MAN H . -31.77 -8.04 -34.22
C3 MAN H . -32.14 -6.72 -34.91
C4 MAN H . -30.89 -5.98 -35.43
C5 MAN H . -30.06 -6.91 -36.32
C6 MAN H . -28.77 -6.28 -36.81
O2 MAN H . -31.15 -7.66 -32.98
O3 MAN H . -32.88 -5.87 -34.05
O4 MAN H . -31.29 -4.84 -36.17
O5 MAN H . -29.70 -8.08 -35.56
O6 MAN H . -28.05 -5.80 -35.68
C1 MAN H . -36.35 -15.86 -31.00
C2 MAN H . -37.73 -16.00 -31.67
C3 MAN H . -38.14 -14.63 -32.21
C4 MAN H . -38.15 -13.59 -31.09
C5 MAN H . -36.75 -13.50 -30.48
C6 MAN H . -36.68 -12.57 -29.28
O2 MAN H . -38.74 -16.36 -30.72
O3 MAN H . -39.40 -14.67 -32.88
O4 MAN H . -38.53 -12.32 -31.60
O5 MAN H . -36.32 -14.82 -30.02
O6 MAN H . -37.15 -13.27 -28.13
C1 MAN H . -39.15 -14.36 -34.28
C2 MAN H . -40.03 -13.14 -34.67
C3 MAN H . -41.51 -13.57 -34.74
C4 MAN H . -41.67 -14.81 -35.63
C5 MAN H . -40.78 -15.95 -35.12
C6 MAN H . -40.84 -17.19 -35.97
O2 MAN H . -39.71 -12.66 -35.98
O3 MAN H . -42.33 -12.51 -35.21
O4 MAN H . -43.03 -15.24 -35.60
O5 MAN H . -39.41 -15.50 -35.10
O6 MAN H . -40.09 -18.21 -35.34
C1 GOL I . 35.76 31.98 14.41
O1 GOL I . 35.01 31.48 13.35
C2 GOL I . 35.37 31.19 15.68
O2 GOL I . 34.00 31.15 15.86
C3 GOL I . 35.98 29.78 15.47
O3 GOL I . 35.70 29.04 16.63
C1 NAG J . 49.17 48.20 20.57
C2 NAG J . 50.14 47.03 20.72
C3 NAG J . 51.49 47.39 20.12
C4 NAG J . 51.32 47.85 18.68
C5 NAG J . 50.27 48.95 18.58
C6 NAG J . 49.95 49.34 17.16
C7 NAG J . 50.67 47.43 23.11
C8 NAG J . 50.73 46.81 24.47
N2 NAG J . 50.27 46.63 22.12
O3 NAG J . 52.35 46.26 20.19
O4 NAG J . 52.55 48.34 18.18
O5 NAG J . 49.03 48.52 19.18
O6 NAG J . 51.01 50.09 16.59
O7 NAG J . 50.97 48.60 22.92
C1 GOL K . -11.24 -4.19 8.81
O1 GOL K . -11.58 -4.77 10.03
C2 GOL K . -9.84 -3.53 9.00
O2 GOL K . -8.92 -4.40 9.54
C3 GOL K . -9.44 -3.06 7.57
O3 GOL K . -8.14 -2.59 7.65
C1 GOL L . -6.27 -5.31 12.13
O1 GOL L . -6.30 -5.12 13.51
C2 GOL L . -5.02 -4.57 11.60
O2 GOL L . -3.85 -5.09 12.11
C3 GOL L . -5.09 -4.71 10.05
O3 GOL L . -3.98 -4.04 9.55
#